data_6K5P
#
_entry.id   6K5P
#
_cell.length_a   59.181
_cell.length_b   191.486
_cell.length_c   205.332
_cell.angle_alpha   90.00
_cell.angle_beta   90.00
_cell.angle_gamma   90.00
#
_symmetry.space_group_name_H-M   'P 21 21 21'
#
loop_
_entity.id
_entity.type
_entity.pdbx_description
1 polymer 'Binary toxin receptor protein'
2 non-polymer 'MAGNESIUM ION'
3 non-polymer 'CADMIUM ION'
4 non-polymer 'CALCIUM ION'
5 non-polymer 'ACETATE ION'
6 non-polymer 'COBALT (II) ION'
7 water water
#
_entity_poly.entity_id   1
_entity_poly.type   'polypeptide(L)'
_entity_poly.pdbx_seq_one_letter_code
;MHHHHHHSSGVDLGTENLYFQSMREPDSKDWYQHATFYQIYPRSFLDSNGDGIGDLAGITSKMKYLADIGIDATWLSPPF
KSPLKDFGYDVSDFYAIQPEYGNLTDFDKLVEESHKNGIKLMLDFIPNHSSDQHEWFVKSVVRDPEYSDFYVWRPPATGG
GPPNNWISVFGGSAWTYNQARGEYYLHQFTPQQPDLNYRNPKVLAEMTKMLFFWLDRGVDGFRLDAINHMFEDEQFRDEP
LSGWGQPGEYDSLDHIYTKDIPDVYDVVYNWRDQMDKYSAEKGRTIILMTEAYSSIEGTMLYYESADRKRQGAHMPFNFQ
LIYDFKKEQNAVGLKSSIDWWMNNMPARHTPSWVAGSHDHSRVASRVGLDRVDQVMTLLHTLPGTSITYYGEEVAMQDFK
EAQQFDNRDPNRTPMQWDSSTSAGFSTNTNTWLRVHPDYARYNVDVMQKNPQSTFHHFQHLTKLRRHRTMQSGEYVHKTV
GTKVYALLRELRGEDSFLTVLNMAGAEDTVDLGDFVNLPQKMRVEVAQPNSKSKAGNEVDISKLTLGPYDSVVLRATVSS
A
;
_entity_poly.pdbx_strand_id   A,B,C,D
#
# COMPACT_ATOMS: atom_id res chain seq x y z
N SER A 28 -48.12 -17.20 -14.06
CA SER A 28 -47.48 -15.92 -13.79
C SER A 28 -46.93 -15.82 -12.36
N LYS A 29 -46.87 -16.95 -11.65
CA LYS A 29 -46.30 -16.94 -10.31
C LYS A 29 -44.78 -16.76 -10.35
N ASP A 30 -44.13 -17.19 -11.43
CA ASP A 30 -42.68 -17.13 -11.55
C ASP A 30 -42.23 -16.02 -12.48
N TRP A 31 -43.05 -14.99 -12.66
CA TRP A 31 -42.75 -13.99 -13.67
C TRP A 31 -41.41 -13.31 -13.45
N TYR A 32 -41.04 -13.07 -12.18
CA TYR A 32 -39.84 -12.31 -11.86
C TYR A 32 -38.56 -13.10 -12.14
N GLN A 33 -38.66 -14.41 -12.38
CA GLN A 33 -37.47 -15.24 -12.59
C GLN A 33 -36.88 -15.10 -13.98
N HIS A 34 -37.62 -14.49 -14.90
CA HIS A 34 -37.10 -14.24 -16.24
C HIS A 34 -37.80 -13.01 -16.82
N ALA A 35 -37.96 -11.98 -16.00
CA ALA A 35 -38.63 -10.76 -16.46
C ALA A 35 -37.75 -9.99 -17.43
N THR A 36 -38.40 -9.26 -18.33
CA THR A 36 -37.73 -8.32 -19.24
C THR A 36 -38.14 -6.90 -18.81
N PHE A 37 -37.30 -6.30 -17.98
CA PHE A 37 -37.60 -5.06 -17.28
C PHE A 37 -37.15 -3.84 -18.09
N TYR A 38 -37.89 -2.75 -17.91
CA TYR A 38 -37.58 -1.47 -18.55
C TYR A 38 -37.76 -0.41 -17.50
N GLN A 39 -36.73 0.42 -17.28
CA GLN A 39 -36.83 1.49 -16.29
C GLN A 39 -37.32 2.76 -16.96
N ILE A 40 -38.45 3.28 -16.48
CA ILE A 40 -38.98 4.54 -16.96
C ILE A 40 -38.65 5.62 -15.95
N TYR A 41 -38.09 6.72 -16.45
CA TYR A 41 -37.84 7.92 -15.67
C TYR A 41 -38.96 8.91 -15.99
N PRO A 42 -39.93 9.11 -15.10
CA PRO A 42 -41.18 9.75 -15.54
C PRO A 42 -41.02 11.18 -16.05
N ARG A 43 -40.07 11.95 -15.53
CA ARG A 43 -39.84 13.30 -16.03
C ARG A 43 -39.34 13.33 -17.47
N SER A 44 -38.78 12.23 -17.98
CA SER A 44 -38.15 12.23 -19.31
C SER A 44 -38.73 11.24 -20.30
N PHE A 45 -39.86 10.59 -20.02
CA PHE A 45 -40.32 9.58 -20.98
C PHE A 45 -41.18 10.20 -22.09
N LEU A 46 -42.34 10.77 -21.73
CA LEU A 46 -43.17 11.41 -22.74
C LEU A 46 -44.01 12.51 -22.10
N ASP A 47 -43.94 13.71 -22.67
CA ASP A 47 -44.74 14.86 -22.26
C ASP A 47 -46.02 14.88 -23.09
N SER A 48 -47.19 14.81 -22.43
CA SER A 48 -48.46 14.76 -23.13
C SER A 48 -49.23 16.07 -23.09
N ASN A 49 -48.68 17.13 -22.49
CA ASN A 49 -49.39 18.40 -22.43
C ASN A 49 -48.51 19.61 -22.73
N GLY A 50 -47.35 19.42 -23.37
CA GLY A 50 -46.60 20.52 -23.93
C GLY A 50 -45.89 21.45 -22.97
N ASP A 51 -45.69 21.06 -21.72
CA ASP A 51 -44.91 21.89 -20.82
C ASP A 51 -43.43 21.48 -20.77
N GLY A 52 -43.03 20.51 -21.60
CA GLY A 52 -41.64 20.09 -21.63
C GLY A 52 -41.25 19.11 -20.56
N ILE A 53 -42.20 18.61 -19.77
CA ILE A 53 -41.95 17.72 -18.64
C ILE A 53 -42.74 16.44 -18.90
N GLY A 54 -42.08 15.29 -18.85
CA GLY A 54 -42.81 14.05 -18.97
C GLY A 54 -43.87 13.91 -17.90
N ASP A 55 -44.90 13.10 -18.19
CA ASP A 55 -46.01 12.94 -17.25
C ASP A 55 -46.59 11.54 -17.35
N LEU A 56 -47.50 11.23 -16.42
CA LEU A 56 -48.01 9.86 -16.32
C LEU A 56 -48.85 9.48 -17.53
N ALA A 57 -49.73 10.37 -17.99
CA ALA A 57 -50.50 10.08 -19.19
C ALA A 57 -49.60 9.77 -20.38
N GLY A 58 -48.47 10.48 -20.47
CA GLY A 58 -47.49 10.17 -21.50
C GLY A 58 -47.01 8.74 -21.43
N ILE A 59 -46.59 8.31 -20.23
CA ILE A 59 -46.17 6.92 -20.05
C ILE A 59 -47.31 5.98 -20.43
N THR A 60 -48.51 6.27 -19.95
CA THR A 60 -49.66 5.42 -20.22
C THR A 60 -49.82 5.19 -21.73
N SER A 61 -49.63 6.23 -22.52
CA SER A 61 -49.81 6.11 -23.97
C SER A 61 -48.70 5.30 -24.64
N LYS A 62 -47.62 4.97 -23.92
CA LYS A 62 -46.51 4.23 -24.50
C LYS A 62 -46.35 2.83 -23.92
N MET A 63 -47.34 2.35 -23.16
CA MET A 63 -47.22 0.99 -22.62
C MET A 63 -47.42 -0.05 -23.71
N LYS A 64 -48.18 0.28 -24.76
CA LYS A 64 -48.25 -0.60 -25.92
C LYS A 64 -46.90 -0.67 -26.62
N TYR A 65 -46.23 0.48 -26.77
CA TYR A 65 -44.89 0.50 -27.35
C TYR A 65 -43.96 -0.42 -26.58
N LEU A 66 -44.01 -0.36 -25.26
CA LEU A 66 -43.12 -1.20 -24.46
C LEU A 66 -43.43 -2.68 -24.67
N ALA A 67 -44.71 -3.04 -24.68
CA ALA A 67 -45.06 -4.44 -24.92
C ALA A 67 -44.63 -4.86 -26.30
N ASP A 68 -44.73 -3.95 -27.28
CA ASP A 68 -44.34 -4.24 -28.65
C ASP A 68 -42.86 -4.56 -28.78
N ILE A 69 -42.00 -4.01 -27.90
CA ILE A 69 -40.56 -4.28 -27.97
C ILE A 69 -40.14 -5.36 -26.98
N GLY A 70 -41.09 -6.10 -26.41
CA GLY A 70 -40.79 -7.28 -25.61
C GLY A 70 -40.67 -7.06 -24.11
N ILE A 71 -41.06 -5.88 -23.61
CA ILE A 71 -41.00 -5.58 -22.18
C ILE A 71 -42.20 -6.22 -21.49
N ASP A 72 -41.98 -6.89 -20.35
CA ASP A 72 -43.12 -7.36 -19.56
C ASP A 72 -43.07 -6.87 -18.12
N ALA A 73 -42.21 -5.90 -17.82
CA ALA A 73 -42.17 -5.36 -16.47
C ALA A 73 -41.50 -4.01 -16.52
N THR A 74 -42.01 -3.07 -15.73
CA THR A 74 -41.39 -1.76 -15.67
C THR A 74 -41.00 -1.44 -14.24
N TRP A 75 -39.89 -0.71 -14.13
CA TRP A 75 -39.44 -0.07 -12.91
C TRP A 75 -39.78 1.40 -13.08
N LEU A 76 -40.71 1.90 -12.28
CA LEU A 76 -41.11 3.31 -12.34
C LEU A 76 -40.33 4.09 -11.29
N SER A 77 -39.43 4.96 -11.75
CA SER A 77 -38.74 5.88 -10.87
C SER A 77 -39.77 6.79 -10.18
N PRO A 78 -39.45 7.29 -8.98
CA PRO A 78 -40.50 7.85 -8.10
C PRO A 78 -41.23 9.00 -8.76
N PRO A 79 -42.55 8.88 -8.89
CA PRO A 79 -43.38 10.00 -9.37
C PRO A 79 -44.02 10.79 -8.24
N PHE A 80 -43.59 10.59 -7.00
CA PHE A 80 -44.30 11.14 -5.86
C PHE A 80 -43.99 12.63 -5.73
N LYS A 81 -44.84 13.30 -4.95
CA LYS A 81 -44.67 14.73 -4.73
C LYS A 81 -43.29 15.01 -4.15
N SER A 82 -42.57 15.95 -4.75
CA SER A 82 -41.15 16.10 -4.45
C SER A 82 -40.70 17.51 -4.80
N PRO A 83 -39.90 18.16 -3.95
CA PRO A 83 -39.28 19.44 -4.35
C PRO A 83 -38.21 19.31 -5.41
N LEU A 84 -37.86 18.07 -5.77
CA LEU A 84 -36.96 17.75 -6.87
C LEU A 84 -35.50 18.09 -6.56
N LYS A 85 -35.12 18.26 -5.28
CA LYS A 85 -33.70 18.34 -4.95
C LYS A 85 -32.94 17.07 -5.34
N ASP A 86 -33.62 15.93 -5.37
CA ASP A 86 -33.05 14.68 -5.86
C ASP A 86 -34.03 14.03 -6.82
N PHE A 87 -34.75 14.87 -7.57
CA PHE A 87 -35.77 14.51 -8.54
C PHE A 87 -36.57 13.27 -8.19
N GLY A 88 -37.43 13.40 -7.19
CA GLY A 88 -38.33 12.33 -6.81
C GLY A 88 -37.82 11.45 -5.70
N TYR A 89 -36.51 11.35 -5.53
CA TYR A 89 -36.00 10.59 -4.39
C TYR A 89 -35.99 11.40 -3.11
N ASP A 90 -36.44 12.67 -3.15
CA ASP A 90 -36.75 13.47 -1.95
C ASP A 90 -38.25 13.73 -1.94
N VAL A 91 -38.99 12.91 -1.18
CA VAL A 91 -40.44 12.84 -1.29
C VAL A 91 -41.08 13.72 -0.22
N SER A 92 -41.95 14.64 -0.65
CA SER A 92 -42.68 15.48 0.29
C SER A 92 -44.04 14.90 0.70
N ASP A 93 -44.50 13.83 0.02
CA ASP A 93 -45.75 13.16 0.38
C ASP A 93 -45.72 11.80 -0.30
N PHE A 94 -45.59 10.72 0.49
CA PHE A 94 -45.45 9.38 -0.05
C PHE A 94 -46.74 8.83 -0.63
N TYR A 95 -47.86 9.54 -0.49
CA TYR A 95 -49.14 9.06 -0.99
C TYR A 95 -49.63 9.86 -2.19
N ALA A 96 -48.87 10.83 -2.67
CA ALA A 96 -49.36 11.74 -3.70
C ALA A 96 -48.44 11.74 -4.91
N ILE A 97 -49.00 12.05 -6.05
CA ILE A 97 -48.25 12.17 -7.29
C ILE A 97 -47.78 13.60 -7.42
N GLN A 98 -46.55 13.79 -7.91
CA GLN A 98 -46.07 15.12 -8.22
C GLN A 98 -47.03 15.80 -9.19
N PRO A 99 -47.45 17.03 -8.93
CA PRO A 99 -48.59 17.59 -9.70
C PRO A 99 -48.38 17.66 -11.19
N GLU A 100 -47.18 18.04 -11.65
CA GLU A 100 -46.96 18.09 -13.09
C GLU A 100 -47.00 16.70 -13.74
N TYR A 101 -46.82 15.62 -12.97
CA TYR A 101 -46.93 14.29 -13.57
C TYR A 101 -48.36 13.80 -13.69
N GLY A 102 -49.30 14.38 -12.92
CA GLY A 102 -50.69 13.98 -12.89
C GLY A 102 -51.18 13.84 -11.47
N ASN A 103 -52.29 13.09 -11.31
CA ASN A 103 -52.81 12.76 -9.99
C ASN A 103 -52.99 11.26 -9.83
N LEU A 104 -53.67 10.83 -8.75
CA LEU A 104 -53.80 9.39 -8.49
C LEU A 104 -54.63 8.69 -9.56
N THR A 105 -55.66 9.35 -10.11
CA THR A 105 -56.43 8.73 -11.19
C THR A 105 -55.56 8.49 -12.42
N ASP A 106 -54.67 9.43 -12.74
CA ASP A 106 -53.67 9.22 -13.78
C ASP A 106 -52.78 8.04 -13.45
N PHE A 107 -52.34 7.93 -12.20
CA PHE A 107 -51.56 6.77 -11.81
C PHE A 107 -52.36 5.48 -11.99
N ASP A 108 -53.64 5.50 -11.60
CA ASP A 108 -54.47 4.31 -11.77
C ASP A 108 -54.60 3.92 -13.24
N LYS A 109 -54.75 4.90 -14.13
CA LYS A 109 -54.89 4.59 -15.54
C LYS A 109 -53.62 3.97 -16.09
N LEU A 110 -52.46 4.40 -15.58
CA LEU A 110 -51.20 3.80 -16.00
C LEU A 110 -51.08 2.35 -15.53
N VAL A 111 -51.47 2.08 -14.27
CA VAL A 111 -51.43 0.70 -13.78
C VAL A 111 -52.33 -0.19 -14.62
N GLU A 112 -53.53 0.30 -14.94
CA GLU A 112 -54.44 -0.50 -15.73
C GLU A 112 -53.92 -0.73 -17.15
N GLU A 113 -53.35 0.30 -17.76
CA GLU A 113 -52.85 0.15 -19.12
C GLU A 113 -51.61 -0.75 -19.16
N SER A 114 -50.77 -0.68 -18.13
CA SER A 114 -49.66 -1.63 -18.02
C SER A 114 -50.17 -3.06 -17.97
N HIS A 115 -51.14 -3.33 -17.08
CA HIS A 115 -51.64 -4.70 -16.94
C HIS A 115 -52.36 -5.15 -18.21
N LYS A 116 -53.08 -4.23 -18.85
CA LYS A 116 -53.69 -4.53 -20.15
C LYS A 116 -52.66 -5.03 -21.15
N ASN A 117 -51.47 -4.44 -21.13
CA ASN A 117 -50.39 -4.79 -22.05
C ASN A 117 -49.48 -5.88 -21.50
N GLY A 118 -49.88 -6.54 -20.40
CA GLY A 118 -49.11 -7.64 -19.88
C GLY A 118 -47.84 -7.23 -19.17
N ILE A 119 -47.79 -6.02 -18.63
CA ILE A 119 -46.58 -5.46 -18.04
C ILE A 119 -46.82 -5.28 -16.55
N LYS A 120 -45.95 -5.88 -15.74
CA LYS A 120 -45.94 -5.65 -14.30
C LYS A 120 -45.33 -4.29 -14.03
N LEU A 121 -45.79 -3.64 -12.97
CA LEU A 121 -45.29 -2.32 -12.63
C LEU A 121 -44.66 -2.40 -11.24
N MET A 122 -43.36 -2.14 -11.18
CA MET A 122 -42.64 -2.11 -9.91
C MET A 122 -42.36 -0.65 -9.59
N LEU A 123 -42.82 -0.21 -8.44
CA LEU A 123 -42.71 1.17 -8.03
C LEU A 123 -41.49 1.36 -7.16
N ASP A 124 -40.74 2.42 -7.41
CA ASP A 124 -39.66 2.77 -6.50
C ASP A 124 -40.26 3.15 -5.16
N PHE A 125 -39.63 2.68 -4.09
CA PHE A 125 -40.08 2.90 -2.73
C PHE A 125 -38.89 3.49 -1.99
N ILE A 126 -39.08 4.63 -1.34
CA ILE A 126 -37.95 5.38 -0.79
C ILE A 126 -37.99 5.29 0.73
N PRO A 127 -37.44 4.25 1.36
CA PRO A 127 -37.64 4.10 2.80
C PRO A 127 -36.71 4.96 3.65
N ASN A 128 -35.51 5.30 3.20
CA ASN A 128 -34.51 5.80 4.14
C ASN A 128 -34.81 7.22 4.64
N HIS A 129 -35.46 8.05 3.84
CA HIS A 129 -35.49 9.48 4.14
C HIS A 129 -36.69 10.08 3.42
N SER A 130 -37.12 11.22 3.93
CA SER A 130 -38.19 12.03 3.36
C SER A 130 -37.58 13.35 2.91
N SER A 131 -38.38 14.12 2.19
CA SER A 131 -37.99 15.51 1.94
C SER A 131 -38.03 16.29 3.25
N ASP A 132 -37.19 17.32 3.33
CA ASP A 132 -37.32 18.23 4.45
C ASP A 132 -38.52 19.16 4.29
N GLN A 133 -39.22 19.09 3.15
CA GLN A 133 -40.49 19.77 3.02
C GLN A 133 -41.67 18.86 3.34
N HIS A 134 -41.42 17.60 3.67
CA HIS A 134 -42.49 16.72 4.09
C HIS A 134 -43.16 17.26 5.34
N GLU A 135 -44.48 17.08 5.42
CA GLU A 135 -45.23 17.51 6.58
C GLU A 135 -44.63 16.96 7.87
N TRP A 136 -44.25 15.68 7.88
CA TRP A 136 -43.68 15.08 9.08
C TRP A 136 -42.46 15.85 9.56
N PHE A 137 -41.59 16.24 8.64
CA PHE A 137 -40.37 16.91 9.08
C PHE A 137 -40.66 18.34 9.54
N VAL A 138 -41.53 19.05 8.83
CA VAL A 138 -41.91 20.39 9.26
C VAL A 138 -42.43 20.33 10.69
N LYS A 139 -43.28 19.36 10.98
CA LYS A 139 -43.83 19.20 12.31
C LYS A 139 -42.78 18.69 13.30
N SER A 140 -41.89 17.80 12.85
CA SER A 140 -40.81 17.33 13.73
C SER A 140 -39.90 18.48 14.17
N VAL A 141 -39.59 19.40 13.25
CA VAL A 141 -38.77 20.55 13.59
C VAL A 141 -39.34 21.34 14.76
N VAL A 142 -40.66 21.54 14.78
CA VAL A 142 -41.28 22.33 15.85
C VAL A 142 -41.74 21.44 16.98
N ARG A 143 -41.20 20.22 17.05
CA ARG A 143 -41.42 19.28 18.16
C ARG A 143 -42.90 18.92 18.31
N ASP A 144 -43.61 18.78 17.20
CA ASP A 144 -44.94 18.19 17.25
C ASP A 144 -44.81 16.78 17.82
N PRO A 145 -45.48 16.47 18.95
CA PRO A 145 -45.29 15.15 19.58
C PRO A 145 -45.65 13.98 18.70
N GLU A 146 -46.52 14.19 17.70
CA GLU A 146 -46.90 13.13 16.77
C GLU A 146 -45.74 12.73 15.85
N TYR A 147 -44.84 13.68 15.54
CA TYR A 147 -43.77 13.45 14.57
C TYR A 147 -42.38 13.83 15.06
N SER A 148 -42.23 14.33 16.29
CA SER A 148 -40.91 14.74 16.75
C SER A 148 -39.88 13.63 16.55
N ASP A 149 -40.24 12.40 16.90
CA ASP A 149 -39.34 11.26 16.87
C ASP A 149 -39.37 10.51 15.54
N PHE A 150 -40.00 11.09 14.51
CA PHE A 150 -39.98 10.46 13.17
C PHE A 150 -38.62 10.59 12.51
N TYR A 151 -37.76 11.47 13.02
CA TYR A 151 -36.45 11.77 12.47
C TYR A 151 -35.42 11.63 13.58
N VAL A 152 -34.14 11.78 13.22
CA VAL A 152 -33.02 11.50 14.12
C VAL A 152 -32.42 12.82 14.55
N TRP A 153 -32.72 13.21 15.79
CA TRP A 153 -32.30 14.49 16.37
C TRP A 153 -31.38 14.25 17.55
N ARG A 154 -30.27 14.98 17.60
CA ARG A 154 -29.33 14.88 18.69
C ARG A 154 -28.78 16.26 19.01
N PRO A 155 -28.53 16.56 20.29
CA PRO A 155 -27.94 17.85 20.67
C PRO A 155 -26.54 18.00 20.11
N PRO A 156 -25.99 19.22 20.09
CA PRO A 156 -24.58 19.38 19.72
C PRO A 156 -23.68 18.58 20.66
N ALA A 157 -22.54 18.17 20.13
CA ALA A 157 -21.56 17.49 20.97
C ALA A 157 -21.08 18.41 22.08
N THR A 158 -20.61 17.81 23.17
CA THR A 158 -19.98 18.56 24.25
C THR A 158 -18.93 19.51 23.68
N GLY A 159 -19.08 20.80 23.96
CA GLY A 159 -18.19 21.78 23.39
C GLY A 159 -18.49 22.18 21.96
N GLY A 160 -19.66 21.84 21.43
CA GLY A 160 -20.10 22.34 20.15
C GLY A 160 -19.80 21.39 19.02
N GLY A 161 -20.52 21.58 17.91
CA GLY A 161 -20.33 20.77 16.72
C GLY A 161 -21.35 19.66 16.59
N PRO A 162 -21.26 18.91 15.49
CA PRO A 162 -22.21 17.82 15.27
C PRO A 162 -22.10 16.76 16.36
N PRO A 163 -23.14 15.93 16.52
CA PRO A 163 -23.10 14.89 17.56
C PRO A 163 -21.95 13.91 17.42
N ASN A 164 -21.53 13.60 16.20
CA ASN A 164 -20.42 12.69 15.96
C ASN A 164 -19.82 13.04 14.61
N ASN A 165 -18.86 12.23 14.15
CA ASN A 165 -18.08 12.53 12.96
C ASN A 165 -18.67 11.99 11.67
N TRP A 166 -19.89 11.46 11.69
CA TRP A 166 -20.45 10.82 10.49
C TRP A 166 -20.52 11.81 9.32
N ILE A 167 -20.23 11.31 8.13
CA ILE A 167 -20.11 12.11 6.92
C ILE A 167 -21.20 11.68 5.94
N SER A 168 -21.79 12.67 5.26
CA SER A 168 -22.83 12.40 4.28
C SER A 168 -22.27 11.64 3.06
N VAL A 169 -23.11 10.81 2.45
CA VAL A 169 -22.74 10.13 1.21
C VAL A 169 -22.22 11.11 0.17
N PHE A 170 -22.68 12.36 0.23
CA PHE A 170 -22.26 13.38 -0.73
C PHE A 170 -21.20 14.31 -0.16
N GLY A 171 -20.62 13.98 0.99
CA GLY A 171 -19.57 14.78 1.58
C GLY A 171 -20.10 15.80 2.57
N GLY A 172 -19.21 16.24 3.46
CA GLY A 172 -19.62 17.07 4.56
C GLY A 172 -20.33 16.28 5.63
N SER A 173 -20.66 16.97 6.72
CA SER A 173 -21.26 16.31 7.87
C SER A 173 -22.60 15.69 7.51
N ALA A 174 -22.86 14.51 8.08
CA ALA A 174 -24.16 13.84 8.03
C ALA A 174 -25.19 14.52 8.91
N TRP A 175 -24.84 15.61 9.61
CA TRP A 175 -25.73 16.29 10.52
C TRP A 175 -25.89 17.74 10.10
N THR A 176 -27.10 18.27 10.24
CA THR A 176 -27.39 19.68 10.01
C THR A 176 -28.05 20.29 11.24
N TYR A 177 -27.61 21.47 11.65
CA TYR A 177 -28.17 22.12 12.84
C TYR A 177 -29.48 22.83 12.49
N ASN A 178 -30.44 22.77 13.41
CA ASN A 178 -31.67 23.54 13.30
C ASN A 178 -31.76 24.46 14.51
N GLN A 179 -31.75 25.78 14.26
CA GLN A 179 -31.72 26.74 15.36
C GLN A 179 -32.97 26.67 16.22
N ALA A 180 -34.13 26.43 15.62
CA ALA A 180 -35.38 26.35 16.38
C ALA A 180 -35.34 25.22 17.39
N ARG A 181 -34.94 24.02 16.94
CA ARG A 181 -34.82 22.91 17.85
C ARG A 181 -33.59 23.02 18.73
N GLY A 182 -32.55 23.72 18.28
CA GLY A 182 -31.29 23.65 18.98
C GLY A 182 -30.67 22.28 18.92
N GLU A 183 -30.93 21.52 17.85
CA GLU A 183 -30.37 20.18 17.68
C GLU A 183 -29.98 19.99 16.22
N TYR A 184 -29.17 18.95 16.01
CA TYR A 184 -28.82 18.46 14.69
C TYR A 184 -29.75 17.33 14.31
N TYR A 185 -30.13 17.28 13.03
CA TYR A 185 -30.83 16.12 12.49
C TYR A 185 -29.90 15.38 11.52
N LEU A 186 -30.15 14.09 11.39
CA LEU A 186 -29.31 13.20 10.61
C LEU A 186 -29.76 13.16 9.16
N HIS A 187 -28.80 13.25 8.24
CA HIS A 187 -29.08 12.99 6.83
C HIS A 187 -27.89 12.30 6.22
N GLN A 188 -28.03 11.02 5.88
CA GLN A 188 -26.94 10.36 5.19
C GLN A 188 -26.77 10.90 3.77
N PHE A 189 -27.85 11.36 3.16
CA PHE A 189 -27.81 11.96 1.82
C PHE A 189 -27.81 13.47 1.98
N THR A 190 -28.62 14.24 1.23
CA THR A 190 -28.51 15.68 1.31
C THR A 190 -29.19 16.20 2.58
N PRO A 191 -28.88 17.43 2.99
CA PRO A 191 -29.62 18.01 4.12
C PRO A 191 -31.11 18.13 3.84
N GLN A 192 -31.49 18.17 2.56
CA GLN A 192 -32.90 18.15 2.20
C GLN A 192 -33.48 16.75 2.21
N GLN A 193 -32.76 15.77 2.75
CA GLN A 193 -33.25 14.39 2.84
C GLN A 193 -33.03 13.86 4.25
N PRO A 194 -33.76 14.39 5.23
CA PRO A 194 -33.63 13.89 6.61
C PRO A 194 -33.98 12.41 6.72
N ASP A 195 -33.13 11.67 7.44
CA ASP A 195 -33.36 10.24 7.62
C ASP A 195 -34.55 9.99 8.53
N LEU A 196 -35.36 9.01 8.14
CA LEU A 196 -36.45 8.55 8.97
C LEU A 196 -35.92 7.64 10.08
N ASN A 197 -36.61 7.64 11.21
CA ASN A 197 -36.15 6.99 12.44
C ASN A 197 -36.82 5.63 12.58
N TYR A 198 -36.19 4.59 12.04
CA TYR A 198 -36.79 3.27 12.11
C TYR A 198 -36.64 2.59 13.46
N ARG A 199 -35.93 3.21 14.42
CA ARG A 199 -36.00 2.73 15.79
C ARG A 199 -37.35 3.05 16.42
N ASN A 200 -38.07 3.99 15.83
CA ASN A 200 -39.41 4.35 16.28
C ASN A 200 -40.42 3.46 15.55
N PRO A 201 -41.12 2.56 16.27
CA PRO A 201 -42.00 1.61 15.57
C PRO A 201 -43.12 2.24 14.79
N LYS A 202 -43.55 3.45 15.15
CA LYS A 202 -44.57 4.13 14.36
C LYS A 202 -44.05 4.53 12.98
N VAL A 203 -42.74 4.73 12.85
CA VAL A 203 -42.16 5.02 11.54
C VAL A 203 -42.28 3.79 10.64
N LEU A 204 -41.76 2.65 11.10
CA LEU A 204 -41.94 1.40 10.35
C LEU A 204 -43.40 1.12 10.05
N ALA A 205 -44.29 1.30 11.03
CA ALA A 205 -45.70 0.99 10.79
C ALA A 205 -46.30 1.88 9.71
N GLU A 206 -45.93 3.16 9.72
CA GLU A 206 -46.47 4.10 8.75
C GLU A 206 -45.94 3.80 7.34
N MET A 207 -44.65 3.53 7.20
CA MET A 207 -44.11 3.26 5.88
C MET A 207 -44.63 1.93 5.34
N THR A 208 -44.83 0.94 6.22
CA THR A 208 -45.45 -0.31 5.80
C THR A 208 -46.87 -0.07 5.31
N LYS A 209 -47.64 0.75 6.04
CA LYS A 209 -48.99 1.07 5.60
C LYS A 209 -48.98 1.73 4.22
N MET A 210 -48.01 2.63 3.99
CA MET A 210 -47.90 3.29 2.69
C MET A 210 -47.61 2.28 1.58
N LEU A 211 -46.81 1.25 1.88
CA LEU A 211 -46.58 0.16 0.92
C LEU A 211 -47.89 -0.45 0.45
N PHE A 212 -48.74 -0.84 1.40
CA PHE A 212 -49.99 -1.50 1.05
C PHE A 212 -50.96 -0.55 0.37
N PHE A 213 -50.85 0.76 0.64
CA PHE A 213 -51.60 1.75 -0.13
C PHE A 213 -51.34 1.60 -1.62
N TRP A 214 -50.08 1.50 -2.01
CA TRP A 214 -49.75 1.41 -3.43
C TRP A 214 -50.07 0.03 -3.98
N LEU A 215 -49.86 -1.02 -3.19
CA LEU A 215 -50.32 -2.34 -3.59
C LEU A 215 -51.82 -2.35 -3.86
N ASP A 216 -52.58 -1.63 -3.05
CA ASP A 216 -54.02 -1.60 -3.23
C ASP A 216 -54.44 -0.91 -4.53
N ARG A 217 -53.53 -0.16 -5.16
CA ARG A 217 -53.78 0.42 -6.47
C ARG A 217 -53.29 -0.46 -7.61
N GLY A 218 -52.81 -1.67 -7.32
CA GLY A 218 -52.46 -2.62 -8.35
C GLY A 218 -50.98 -2.79 -8.61
N VAL A 219 -50.10 -2.08 -7.88
CA VAL A 219 -48.66 -2.21 -8.09
C VAL A 219 -48.22 -3.66 -7.88
N ASP A 220 -47.14 -4.08 -8.56
CA ASP A 220 -46.69 -5.46 -8.56
C ASP A 220 -45.40 -5.68 -7.81
N GLY A 221 -44.87 -4.67 -7.15
CA GLY A 221 -43.66 -4.83 -6.38
C GLY A 221 -42.98 -3.48 -6.16
N PHE A 222 -41.91 -3.54 -5.38
CA PHE A 222 -41.20 -2.32 -5.00
C PHE A 222 -39.71 -2.54 -5.13
N ARG A 223 -39.02 -1.48 -5.54
CA ARG A 223 -37.58 -1.38 -5.39
C ARG A 223 -37.30 -0.58 -4.12
N LEU A 224 -36.55 -1.18 -3.20
CA LEU A 224 -36.24 -0.55 -1.92
C LEU A 224 -34.95 0.23 -2.08
N ASP A 225 -35.08 1.54 -2.19
CA ASP A 225 -33.97 2.44 -2.44
C ASP A 225 -33.08 2.58 -1.22
N ALA A 226 -31.76 2.62 -1.46
CA ALA A 226 -30.75 2.93 -0.44
C ALA A 226 -30.97 2.14 0.85
N ILE A 227 -31.28 0.86 0.70
CA ILE A 227 -31.87 0.10 1.79
C ILE A 227 -30.88 -0.09 2.95
N ASN A 228 -29.59 -0.18 2.66
CA ASN A 228 -28.61 -0.46 3.70
C ASN A 228 -28.17 0.81 4.42
N HIS A 229 -28.89 1.91 4.23
CA HIS A 229 -28.70 3.10 5.04
C HIS A 229 -29.75 3.22 6.12
N MET A 230 -30.64 2.22 6.25
CA MET A 230 -31.80 2.35 7.12
C MET A 230 -31.40 2.66 8.56
N PHE A 231 -30.69 1.75 9.22
CA PHE A 231 -30.37 1.94 10.64
C PHE A 231 -28.98 2.51 10.83
N GLU A 232 -28.78 3.14 11.98
CA GLU A 232 -27.48 3.62 12.43
C GLU A 232 -27.21 3.10 13.84
N ASP A 233 -25.95 3.19 14.26
CA ASP A 233 -25.54 2.80 15.61
C ASP A 233 -26.42 3.48 16.66
N GLU A 234 -26.94 2.68 17.60
CA GLU A 234 -27.83 3.26 18.60
C GLU A 234 -27.09 4.11 19.60
N GLN A 235 -25.78 3.90 19.76
CA GLN A 235 -24.96 4.74 20.62
C GLN A 235 -24.37 5.95 19.88
N PHE A 236 -24.65 6.07 18.58
CA PHE A 236 -24.17 7.20 17.77
C PHE A 236 -22.68 7.42 17.93
N ARG A 237 -21.93 6.32 17.97
CA ARG A 237 -20.49 6.40 18.12
C ARG A 237 -19.83 6.90 16.84
N ASP A 238 -18.69 7.57 17.01
CA ASP A 238 -17.87 7.98 15.88
C ASP A 238 -17.47 6.78 15.03
N GLU A 239 -17.44 6.98 13.69
CA GLU A 239 -16.88 5.86 12.96
C GLU A 239 -15.36 5.96 12.91
N PRO A 240 -14.66 4.82 12.80
CA PRO A 240 -13.19 4.86 12.71
C PRO A 240 -12.72 5.26 11.32
N LEU A 241 -11.44 5.65 11.26
CA LEU A 241 -10.89 6.13 10.00
C LEU A 241 -10.65 4.96 9.05
N SER A 242 -10.82 5.25 7.75
CA SER A 242 -10.68 4.21 6.74
C SER A 242 -9.22 3.80 6.56
N GLY A 243 -8.31 4.77 6.63
CA GLY A 243 -6.95 4.59 6.19
C GLY A 243 -6.63 5.21 4.85
N TRP A 244 -7.54 5.97 4.28
CA TRP A 244 -7.32 6.70 3.04
C TRP A 244 -8.33 7.82 2.96
N GLY A 245 -8.18 8.66 1.94
CA GLY A 245 -9.06 9.79 1.75
C GLY A 245 -8.76 10.94 2.70
N GLN A 246 -9.15 12.13 2.27
CA GLN A 246 -8.93 13.33 3.05
C GLN A 246 -10.00 13.47 4.14
N PRO A 247 -9.65 14.10 5.26
CA PRO A 247 -10.66 14.43 6.27
C PRO A 247 -11.87 15.13 5.64
N GLY A 248 -13.07 14.69 6.07
CA GLY A 248 -14.31 15.21 5.54
C GLY A 248 -14.88 14.45 4.38
N GLU A 249 -14.08 13.64 3.69
CA GLU A 249 -14.59 12.82 2.59
C GLU A 249 -15.32 11.60 3.13
N TYR A 250 -16.38 11.21 2.41
CA TYR A 250 -17.13 10.01 2.77
C TYR A 250 -16.21 8.80 2.93
N ASP A 251 -15.32 8.58 1.94
CA ASP A 251 -14.43 7.42 1.94
C ASP A 251 -13.39 7.45 3.06
N SER A 252 -13.36 8.50 3.89
CA SER A 252 -12.36 8.57 4.95
C SER A 252 -12.77 7.82 6.20
N LEU A 253 -14.01 7.37 6.29
CA LEU A 253 -14.50 6.62 7.44
C LEU A 253 -14.91 5.22 7.00
N ASP A 254 -14.69 4.25 7.88
CA ASP A 254 -15.23 2.91 7.70
C ASP A 254 -16.66 2.92 8.23
N HIS A 255 -17.64 2.74 7.34
CA HIS A 255 -19.04 2.99 7.67
C HIS A 255 -19.73 1.86 8.43
N ILE A 256 -19.14 1.45 9.56
CA ILE A 256 -19.68 0.35 10.35
C ILE A 256 -20.87 0.75 11.19
N TYR A 257 -21.13 2.05 11.35
CA TYR A 257 -22.24 2.52 12.17
C TYR A 257 -23.35 3.15 11.34
N THR A 258 -23.19 3.21 10.01
CA THR A 258 -24.14 3.90 9.15
C THR A 258 -24.53 3.14 7.90
N LYS A 259 -23.87 2.03 7.59
CA LYS A 259 -24.26 1.17 6.48
C LYS A 259 -24.30 -0.27 6.97
N ASP A 260 -25.21 -1.04 6.38
CA ASP A 260 -25.30 -2.48 6.59
C ASP A 260 -25.54 -2.85 8.04
N ILE A 261 -26.04 -1.92 8.84
CA ILE A 261 -26.44 -2.24 10.21
C ILE A 261 -27.48 -3.35 10.11
N PRO A 262 -27.21 -4.54 10.67
CA PRO A 262 -27.95 -5.75 10.26
C PRO A 262 -29.42 -5.78 10.64
N ASP A 263 -29.92 -4.87 11.47
CA ASP A 263 -31.35 -4.83 11.73
C ASP A 263 -32.17 -4.66 10.45
N VAL A 264 -31.57 -4.08 9.40
CA VAL A 264 -32.28 -3.90 8.14
C VAL A 264 -32.74 -5.23 7.56
N TYR A 265 -31.98 -6.30 7.78
CA TYR A 265 -32.34 -7.57 7.15
C TYR A 265 -33.69 -8.08 7.65
N ASP A 266 -33.93 -8.01 8.96
CA ASP A 266 -35.22 -8.48 9.48
C ASP A 266 -36.38 -7.63 8.97
N VAL A 267 -36.15 -6.34 8.76
CA VAL A 267 -37.21 -5.49 8.19
C VAL A 267 -37.54 -5.95 6.77
N VAL A 268 -36.52 -6.19 5.95
CA VAL A 268 -36.75 -6.68 4.60
C VAL A 268 -37.39 -8.06 4.63
N TYR A 269 -36.88 -8.97 5.48
CA TYR A 269 -37.48 -10.31 5.51
C TYR A 269 -38.94 -10.25 5.95
N ASN A 270 -39.25 -9.36 6.91
CA ASN A 270 -40.64 -9.23 7.36
C ASN A 270 -41.51 -8.65 6.25
N TRP A 271 -41.01 -7.65 5.54
CA TRP A 271 -41.75 -7.10 4.41
C TRP A 271 -41.99 -8.16 3.34
N ARG A 272 -40.95 -8.95 3.03
CA ARG A 272 -41.13 -10.04 2.06
C ARG A 272 -42.22 -10.99 2.50
N ASP A 273 -42.26 -11.32 3.80
CA ASP A 273 -43.30 -12.23 4.27
C ASP A 273 -44.69 -11.59 4.14
N GLN A 274 -44.79 -10.29 4.33
CA GLN A 274 -46.08 -9.60 4.16
C GLN A 274 -46.46 -9.54 2.69
N MET A 275 -45.48 -9.36 1.79
CA MET A 275 -45.76 -9.37 0.37
C MET A 275 -46.26 -10.74 -0.08
N ASP A 276 -45.63 -11.82 0.40
CA ASP A 276 -46.06 -13.16 0.02
C ASP A 276 -47.49 -13.45 0.48
N LYS A 277 -47.81 -13.03 1.72
CA LYS A 277 -49.17 -13.19 2.21
C LYS A 277 -50.15 -12.37 1.38
N TYR A 278 -49.80 -11.12 1.09
CA TYR A 278 -50.64 -10.30 0.21
C TYR A 278 -50.81 -10.96 -1.15
N SER A 279 -49.71 -11.52 -1.68
CA SER A 279 -49.74 -12.20 -2.97
C SER A 279 -50.72 -13.36 -2.96
N ALA A 280 -50.73 -14.13 -1.88
CA ALA A 280 -51.62 -15.28 -1.80
C ALA A 280 -53.07 -14.81 -1.73
N GLU A 281 -53.32 -13.70 -1.04
CA GLU A 281 -54.68 -13.21 -0.88
C GLU A 281 -55.22 -12.58 -2.15
N LYS A 282 -54.36 -11.98 -2.98
CA LYS A 282 -54.80 -11.23 -4.14
C LYS A 282 -54.60 -11.94 -5.47
N GLY A 283 -53.82 -13.01 -5.51
CA GLY A 283 -53.68 -13.80 -6.71
C GLY A 283 -52.67 -13.28 -7.72
N ARG A 284 -51.70 -12.47 -7.28
CA ARG A 284 -50.61 -12.07 -8.15
C ARG A 284 -49.35 -11.97 -7.30
N THR A 285 -48.19 -12.18 -7.93
CA THR A 285 -46.94 -12.29 -7.19
C THR A 285 -46.29 -10.92 -7.07
N ILE A 286 -46.26 -10.40 -5.84
CA ILE A 286 -45.62 -9.13 -5.52
C ILE A 286 -44.14 -9.38 -5.21
N ILE A 287 -43.25 -8.59 -5.81
CA ILE A 287 -41.83 -8.82 -5.60
C ILE A 287 -41.17 -7.62 -4.94
N LEU A 288 -39.98 -7.88 -4.40
CA LEU A 288 -39.16 -6.85 -3.80
C LEU A 288 -37.78 -6.90 -4.43
N MET A 289 -37.28 -5.75 -4.82
CA MET A 289 -35.87 -5.63 -5.18
C MET A 289 -35.26 -4.61 -4.23
N THR A 290 -34.02 -4.85 -3.85
CA THR A 290 -33.29 -3.95 -2.97
C THR A 290 -32.13 -3.33 -3.74
N GLU A 291 -31.86 -2.05 -3.48
CA GLU A 291 -30.68 -1.37 -4.00
C GLU A 291 -29.73 -1.14 -2.84
N ALA A 292 -28.64 -1.89 -2.80
CA ALA A 292 -27.61 -1.65 -1.81
C ALA A 292 -26.25 -1.73 -2.48
N TYR A 293 -25.43 -0.70 -2.25
CA TYR A 293 -24.00 -0.75 -2.53
C TYR A 293 -23.31 -1.23 -1.25
N SER A 294 -22.85 -2.48 -1.29
CA SER A 294 -22.40 -3.13 -0.06
C SER A 294 -21.36 -4.15 -0.45
N SER A 295 -20.81 -4.82 0.55
CA SER A 295 -19.99 -5.99 0.26
C SER A 295 -20.82 -7.01 -0.51
N ILE A 296 -20.13 -7.92 -1.22
CA ILE A 296 -20.90 -8.94 -1.90
C ILE A 296 -21.66 -9.78 -0.87
N GLU A 297 -21.07 -10.02 0.32
CA GLU A 297 -21.78 -10.80 1.33
C GLU A 297 -22.99 -10.05 1.85
N GLY A 298 -22.85 -8.74 2.10
CA GLY A 298 -23.97 -7.96 2.58
C GLY A 298 -25.07 -7.83 1.54
N THR A 299 -24.69 -7.80 0.26
CA THR A 299 -25.66 -7.80 -0.82
C THR A 299 -26.47 -9.10 -0.83
N MET A 300 -25.78 -10.24 -0.69
CA MET A 300 -26.46 -11.53 -0.87
C MET A 300 -27.39 -11.84 0.29
N LEU A 301 -27.13 -11.29 1.48
CA LEU A 301 -28.05 -11.45 2.59
C LEU A 301 -29.42 -10.83 2.33
N TYR A 302 -29.55 -9.97 1.30
CA TYR A 302 -30.88 -9.48 0.98
C TYR A 302 -31.73 -10.54 0.26
N TYR A 303 -31.09 -11.43 -0.51
CA TYR A 303 -31.83 -12.57 -1.05
C TYR A 303 -32.44 -13.40 0.06
N GLU A 304 -31.67 -13.67 1.11
CA GLU A 304 -31.92 -14.81 1.99
C GLU A 304 -30.96 -14.79 3.17
N SER A 305 -31.42 -15.15 4.36
CA SER A 305 -30.53 -15.22 5.51
C SER A 305 -29.52 -16.35 5.34
N ALA A 306 -28.42 -16.26 6.10
CA ALA A 306 -27.34 -17.23 5.96
C ALA A 306 -27.81 -18.65 6.23
N ASP A 307 -28.71 -18.81 7.20
CA ASP A 307 -29.22 -20.14 7.54
C ASP A 307 -30.38 -20.57 6.65
N ARG A 308 -30.72 -19.75 5.64
CA ARG A 308 -31.75 -20.05 4.64
C ARG A 308 -33.14 -20.14 5.23
N LYS A 309 -33.34 -19.65 6.45
CA LYS A 309 -34.66 -19.66 7.07
C LYS A 309 -35.53 -18.49 6.65
N ARG A 310 -34.95 -17.38 6.18
CA ARG A 310 -35.75 -16.22 5.78
C ARG A 310 -35.44 -15.81 4.35
N GLN A 311 -36.47 -15.36 3.63
CA GLN A 311 -36.35 -14.80 2.30
C GLN A 311 -36.50 -13.29 2.37
N GLY A 312 -35.78 -12.60 1.50
CA GLY A 312 -35.89 -11.14 1.46
C GLY A 312 -36.28 -10.64 0.09
N ALA A 313 -35.39 -9.87 -0.54
CA ALA A 313 -35.65 -9.41 -1.89
C ALA A 313 -35.66 -10.59 -2.85
N HIS A 314 -36.58 -10.55 -3.81
CA HIS A 314 -36.50 -11.50 -4.91
C HIS A 314 -35.22 -11.29 -5.71
N MET A 315 -34.80 -10.03 -5.86
CA MET A 315 -33.65 -9.70 -6.71
C MET A 315 -32.94 -8.44 -6.18
N PRO A 316 -31.91 -8.61 -5.35
CA PRO A 316 -31.04 -7.47 -5.03
C PRO A 316 -30.41 -6.95 -6.29
N PHE A 317 -30.30 -5.62 -6.40
CA PHE A 317 -29.69 -5.05 -7.59
C PHE A 317 -28.24 -5.51 -7.73
N ASN A 318 -27.88 -5.89 -8.95
CA ASN A 318 -26.58 -6.46 -9.31
C ASN A 318 -25.95 -5.54 -10.33
N PHE A 319 -24.94 -4.75 -9.91
CA PHE A 319 -24.36 -3.76 -10.80
C PHE A 319 -23.10 -4.26 -11.51
N GLN A 320 -22.84 -5.56 -11.55
CA GLN A 320 -21.59 -6.06 -12.11
C GLN A 320 -21.34 -5.56 -13.54
N LEU A 321 -22.35 -5.60 -14.41
CA LEU A 321 -22.09 -5.26 -15.80
C LEU A 321 -21.83 -3.76 -15.96
N ILE A 322 -22.39 -2.92 -15.09
CA ILE A 322 -22.03 -1.51 -15.12
C ILE A 322 -20.55 -1.34 -14.77
N TYR A 323 -20.12 -2.00 -13.70
CA TYR A 323 -18.72 -1.85 -13.26
C TYR A 323 -17.75 -2.41 -14.29
N ASP A 324 -18.01 -3.62 -14.80
CA ASP A 324 -16.96 -4.39 -15.43
C ASP A 324 -17.06 -4.53 -16.94
N PHE A 325 -18.19 -4.20 -17.56
CA PHE A 325 -18.18 -4.12 -19.02
C PHE A 325 -17.60 -2.76 -19.36
N LYS A 326 -16.28 -2.73 -19.55
CA LYS A 326 -15.48 -1.53 -19.74
C LYS A 326 -14.83 -1.56 -21.10
N LYS A 327 -14.29 -0.40 -21.49
CA LYS A 327 -13.77 -0.22 -22.85
C LYS A 327 -12.58 -1.12 -23.15
N GLU A 328 -11.79 -1.50 -22.14
CA GLU A 328 -10.65 -2.38 -22.40
C GLU A 328 -10.76 -3.71 -21.65
N GLN A 329 -11.97 -4.12 -21.29
CA GLN A 329 -12.19 -5.42 -20.70
C GLN A 329 -11.86 -6.53 -21.71
N ASN A 330 -11.43 -7.68 -21.20
CA ASN A 330 -11.33 -8.87 -22.03
C ASN A 330 -12.32 -9.92 -21.56
N ALA A 331 -12.29 -11.09 -22.22
CA ALA A 331 -13.29 -12.10 -21.89
C ALA A 331 -13.03 -12.72 -20.53
N VAL A 332 -11.77 -12.77 -20.09
CA VAL A 332 -11.47 -13.23 -18.74
C VAL A 332 -12.13 -12.33 -17.70
N GLY A 333 -11.94 -11.02 -17.83
CA GLY A 333 -12.52 -10.12 -16.85
C GLY A 333 -14.03 -10.11 -16.91
N LEU A 334 -14.60 -10.21 -18.11
CA LEU A 334 -16.06 -10.25 -18.23
C LEU A 334 -16.63 -11.50 -17.56
N LYS A 335 -16.08 -12.68 -17.90
CA LYS A 335 -16.55 -13.90 -17.29
C LYS A 335 -16.39 -13.87 -15.77
N SER A 336 -15.25 -13.39 -15.29
CA SER A 336 -15.06 -13.42 -13.85
C SER A 336 -15.97 -12.41 -13.15
N SER A 337 -16.37 -11.33 -13.85
CA SER A 337 -17.34 -10.42 -13.25
C SER A 337 -18.71 -11.08 -13.12
N ILE A 338 -19.13 -11.80 -14.15
CA ILE A 338 -20.39 -12.54 -14.11
C ILE A 338 -20.34 -13.62 -13.02
N ASP A 339 -19.25 -14.37 -12.97
CA ASP A 339 -19.12 -15.41 -11.94
C ASP A 339 -19.05 -14.82 -10.54
N TRP A 340 -18.55 -13.59 -10.40
CA TRP A 340 -18.53 -12.97 -9.08
C TRP A 340 -19.94 -12.85 -8.50
N TRP A 341 -20.91 -12.47 -9.33
CA TRP A 341 -22.31 -12.52 -8.86
C TRP A 341 -22.75 -13.96 -8.66
N MET A 342 -22.64 -14.79 -9.71
CA MET A 342 -23.22 -16.12 -9.65
C MET A 342 -22.58 -16.97 -8.56
N ASN A 343 -21.23 -16.94 -8.45
CA ASN A 343 -20.57 -17.75 -7.41
C ASN A 343 -21.06 -17.40 -6.01
N ASN A 344 -21.36 -16.13 -5.76
CA ASN A 344 -21.68 -15.65 -4.43
C ASN A 344 -23.18 -15.71 -4.12
N MET A 345 -24.02 -15.94 -5.12
CA MET A 345 -25.45 -16.05 -4.90
C MET A 345 -25.78 -17.26 -4.03
N PRO A 346 -26.86 -17.18 -3.27
CA PRO A 346 -27.41 -18.39 -2.68
C PRO A 346 -28.03 -19.25 -3.76
N ALA A 347 -27.98 -20.56 -3.54
CA ALA A 347 -28.57 -21.52 -4.46
C ALA A 347 -30.08 -21.28 -4.58
N ARG A 348 -30.59 -21.56 -5.78
CA ARG A 348 -32.03 -21.57 -6.07
C ARG A 348 -32.64 -20.17 -6.01
N HIS A 349 -31.90 -19.17 -6.45
CA HIS A 349 -32.46 -17.83 -6.53
C HIS A 349 -32.20 -17.26 -7.92
N THR A 350 -32.76 -16.07 -8.16
CA THR A 350 -32.79 -15.47 -9.48
C THR A 350 -31.75 -14.38 -9.60
N PRO A 351 -30.83 -14.48 -10.56
CA PRO A 351 -29.95 -13.35 -10.85
C PRO A 351 -30.66 -12.34 -11.73
N SER A 352 -30.22 -11.10 -11.61
CA SER A 352 -30.63 -10.04 -12.52
C SER A 352 -29.40 -9.32 -13.05
N TRP A 353 -29.61 -8.60 -14.15
CA TRP A 353 -28.53 -8.01 -14.91
C TRP A 353 -28.99 -6.67 -15.43
N VAL A 354 -28.12 -5.67 -15.32
CA VAL A 354 -28.47 -4.30 -15.70
C VAL A 354 -27.21 -3.61 -16.18
N ALA A 355 -27.36 -2.74 -17.18
CA ALA A 355 -26.24 -2.05 -17.77
C ALA A 355 -26.32 -0.54 -17.66
N GLY A 356 -27.46 0.00 -17.24
CA GLY A 356 -27.61 1.44 -17.10
C GLY A 356 -28.77 1.70 -16.18
N SER A 357 -28.85 2.95 -15.72
CA SER A 357 -29.94 3.37 -14.85
C SER A 357 -29.94 4.90 -14.77
N HIS A 358 -30.89 5.44 -14.01
CA HIS A 358 -30.96 6.89 -13.81
C HIS A 358 -29.77 7.43 -13.03
N ASP A 359 -29.02 6.55 -12.38
CA ASP A 359 -27.85 6.96 -11.61
C ASP A 359 -26.54 6.79 -12.37
N HIS A 360 -26.57 6.33 -13.63
CA HIS A 360 -25.36 5.92 -14.31
C HIS A 360 -25.27 6.55 -15.70
N SER A 361 -24.03 6.87 -16.11
CA SER A 361 -23.80 7.33 -17.48
C SER A 361 -24.30 6.29 -18.48
N ARG A 362 -24.85 6.75 -19.59
CA ARG A 362 -25.46 5.86 -20.56
C ARG A 362 -24.43 4.92 -21.19
N VAL A 363 -24.89 3.71 -21.53
CA VAL A 363 -24.00 2.68 -22.08
C VAL A 363 -23.21 3.22 -23.26
N ALA A 364 -23.90 3.84 -24.21
CA ALA A 364 -23.24 4.33 -25.43
C ALA A 364 -22.10 5.29 -25.10
N SER A 365 -22.25 6.14 -24.07
CA SER A 365 -21.14 7.01 -23.69
C SER A 365 -20.09 6.28 -22.88
N ARG A 366 -20.49 5.29 -22.08
CA ARG A 366 -19.52 4.62 -21.22
C ARG A 366 -18.57 3.74 -22.02
N VAL A 367 -19.09 3.02 -23.02
CA VAL A 367 -18.30 2.02 -23.73
C VAL A 367 -18.20 2.29 -25.23
N GLY A 368 -18.98 3.21 -25.77
CA GLY A 368 -18.89 3.45 -27.20
C GLY A 368 -20.13 3.02 -27.95
N LEU A 369 -20.47 3.79 -28.98
CA LEU A 369 -21.61 3.44 -29.83
C LEU A 369 -21.45 2.08 -30.49
N ASP A 370 -20.21 1.66 -30.73
CA ASP A 370 -19.99 0.39 -31.41
C ASP A 370 -20.04 -0.79 -30.47
N ARG A 371 -20.40 -0.56 -29.20
CA ARG A 371 -20.49 -1.63 -28.23
C ARG A 371 -21.85 -1.75 -27.55
N VAL A 372 -22.79 -0.83 -27.78
CA VAL A 372 -24.12 -1.01 -27.19
C VAL A 372 -24.74 -2.33 -27.63
N ASP A 373 -24.47 -2.76 -28.86
CA ASP A 373 -25.15 -3.94 -29.38
C ASP A 373 -24.67 -5.21 -28.69
N GLN A 374 -23.37 -5.33 -28.43
CA GLN A 374 -22.95 -6.56 -27.77
C GLN A 374 -23.30 -6.56 -26.30
N VAL A 375 -23.38 -5.39 -25.66
CA VAL A 375 -23.88 -5.32 -24.29
C VAL A 375 -25.30 -5.88 -24.22
N MET A 376 -26.15 -5.46 -25.16
CA MET A 376 -27.51 -6.00 -25.24
C MET A 376 -27.50 -7.51 -25.39
N THR A 377 -26.71 -8.01 -26.34
CA THR A 377 -26.69 -9.44 -26.58
C THR A 377 -26.35 -10.18 -25.31
N LEU A 378 -25.37 -9.69 -24.55
CA LEU A 378 -25.02 -10.34 -23.29
C LEU A 378 -26.14 -10.18 -22.26
N LEU A 379 -26.59 -8.94 -22.05
CA LEU A 379 -27.63 -8.64 -21.07
C LEU A 379 -28.81 -9.61 -21.17
N HIS A 380 -29.29 -9.82 -22.38
CA HIS A 380 -30.55 -10.54 -22.56
C HIS A 380 -30.37 -12.04 -22.69
N THR A 381 -29.15 -12.57 -22.76
CA THR A 381 -29.02 -14.02 -22.81
C THR A 381 -28.43 -14.63 -21.54
N LEU A 382 -27.91 -13.81 -20.62
CA LEU A 382 -27.52 -14.32 -19.33
C LEU A 382 -28.77 -14.89 -18.63
N PRO A 383 -28.60 -15.89 -17.77
CA PRO A 383 -29.75 -16.45 -17.07
C PRO A 383 -30.45 -15.39 -16.23
N GLY A 384 -31.76 -15.52 -16.13
CA GLY A 384 -32.50 -14.68 -15.21
C GLY A 384 -33.14 -13.46 -15.84
N THR A 385 -33.15 -12.36 -15.10
CA THR A 385 -33.93 -11.17 -15.43
C THR A 385 -33.00 -10.07 -15.94
N SER A 386 -33.37 -9.44 -17.05
CA SER A 386 -32.62 -8.34 -17.62
C SER A 386 -33.37 -7.03 -17.39
N ILE A 387 -32.61 -5.96 -17.20
CA ILE A 387 -33.17 -4.65 -16.88
C ILE A 387 -32.59 -3.68 -17.88
N THR A 388 -33.46 -2.98 -18.61
CA THR A 388 -33.09 -2.02 -19.65
C THR A 388 -33.48 -0.62 -19.20
N TYR A 389 -32.54 0.32 -19.29
CA TYR A 389 -32.79 1.73 -18.99
C TYR A 389 -33.38 2.41 -20.22
N TYR A 390 -34.42 3.25 -20.00
CA TYR A 390 -35.10 3.88 -21.13
C TYR A 390 -34.10 4.56 -22.04
N GLY A 391 -34.24 4.33 -23.34
CA GLY A 391 -33.37 4.92 -24.32
C GLY A 391 -32.21 4.05 -24.72
N GLU A 392 -31.88 3.03 -23.94
CA GLU A 392 -30.84 2.10 -24.39
C GLU A 392 -31.23 1.45 -25.72
N GLU A 393 -32.53 1.27 -25.97
CA GLU A 393 -32.96 0.57 -27.19
C GLU A 393 -32.77 1.42 -28.45
N VAL A 394 -32.52 2.73 -28.33
CA VAL A 394 -32.16 3.51 -29.51
C VAL A 394 -30.76 4.09 -29.32
N ALA A 395 -29.94 3.45 -28.49
CA ALA A 395 -28.53 3.83 -28.31
C ALA A 395 -28.37 5.31 -27.92
N MET A 396 -29.20 5.76 -26.99
CA MET A 396 -29.09 7.12 -26.49
C MET A 396 -27.72 7.33 -25.82
N GLN A 397 -27.20 8.54 -25.96
CA GLN A 397 -25.94 8.97 -25.35
C GLN A 397 -26.19 10.05 -24.30
N ASP A 398 -25.26 10.15 -23.34
CA ASP A 398 -25.24 11.30 -22.43
C ASP A 398 -25.20 12.59 -23.22
N PHE A 399 -25.92 13.61 -22.76
CA PHE A 399 -25.78 14.97 -23.27
C PHE A 399 -25.20 15.80 -22.13
N LYS A 400 -23.87 15.82 -22.03
CA LYS A 400 -23.22 16.46 -20.90
C LYS A 400 -23.57 17.96 -20.84
N GLU A 401 -23.65 18.60 -22.00
CA GLU A 401 -23.88 20.04 -22.01
C GLU A 401 -25.27 20.41 -21.52
N ALA A 402 -26.16 19.43 -21.34
CA ALA A 402 -27.50 19.68 -20.85
C ALA A 402 -27.59 19.83 -19.34
N GLN A 403 -26.49 19.57 -18.62
CA GLN A 403 -26.54 19.55 -17.16
C GLN A 403 -26.94 20.92 -16.62
N GLN A 404 -27.93 20.92 -15.72
CA GLN A 404 -28.43 22.13 -15.07
C GLN A 404 -28.47 21.99 -13.56
N PHE A 405 -28.77 20.78 -13.08
CA PHE A 405 -29.15 20.59 -11.68
C PHE A 405 -28.32 19.55 -10.96
N ASP A 406 -27.77 18.59 -11.69
CA ASP A 406 -27.27 17.36 -11.09
C ASP A 406 -26.27 16.72 -12.04
N ASN A 407 -25.21 16.13 -11.48
CA ASN A 407 -24.23 15.44 -12.33
C ASN A 407 -24.84 14.28 -13.12
N ARG A 408 -26.02 13.81 -12.74
CA ARG A 408 -26.68 12.74 -13.47
C ARG A 408 -27.64 13.25 -14.53
N ASP A 409 -27.82 14.57 -14.64
CA ASP A 409 -28.63 15.12 -15.73
C ASP A 409 -28.26 14.56 -17.09
N PRO A 410 -26.98 14.42 -17.47
CA PRO A 410 -26.68 14.01 -18.85
C PRO A 410 -27.28 12.66 -19.24
N ASN A 411 -27.52 11.77 -18.28
CA ASN A 411 -28.10 10.48 -18.60
C ASN A 411 -29.60 10.45 -18.36
N ARG A 412 -30.23 11.61 -18.15
CA ARG A 412 -31.66 11.72 -17.93
C ARG A 412 -32.35 12.65 -18.94
N THR A 413 -31.78 12.83 -20.13
CA THR A 413 -32.39 13.70 -21.11
C THR A 413 -33.62 13.01 -21.72
N PRO A 414 -34.49 13.77 -22.38
CA PRO A 414 -35.77 13.20 -22.82
C PRO A 414 -35.60 12.02 -23.77
N MET A 415 -36.49 11.04 -23.61
CA MET A 415 -36.55 9.91 -24.54
C MET A 415 -36.70 10.41 -25.98
N GLN A 416 -36.05 9.71 -26.90
CA GLN A 416 -35.96 10.14 -28.30
C GLN A 416 -36.85 9.24 -29.16
N TRP A 417 -37.98 9.78 -29.57
CA TRP A 417 -39.07 9.05 -30.22
C TRP A 417 -39.08 9.19 -31.74
N ASP A 418 -38.78 10.38 -32.26
CA ASP A 418 -38.80 10.61 -33.70
C ASP A 418 -37.90 11.79 -34.00
N SER A 419 -37.95 12.27 -35.23
CA SER A 419 -37.16 13.41 -35.69
C SER A 419 -37.90 14.73 -35.60
N SER A 420 -39.09 14.75 -34.99
CA SER A 420 -39.85 15.97 -34.81
C SER A 420 -39.26 16.81 -33.67
N THR A 421 -39.84 17.99 -33.48
CA THR A 421 -39.39 18.91 -32.46
C THR A 421 -39.17 18.17 -31.13
N SER A 422 -38.02 18.40 -30.51
CA SER A 422 -37.70 17.77 -29.23
C SER A 422 -37.81 16.24 -29.28
N ALA A 423 -37.50 15.68 -30.46
CA ALA A 423 -37.47 14.24 -30.69
C ALA A 423 -38.82 13.58 -30.39
N GLY A 424 -39.91 14.32 -30.53
CA GLY A 424 -41.22 13.75 -30.25
C GLY A 424 -41.54 13.58 -28.78
N PHE A 425 -40.59 13.90 -27.89
CA PHE A 425 -40.86 13.84 -26.45
C PHE A 425 -41.90 14.88 -26.06
N SER A 426 -41.88 16.04 -26.72
CA SER A 426 -42.80 17.11 -26.38
C SER A 426 -43.06 17.96 -27.61
N THR A 427 -44.23 18.61 -27.64
CA THR A 427 -44.47 19.63 -28.66
C THR A 427 -43.74 20.92 -28.35
N ASN A 428 -43.30 21.08 -27.11
CA ASN A 428 -42.55 22.26 -26.69
C ASN A 428 -41.09 22.13 -27.11
N THR A 429 -40.52 23.21 -27.61
CA THR A 429 -39.11 23.18 -27.99
C THR A 429 -38.18 23.30 -26.79
N ASN A 430 -38.69 23.74 -25.64
CA ASN A 430 -37.89 23.86 -24.42
C ASN A 430 -38.32 22.76 -23.46
N THR A 431 -37.49 21.75 -23.32
CA THR A 431 -37.77 20.60 -22.47
C THR A 431 -37.01 20.74 -21.15
N TRP A 432 -37.44 19.98 -20.14
CA TRP A 432 -36.92 20.20 -18.79
C TRP A 432 -35.41 19.99 -18.73
N LEU A 433 -34.89 19.05 -19.51
CA LEU A 433 -33.49 19.04 -19.93
C LEU A 433 -33.45 18.99 -21.46
N ARG A 434 -32.39 19.53 -22.03
CA ARG A 434 -32.25 19.57 -23.48
C ARG A 434 -32.15 18.16 -24.05
N VAL A 435 -32.71 18.00 -25.25
CA VAL A 435 -32.63 16.75 -26.00
C VAL A 435 -31.26 16.64 -26.65
N HIS A 436 -30.72 15.42 -26.73
CA HIS A 436 -29.40 15.24 -27.31
C HIS A 436 -29.39 15.68 -28.77
N PRO A 437 -28.37 16.41 -29.21
CA PRO A 437 -28.43 17.05 -30.53
C PRO A 437 -28.49 16.09 -31.70
N ASP A 438 -28.10 14.83 -31.51
CA ASP A 438 -28.12 13.84 -32.57
C ASP A 438 -29.43 13.07 -32.63
N TYR A 439 -30.48 13.57 -31.98
CA TYR A 439 -31.70 12.79 -31.81
C TYR A 439 -32.33 12.39 -33.14
N ALA A 440 -32.09 13.16 -34.21
CA ALA A 440 -32.70 12.82 -35.49
C ALA A 440 -32.13 11.54 -36.08
N ARG A 441 -30.95 11.13 -35.66
CA ARG A 441 -30.42 9.83 -36.09
C ARG A 441 -30.71 8.72 -35.10
N TYR A 442 -30.91 9.03 -33.82
CA TYR A 442 -31.06 8.01 -32.77
C TYR A 442 -32.45 8.12 -32.15
N ASN A 443 -33.46 7.58 -32.83
CA ASN A 443 -34.81 7.66 -32.29
C ASN A 443 -35.62 6.46 -32.77
N VAL A 444 -36.76 6.25 -32.12
CA VAL A 444 -37.54 5.04 -32.37
C VAL A 444 -38.01 4.99 -33.83
N ASP A 445 -38.58 6.10 -34.31
CA ASP A 445 -39.15 6.10 -35.65
C ASP A 445 -38.09 5.82 -36.71
N VAL A 446 -36.94 6.50 -36.63
CA VAL A 446 -35.93 6.31 -37.67
C VAL A 446 -35.33 4.92 -37.56
N MET A 447 -35.08 4.45 -36.35
CA MET A 447 -34.47 3.12 -36.18
C MET A 447 -35.45 2.02 -36.56
N GLN A 448 -36.74 2.20 -36.29
CA GLN A 448 -37.69 1.17 -36.71
C GLN A 448 -37.66 0.96 -38.22
N LYS A 449 -37.41 2.02 -38.99
CA LYS A 449 -37.35 1.88 -40.45
C LYS A 449 -36.08 1.20 -40.95
N ASN A 450 -35.09 1.00 -40.08
CA ASN A 450 -33.82 0.44 -40.49
C ASN A 450 -33.67 -0.97 -39.91
N PRO A 451 -33.90 -2.02 -40.72
CA PRO A 451 -33.85 -3.39 -40.19
C PRO A 451 -32.54 -3.75 -39.53
N GLN A 452 -31.47 -3.00 -39.78
CA GLN A 452 -30.15 -3.28 -39.24
C GLN A 452 -29.79 -2.37 -38.08
N SER A 453 -30.76 -1.82 -37.37
CA SER A 453 -30.49 -0.87 -36.32
C SER A 453 -30.44 -1.54 -34.95
N THR A 454 -29.87 -0.80 -33.99
CA THR A 454 -29.85 -1.23 -32.60
C THR A 454 -31.26 -1.52 -32.10
N PHE A 455 -32.23 -0.70 -32.52
CA PHE A 455 -33.61 -0.90 -32.09
C PHE A 455 -34.13 -2.27 -32.51
N HIS A 456 -33.90 -2.64 -33.77
CA HIS A 456 -34.32 -3.97 -34.22
C HIS A 456 -33.53 -5.06 -33.50
N HIS A 457 -32.24 -4.81 -33.24
CA HIS A 457 -31.42 -5.77 -32.50
C HIS A 457 -32.00 -6.00 -31.12
N PHE A 458 -32.38 -4.91 -30.43
CA PHE A 458 -33.03 -5.02 -29.13
C PHE A 458 -34.28 -5.90 -29.22
N GLN A 459 -35.12 -5.66 -30.22
CA GLN A 459 -36.35 -6.43 -30.37
C GLN A 459 -36.06 -7.90 -30.69
N HIS A 460 -35.04 -8.18 -31.51
CA HIS A 460 -34.72 -9.57 -31.76
C HIS A 460 -34.38 -10.29 -30.47
N LEU A 461 -33.67 -9.60 -29.56
CA LEU A 461 -33.21 -10.24 -28.35
C LEU A 461 -34.35 -10.45 -27.36
N THR A 462 -35.21 -9.45 -27.17
CA THR A 462 -36.29 -9.62 -26.21
C THR A 462 -37.30 -10.64 -26.72
N LYS A 463 -37.44 -10.77 -28.06
CA LYS A 463 -38.25 -11.85 -28.61
C LYS A 463 -37.62 -13.21 -28.32
N LEU A 464 -36.28 -13.29 -28.42
CA LEU A 464 -35.58 -14.54 -28.11
C LEU A 464 -35.74 -14.92 -26.65
N ARG A 465 -35.84 -13.93 -25.74
CA ARG A 465 -35.99 -14.24 -24.32
C ARG A 465 -37.24 -15.07 -24.02
N ARG A 466 -38.22 -15.07 -24.92
CA ARG A 466 -39.42 -15.86 -24.68
C ARG A 466 -39.19 -17.35 -24.90
N HIS A 467 -38.15 -17.74 -25.62
CA HIS A 467 -37.86 -19.16 -25.83
C HIS A 467 -37.57 -19.84 -24.50
N ARG A 468 -38.18 -21.02 -24.29
CA ARG A 468 -38.03 -21.74 -23.03
C ARG A 468 -36.57 -21.96 -22.65
N THR A 469 -35.67 -22.13 -23.64
CA THR A 469 -34.27 -22.37 -23.30
C THR A 469 -33.66 -21.14 -22.66
N MET A 470 -34.06 -19.95 -23.11
CA MET A 470 -33.56 -18.72 -22.52
C MET A 470 -34.18 -18.47 -21.16
N GLN A 471 -35.48 -18.77 -21.02
CA GLN A 471 -36.18 -18.60 -19.76
C GLN A 471 -35.66 -19.55 -18.69
N SER A 472 -35.41 -20.81 -19.05
CA SER A 472 -35.28 -21.85 -18.05
C SER A 472 -34.07 -22.75 -18.23
N GLY A 473 -33.26 -22.53 -19.25
CA GLY A 473 -32.17 -23.43 -19.53
C GLY A 473 -30.96 -23.22 -18.63
N GLU A 474 -30.13 -24.25 -18.61
CA GLU A 474 -28.81 -24.17 -18.00
C GLU A 474 -27.99 -23.08 -18.70
N TYR A 475 -26.93 -22.63 -18.02
CA TYR A 475 -25.93 -21.82 -18.70
C TYR A 475 -24.56 -22.42 -18.51
N VAL A 476 -23.79 -22.43 -19.60
CA VAL A 476 -22.42 -22.93 -19.63
C VAL A 476 -21.62 -21.83 -20.32
N HIS A 477 -20.76 -21.14 -19.56
CA HIS A 477 -19.96 -20.11 -20.22
C HIS A 477 -18.48 -20.37 -20.09
N LYS A 478 -17.76 -19.86 -21.08
CA LYS A 478 -16.35 -20.15 -21.31
C LYS A 478 -15.69 -18.92 -21.92
N THR A 479 -14.37 -18.88 -21.80
CA THR A 479 -13.64 -18.07 -22.76
C THR A 479 -13.22 -18.93 -23.93
N VAL A 480 -12.91 -18.28 -25.05
CA VAL A 480 -12.40 -18.93 -26.25
C VAL A 480 -11.13 -18.18 -26.61
N GLY A 481 -10.06 -18.43 -25.87
CA GLY A 481 -8.99 -17.44 -25.80
C GLY A 481 -9.44 -16.28 -24.94
N THR A 482 -8.53 -15.40 -24.53
CA THR A 482 -8.86 -14.42 -23.52
C THR A 482 -9.70 -13.26 -24.06
N LYS A 483 -9.91 -13.18 -25.36
CA LYS A 483 -10.62 -12.05 -25.97
C LYS A 483 -12.06 -12.36 -26.36
N VAL A 484 -12.48 -13.62 -26.29
CA VAL A 484 -13.79 -14.03 -26.77
C VAL A 484 -14.54 -14.71 -25.64
N TYR A 485 -15.77 -14.25 -25.38
CA TYR A 485 -16.65 -14.79 -24.37
C TYR A 485 -17.78 -15.56 -25.04
N ALA A 486 -18.13 -16.73 -24.51
CA ALA A 486 -19.20 -17.52 -25.10
C ALA A 486 -20.09 -18.08 -23.99
N LEU A 487 -21.40 -18.04 -24.23
CA LEU A 487 -22.39 -18.39 -23.21
C LEU A 487 -23.41 -19.33 -23.85
N LEU A 488 -23.45 -20.59 -23.42
CA LEU A 488 -24.36 -21.58 -23.96
C LEU A 488 -25.58 -21.72 -23.04
N ARG A 489 -26.78 -21.66 -23.62
CA ARG A 489 -28.00 -21.94 -22.88
C ARG A 489 -28.59 -23.24 -23.43
N GLU A 490 -28.92 -24.19 -22.54
CA GLU A 490 -29.34 -25.50 -23.02
C GLU A 490 -30.42 -26.07 -22.11
N LEU A 491 -31.41 -26.71 -22.71
CA LEU A 491 -32.57 -27.23 -22.00
C LEU A 491 -32.98 -28.51 -22.70
N ARG A 492 -33.03 -29.63 -21.98
CA ARG A 492 -33.31 -30.89 -22.64
C ARG A 492 -34.66 -30.81 -23.36
N GLY A 493 -34.72 -31.39 -24.56
CA GLY A 493 -35.90 -31.32 -25.41
C GLY A 493 -36.05 -30.03 -26.21
N GLU A 494 -35.16 -29.07 -26.05
CA GLU A 494 -35.24 -27.79 -26.75
C GLU A 494 -33.94 -27.51 -27.48
N ASP A 495 -34.00 -26.62 -28.47
CA ASP A 495 -32.79 -26.17 -29.14
C ASP A 495 -31.87 -25.48 -28.15
N SER A 496 -30.58 -25.46 -28.48
CA SER A 496 -29.57 -24.79 -27.67
C SER A 496 -29.19 -23.47 -28.32
N PHE A 497 -28.76 -22.51 -27.51
CA PHE A 497 -28.39 -21.18 -28.00
C PHE A 497 -27.03 -20.80 -27.44
N LEU A 498 -26.16 -20.32 -28.31
CA LEU A 498 -24.80 -19.95 -27.93
C LEU A 498 -24.55 -18.49 -28.27
N THR A 499 -24.41 -17.67 -27.24
CA THR A 499 -23.98 -16.29 -27.37
C THR A 499 -22.46 -16.24 -27.49
N VAL A 500 -21.95 -15.47 -28.46
CA VAL A 500 -20.52 -15.26 -28.59
C VAL A 500 -20.28 -13.76 -28.70
N LEU A 501 -19.36 -13.24 -27.89
CA LEU A 501 -18.92 -11.84 -27.91
C LEU A 501 -17.44 -11.77 -28.22
N ASN A 502 -17.06 -10.90 -29.16
CA ASN A 502 -15.65 -10.57 -29.37
C ASN A 502 -15.33 -9.34 -28.54
N MET A 503 -14.53 -9.51 -27.49
CA MET A 503 -14.21 -8.37 -26.66
C MET A 503 -13.08 -7.51 -27.23
N ALA A 504 -12.49 -7.90 -28.35
CA ALA A 504 -11.44 -7.13 -29.00
C ALA A 504 -11.99 -6.33 -30.18
N GLY A 505 -11.30 -5.24 -30.50
CA GLY A 505 -11.73 -4.40 -31.60
C GLY A 505 -11.18 -4.83 -32.96
N ALA A 506 -10.77 -6.09 -33.08
CA ALA A 506 -10.21 -6.61 -34.32
C ALA A 506 -10.84 -7.95 -34.64
N GLU A 507 -10.88 -8.28 -35.93
CA GLU A 507 -11.50 -9.51 -36.40
C GLU A 507 -10.68 -10.72 -35.94
N ASP A 508 -11.40 -11.80 -35.62
CA ASP A 508 -10.74 -13.08 -35.37
C ASP A 508 -11.65 -14.19 -35.86
N THR A 509 -11.06 -15.37 -36.07
CA THR A 509 -11.81 -16.56 -36.43
C THR A 509 -11.46 -17.60 -35.39
N VAL A 510 -12.46 -18.07 -34.65
CA VAL A 510 -12.21 -18.87 -33.47
C VAL A 510 -12.87 -20.24 -33.59
N ASP A 511 -12.37 -21.16 -32.77
CA ASP A 511 -12.83 -22.55 -32.73
C ASP A 511 -13.59 -22.76 -31.42
N LEU A 512 -14.91 -22.93 -31.52
CA LEU A 512 -15.77 -23.09 -30.36
C LEU A 512 -15.86 -24.54 -29.89
N GLY A 513 -14.94 -25.40 -30.35
CA GLY A 513 -15.00 -26.82 -30.12
C GLY A 513 -14.91 -27.25 -28.67
N ASP A 514 -14.48 -26.38 -27.75
CA ASP A 514 -14.46 -26.76 -26.35
C ASP A 514 -15.87 -27.00 -25.81
N PHE A 515 -16.89 -26.41 -26.43
CA PHE A 515 -18.27 -26.80 -26.13
C PHE A 515 -18.52 -28.16 -26.74
N VAL A 516 -18.21 -29.19 -25.95
CA VAL A 516 -18.11 -30.56 -26.45
C VAL A 516 -19.39 -30.99 -27.15
N ASN A 517 -20.53 -30.60 -26.63
CA ASN A 517 -21.79 -31.16 -27.05
C ASN A 517 -22.48 -30.36 -28.13
N LEU A 518 -21.82 -29.33 -28.70
CA LEU A 518 -22.46 -28.62 -29.80
C LEU A 518 -22.09 -29.24 -31.14
N PRO A 519 -23.01 -29.23 -32.10
CA PRO A 519 -22.66 -29.72 -33.45
C PRO A 519 -21.73 -28.74 -34.16
N GLN A 520 -21.05 -29.26 -35.19
CA GLN A 520 -20.17 -28.41 -35.98
C GLN A 520 -20.92 -27.27 -36.65
N LYS A 521 -22.09 -27.54 -37.23
CA LYS A 521 -22.88 -26.53 -37.92
C LYS A 521 -23.95 -25.98 -36.98
N MET A 522 -24.05 -24.64 -36.91
CA MET A 522 -25.13 -24.00 -36.17
C MET A 522 -25.74 -22.90 -37.03
N ARG A 523 -26.96 -22.51 -36.67
CA ARG A 523 -27.68 -21.43 -37.34
C ARG A 523 -27.50 -20.12 -36.60
N VAL A 524 -27.36 -19.01 -37.34
CA VAL A 524 -27.27 -17.68 -36.73
C VAL A 524 -28.69 -17.24 -36.39
N GLU A 525 -29.06 -17.33 -35.11
CA GLU A 525 -30.37 -16.84 -34.67
C GLU A 525 -30.38 -15.32 -34.61
N VAL A 526 -29.30 -14.72 -34.16
CA VAL A 526 -29.20 -13.27 -34.00
C VAL A 526 -27.80 -12.86 -34.40
N ALA A 527 -27.69 -11.76 -35.15
CA ALA A 527 -26.40 -11.16 -35.39
C ALA A 527 -26.55 -9.65 -35.24
N GLN A 528 -25.59 -9.03 -34.56
CA GLN A 528 -25.70 -7.62 -34.25
C GLN A 528 -25.56 -6.78 -35.51
N PRO A 529 -25.99 -5.51 -35.45
CA PRO A 529 -25.99 -4.67 -36.66
C PRO A 529 -24.69 -4.70 -37.46
N ASN A 530 -23.55 -4.54 -36.81
CA ASN A 530 -22.27 -4.61 -37.49
C ASN A 530 -21.63 -5.92 -37.08
N SER A 531 -21.81 -6.95 -37.91
CA SER A 531 -21.40 -8.30 -37.57
C SER A 531 -20.83 -8.98 -38.80
N LYS A 532 -19.92 -9.93 -38.58
CA LYS A 532 -19.46 -10.78 -39.68
C LYS A 532 -20.41 -11.94 -39.96
N SER A 533 -21.46 -12.10 -39.18
CA SER A 533 -22.51 -13.06 -39.46
C SER A 533 -23.79 -12.34 -39.88
N LYS A 534 -24.74 -13.12 -40.37
CA LYS A 534 -26.05 -12.60 -40.75
C LYS A 534 -27.11 -13.58 -40.28
N ALA A 535 -28.15 -13.06 -39.63
CA ALA A 535 -29.21 -13.90 -39.11
C ALA A 535 -29.78 -14.79 -40.21
N GLY A 536 -29.93 -16.07 -39.91
CA GLY A 536 -30.50 -17.02 -40.84
C GLY A 536 -29.48 -17.80 -41.65
N ASN A 537 -28.21 -17.39 -41.62
CA ASN A 537 -27.17 -18.16 -42.27
C ASN A 537 -26.72 -19.29 -41.35
N GLU A 538 -26.01 -20.26 -41.92
CA GLU A 538 -25.34 -21.26 -41.12
C GLU A 538 -23.85 -20.93 -41.01
N VAL A 539 -23.27 -21.31 -39.88
CA VAL A 539 -21.84 -21.13 -39.66
C VAL A 539 -21.25 -22.44 -39.21
N ASP A 540 -19.93 -22.53 -39.34
CA ASP A 540 -19.14 -23.66 -38.87
C ASP A 540 -18.41 -23.18 -37.62
N ILE A 541 -18.81 -23.70 -36.46
CA ILE A 541 -18.32 -23.15 -35.21
C ILE A 541 -16.88 -23.57 -34.93
N SER A 542 -16.26 -24.38 -35.77
CA SER A 542 -14.82 -24.58 -35.63
C SER A 542 -14.03 -23.44 -36.28
N LYS A 543 -14.71 -22.59 -37.04
CA LYS A 543 -14.11 -21.46 -37.73
C LYS A 543 -15.17 -20.34 -37.80
N LEU A 544 -15.55 -19.82 -36.65
CA LEU A 544 -16.52 -18.72 -36.59
C LEU A 544 -15.78 -17.40 -36.69
N THR A 545 -16.08 -16.63 -37.72
CA THR A 545 -15.42 -15.33 -37.90
C THR A 545 -16.24 -14.28 -37.16
N LEU A 546 -15.56 -13.54 -36.27
CA LEU A 546 -16.18 -12.48 -35.50
C LEU A 546 -15.54 -11.16 -35.89
N GLY A 547 -16.37 -10.18 -36.24
CA GLY A 547 -15.85 -8.86 -36.49
C GLY A 547 -15.48 -8.14 -35.21
N PRO A 548 -14.98 -6.91 -35.36
CA PRO A 548 -14.66 -6.09 -34.17
C PRO A 548 -15.89 -5.91 -33.29
N TYR A 549 -15.71 -6.22 -32.00
CA TYR A 549 -16.78 -6.12 -30.99
C TYR A 549 -18.05 -6.83 -31.46
N ASP A 550 -17.88 -7.94 -32.18
CA ASP A 550 -19.02 -8.70 -32.69
C ASP A 550 -19.81 -9.31 -31.54
N SER A 551 -21.10 -9.55 -31.80
CA SER A 551 -21.90 -10.44 -30.98
C SER A 551 -22.93 -11.17 -31.85
N VAL A 552 -23.10 -12.45 -31.55
CA VAL A 552 -24.03 -13.32 -32.27
C VAL A 552 -24.68 -14.26 -31.26
N VAL A 553 -25.85 -14.75 -31.61
CA VAL A 553 -26.47 -15.86 -30.91
C VAL A 553 -26.73 -16.95 -31.94
N LEU A 554 -26.07 -18.08 -31.75
CA LEU A 554 -26.15 -19.23 -32.62
C LEU A 554 -27.10 -20.27 -32.03
N ARG A 555 -27.73 -21.04 -32.91
CA ARG A 555 -28.75 -22.00 -32.52
C ARG A 555 -28.39 -23.37 -33.08
N ALA A 556 -28.70 -24.41 -32.31
CA ALA A 556 -28.49 -25.76 -32.80
C ALA A 556 -29.56 -26.67 -32.21
N THR A 557 -29.98 -27.68 -32.99
CA THR A 557 -30.78 -28.77 -32.44
C THR A 557 -29.83 -29.89 -32.03
N VAL A 558 -29.84 -30.22 -30.74
CA VAL A 558 -28.98 -31.24 -30.17
C VAL A 558 -29.83 -32.50 -29.99
N SER B 28 -2.83 -44.77 -29.21
CA SER B 28 -3.75 -43.66 -29.06
C SER B 28 -3.05 -42.31 -29.05
N LYS B 29 -3.40 -41.45 -30.02
CA LYS B 29 -2.70 -40.17 -30.19
C LYS B 29 -3.14 -39.11 -29.20
N ASP B 30 -4.25 -39.32 -28.48
CA ASP B 30 -4.71 -38.33 -27.53
C ASP B 30 -4.67 -38.85 -26.10
N TRP B 31 -3.76 -39.79 -25.81
CA TRP B 31 -3.64 -40.31 -24.46
C TRP B 31 -3.40 -39.21 -23.44
N TYR B 32 -2.66 -38.16 -23.82
CA TYR B 32 -2.33 -37.10 -22.87
C TYR B 32 -3.52 -36.23 -22.52
N GLN B 33 -4.65 -36.34 -23.25
CA GLN B 33 -5.79 -35.47 -23.00
C GLN B 33 -6.61 -35.88 -21.79
N HIS B 34 -6.41 -37.09 -21.29
CA HIS B 34 -7.11 -37.57 -20.11
C HIS B 34 -6.25 -38.58 -19.40
N ALA B 35 -4.95 -38.31 -19.32
CA ALA B 35 -4.01 -39.21 -18.67
C ALA B 35 -4.26 -39.24 -17.17
N THR B 36 -3.91 -40.35 -16.56
CA THR B 36 -3.96 -40.49 -15.11
C THR B 36 -2.51 -40.67 -14.66
N PHE B 37 -1.88 -39.55 -14.29
CA PHE B 37 -0.45 -39.47 -14.07
C PHE B 37 -0.08 -39.79 -12.63
N TYR B 38 1.14 -40.33 -12.46
CA TYR B 38 1.67 -40.65 -11.14
C TYR B 38 3.13 -40.23 -11.11
N GLN B 39 3.52 -39.39 -10.15
CA GLN B 39 4.90 -38.93 -10.04
C GLN B 39 5.68 -39.85 -9.13
N ILE B 40 6.71 -40.48 -9.68
CA ILE B 40 7.64 -41.32 -8.93
C ILE B 40 8.90 -40.53 -8.62
N TYR B 41 9.30 -40.54 -7.34
CA TYR B 41 10.56 -39.99 -6.84
C TYR B 41 11.52 -41.16 -6.66
N PRO B 42 12.47 -41.40 -7.58
CA PRO B 42 13.19 -42.69 -7.59
C PRO B 42 13.87 -43.04 -6.29
N ARG B 43 14.40 -42.05 -5.56
CA ARG B 43 15.11 -42.33 -4.30
C ARG B 43 14.17 -42.87 -3.22
N SER B 44 12.86 -42.66 -3.34
CA SER B 44 11.95 -42.93 -2.25
C SER B 44 10.85 -43.94 -2.58
N PHE B 45 10.88 -44.56 -3.76
CA PHE B 45 9.75 -45.41 -4.14
C PHE B 45 9.89 -46.84 -3.62
N LEU B 46 10.96 -47.55 -4.02
CA LEU B 46 11.15 -48.91 -3.55
C LEU B 46 12.62 -49.25 -3.61
N ASP B 47 13.18 -49.70 -2.48
CA ASP B 47 14.56 -50.15 -2.38
C ASP B 47 14.56 -51.65 -2.60
N SER B 48 15.32 -52.11 -3.59
CA SER B 48 15.29 -53.52 -3.93
C SER B 48 16.55 -54.26 -3.50
N ASN B 49 17.54 -53.58 -2.90
CA ASN B 49 18.80 -54.23 -2.53
C ASN B 49 19.25 -53.91 -1.10
N GLY B 50 18.40 -53.32 -0.29
CA GLY B 50 18.71 -53.20 1.13
C GLY B 50 19.69 -52.12 1.52
N ASP B 51 20.00 -51.17 0.65
CA ASP B 51 20.87 -50.07 1.05
C ASP B 51 20.10 -48.87 1.59
N GLY B 52 18.77 -48.98 1.72
CA GLY B 52 17.99 -47.87 2.21
C GLY B 52 17.65 -46.82 1.18
N ILE B 53 18.02 -47.02 -0.08
CA ILE B 53 17.83 -46.05 -1.16
C ILE B 53 16.94 -46.67 -2.23
N GLY B 54 15.91 -45.97 -2.68
CA GLY B 54 15.12 -46.48 -3.79
C GLY B 54 15.95 -46.67 -5.04
N ASP B 55 15.54 -47.59 -5.91
CA ASP B 55 16.29 -47.82 -7.14
C ASP B 55 15.35 -48.17 -8.29
N LEU B 56 15.92 -48.23 -9.49
CA LEU B 56 15.11 -48.45 -10.68
C LEU B 56 14.47 -49.83 -10.68
N ALA B 57 15.21 -50.86 -10.26
CA ALA B 57 14.61 -52.19 -10.18
C ALA B 57 13.41 -52.20 -9.24
N GLY B 58 13.46 -51.40 -8.16
CA GLY B 58 12.31 -51.30 -7.29
C GLY B 58 11.10 -50.73 -8.01
N ILE B 59 11.31 -49.66 -8.78
CA ILE B 59 10.21 -49.10 -9.56
C ILE B 59 9.67 -50.12 -10.55
N THR B 60 10.58 -50.80 -11.26
CA THR B 60 10.15 -51.77 -12.26
C THR B 60 9.20 -52.80 -11.64
N SER B 61 9.48 -53.21 -10.41
CA SER B 61 8.67 -54.24 -9.78
C SER B 61 7.32 -53.73 -9.31
N LYS B 62 7.04 -52.43 -9.42
CA LYS B 62 5.77 -51.87 -8.96
C LYS B 62 4.97 -51.24 -10.10
N MET B 63 5.37 -51.43 -11.36
CA MET B 63 4.56 -50.86 -12.45
C MET B 63 3.22 -51.59 -12.60
N LYS B 64 3.17 -52.88 -12.22
CA LYS B 64 1.89 -53.56 -12.14
C LYS B 64 1.01 -52.98 -11.05
N TYR B 65 1.60 -52.67 -9.89
CA TYR B 65 0.86 -51.98 -8.83
C TYR B 65 0.24 -50.70 -9.38
N LEU B 66 1.03 -49.92 -10.12
CA LEU B 66 0.53 -48.64 -10.67
C LEU B 66 -0.62 -48.86 -11.65
N ALA B 67 -0.45 -49.79 -12.61
CA ALA B 67 -1.57 -50.10 -13.50
C ALA B 67 -2.77 -50.61 -12.72
N ASP B 68 -2.52 -51.39 -11.66
CA ASP B 68 -3.61 -51.92 -10.84
C ASP B 68 -4.45 -50.81 -10.20
N ILE B 69 -3.86 -49.65 -9.87
CA ILE B 69 -4.62 -48.59 -9.23
C ILE B 69 -5.08 -47.54 -10.24
N GLY B 70 -5.05 -47.85 -11.54
CA GLY B 70 -5.57 -46.98 -12.57
C GLY B 70 -4.61 -45.97 -13.16
N ILE B 71 -3.30 -46.10 -12.90
CA ILE B 71 -2.31 -45.17 -13.45
C ILE B 71 -1.98 -45.59 -14.88
N ASP B 72 -2.00 -44.63 -15.82
CA ASP B 72 -1.53 -44.95 -17.17
C ASP B 72 -0.39 -44.06 -17.64
N ALA B 73 0.22 -43.28 -16.76
CA ALA B 73 1.32 -42.43 -17.16
C ALA B 73 2.09 -42.09 -15.91
N THR B 74 3.41 -42.09 -16.03
CA THR B 74 4.26 -41.76 -14.90
C THR B 74 5.17 -40.60 -15.26
N TRP B 75 5.42 -39.76 -14.27
CA TRP B 75 6.43 -38.72 -14.32
C TRP B 75 7.58 -39.23 -13.45
N LEU B 76 8.71 -39.53 -14.06
CA LEU B 76 9.89 -40.00 -13.33
C LEU B 76 10.80 -38.81 -12.99
N SER B 77 10.93 -38.49 -11.71
CA SER B 77 11.88 -37.48 -11.27
C SER B 77 13.29 -37.92 -11.66
N PRO B 78 14.22 -36.97 -11.83
CA PRO B 78 15.47 -37.25 -12.54
C PRO B 78 16.27 -38.34 -11.86
N PRO B 79 16.52 -39.45 -12.57
CA PRO B 79 17.40 -40.52 -12.06
C PRO B 79 18.84 -40.40 -12.56
N PHE B 80 19.22 -39.28 -13.14
CA PHE B 80 20.52 -39.12 -13.76
C PHE B 80 21.63 -38.98 -12.72
N LYS B 81 22.86 -39.22 -13.17
CA LYS B 81 24.02 -39.07 -12.29
C LYS B 81 24.05 -37.66 -11.70
N SER B 82 24.23 -37.60 -10.38
CA SER B 82 24.03 -36.33 -9.71
C SER B 82 24.76 -36.35 -8.38
N PRO B 83 25.46 -35.27 -8.01
CA PRO B 83 26.03 -35.21 -6.65
C PRO B 83 24.99 -35.03 -5.57
N LEU B 84 23.72 -34.84 -5.96
CA LEU B 84 22.56 -34.76 -5.07
C LEU B 84 22.51 -33.48 -4.25
N LYS B 85 23.18 -32.41 -4.67
CA LYS B 85 22.96 -31.14 -3.98
C LYS B 85 21.52 -30.64 -4.16
N ASP B 86 20.86 -31.04 -5.25
CA ASP B 86 19.43 -30.79 -5.46
C ASP B 86 18.76 -32.10 -5.88
N PHE B 87 19.28 -33.21 -5.39
CA PHE B 87 18.75 -34.57 -5.54
C PHE B 87 18.20 -34.87 -6.93
N GLY B 88 19.09 -34.92 -7.92
CA GLY B 88 18.76 -35.26 -9.28
C GLY B 88 18.62 -34.05 -10.19
N TYR B 89 18.29 -32.90 -9.64
CA TYR B 89 18.15 -31.71 -10.47
C TYR B 89 19.47 -30.97 -10.67
N ASP B 90 20.56 -31.45 -10.06
CA ASP B 90 21.93 -31.05 -10.39
C ASP B 90 22.60 -32.25 -11.06
N VAL B 91 22.60 -32.27 -12.39
CA VAL B 91 22.99 -33.45 -13.17
C VAL B 91 24.45 -33.34 -13.59
N SER B 92 25.25 -34.37 -13.28
CA SER B 92 26.64 -34.40 -13.70
C SER B 92 26.86 -35.20 -14.97
N ASP B 93 25.83 -35.88 -15.48
CA ASP B 93 25.95 -36.61 -16.74
C ASP B 93 24.52 -36.87 -17.21
N PHE B 94 24.06 -36.13 -18.23
CA PHE B 94 22.68 -36.23 -18.68
C PHE B 94 22.37 -37.53 -19.40
N TYR B 95 23.37 -38.39 -19.62
CA TYR B 95 23.21 -39.62 -20.39
C TYR B 95 23.30 -40.86 -19.52
N ALA B 96 23.55 -40.70 -18.22
CA ALA B 96 23.86 -41.81 -17.33
C ALA B 96 22.94 -41.82 -16.13
N ILE B 97 22.74 -42.99 -15.59
CA ILE B 97 21.91 -43.20 -14.41
C ILE B 97 22.78 -43.12 -13.18
N GLN B 98 22.27 -42.47 -12.14
CA GLN B 98 22.94 -42.46 -10.86
C GLN B 98 23.21 -43.90 -10.41
N PRO B 99 24.44 -44.23 -10.01
CA PRO B 99 24.78 -45.65 -9.78
C PRO B 99 23.94 -46.33 -8.72
N GLU B 100 23.63 -45.66 -7.61
CA GLU B 100 22.79 -46.35 -6.63
C GLU B 100 21.38 -46.65 -7.17
N TYR B 101 20.92 -45.94 -8.22
CA TYR B 101 19.64 -46.28 -8.81
C TYR B 101 19.76 -47.40 -9.84
N GLY B 102 20.96 -47.67 -10.34
CA GLY B 102 21.17 -48.74 -11.30
C GLY B 102 21.91 -48.25 -12.53
N ASN B 103 21.70 -48.90 -13.68
CA ASN B 103 22.36 -48.50 -14.91
C ASN B 103 21.38 -48.41 -16.06
N LEU B 104 21.89 -48.19 -17.28
CA LEU B 104 21.02 -47.98 -18.44
C LEU B 104 20.24 -49.24 -18.80
N THR B 105 20.77 -50.44 -18.48
CA THR B 105 19.98 -51.63 -18.73
C THR B 105 18.83 -51.75 -17.73
N ASP B 106 19.01 -51.27 -16.49
CA ASP B 106 17.88 -51.19 -15.57
C ASP B 106 16.86 -50.20 -16.07
N PHE B 107 17.32 -49.07 -16.60
CA PHE B 107 16.39 -48.09 -17.16
C PHE B 107 15.55 -48.72 -18.25
N ASP B 108 16.21 -49.40 -19.19
CA ASP B 108 15.50 -50.06 -20.29
C ASP B 108 14.47 -51.05 -19.75
N LYS B 109 14.82 -51.79 -18.69
CA LYS B 109 13.88 -52.74 -18.13
C LYS B 109 12.66 -52.04 -17.53
N LEU B 110 12.85 -50.83 -16.99
CA LEU B 110 11.74 -50.08 -16.44
C LEU B 110 10.81 -49.60 -17.55
N VAL B 111 11.40 -49.07 -18.62
CA VAL B 111 10.63 -48.65 -19.79
C VAL B 111 9.82 -49.81 -20.35
N GLU B 112 10.46 -50.98 -20.51
CA GLU B 112 9.74 -52.11 -21.08
C GLU B 112 8.59 -52.55 -20.17
N GLU B 113 8.84 -52.58 -18.86
CA GLU B 113 7.77 -53.01 -17.95
C GLU B 113 6.69 -51.95 -17.83
N SER B 114 7.07 -50.68 -17.89
CA SER B 114 6.07 -49.62 -17.97
C SER B 114 5.12 -49.86 -19.14
N HIS B 115 5.68 -50.01 -20.34
CA HIS B 115 4.84 -50.18 -21.53
C HIS B 115 4.03 -51.47 -21.46
N LYS B 116 4.61 -52.53 -20.91
CA LYS B 116 3.87 -53.79 -20.80
C LYS B 116 2.61 -53.63 -19.97
N ASN B 117 2.62 -52.71 -19.01
CA ASN B 117 1.47 -52.41 -18.18
C ASN B 117 0.62 -51.27 -18.72
N GLY B 118 0.90 -50.83 -19.94
CA GLY B 118 0.15 -49.75 -20.54
C GLY B 118 0.45 -48.38 -20.00
N ILE B 119 1.63 -48.16 -19.45
CA ILE B 119 1.97 -46.92 -18.76
C ILE B 119 2.98 -46.14 -19.59
N LYS B 120 2.67 -44.89 -19.89
CA LYS B 120 3.61 -43.98 -20.51
C LYS B 120 4.61 -43.51 -19.48
N LEU B 121 5.84 -43.26 -19.91
CA LEU B 121 6.88 -42.80 -19.02
C LEU B 121 7.36 -41.43 -19.50
N MET B 122 7.12 -40.41 -18.69
CA MET B 122 7.58 -39.06 -18.96
C MET B 122 8.80 -38.80 -18.09
N LEU B 123 9.90 -38.44 -18.72
CA LEU B 123 11.17 -38.25 -18.06
C LEU B 123 11.37 -36.77 -17.73
N ASP B 124 11.78 -36.50 -16.50
CA ASP B 124 12.18 -35.14 -16.16
C ASP B 124 13.40 -34.76 -16.99
N PHE B 125 13.33 -33.59 -17.62
CA PHE B 125 14.39 -33.06 -18.46
C PHE B 125 14.85 -31.76 -17.80
N ILE B 126 16.16 -31.60 -17.63
CA ILE B 126 16.68 -30.50 -16.81
C ILE B 126 17.47 -29.54 -17.68
N PRO B 127 16.82 -28.63 -18.41
CA PRO B 127 17.54 -27.86 -19.42
C PRO B 127 18.35 -26.68 -18.89
N ASN B 128 17.97 -26.11 -17.75
CA ASN B 128 18.53 -24.79 -17.43
C ASN B 128 19.99 -24.82 -16.98
N HIS B 129 20.48 -25.94 -16.46
CA HIS B 129 21.73 -25.93 -15.71
C HIS B 129 22.20 -27.36 -15.54
N SER B 130 23.50 -27.50 -15.29
CA SER B 130 24.10 -28.77 -14.94
C SER B 130 24.68 -28.63 -13.53
N SER B 131 25.10 -29.75 -12.97
CA SER B 131 25.90 -29.68 -11.76
C SER B 131 27.25 -29.05 -12.10
N ASP B 132 27.85 -28.39 -11.10
CA ASP B 132 29.23 -27.92 -11.28
C ASP B 132 30.24 -29.05 -11.29
N GLN B 133 29.82 -30.30 -11.11
CA GLN B 133 30.69 -31.45 -11.29
C GLN B 133 30.54 -32.09 -12.66
N HIS B 134 29.62 -31.59 -13.50
CA HIS B 134 29.56 -32.04 -14.87
C HIS B 134 30.89 -31.77 -15.55
N GLU B 135 31.34 -32.73 -16.36
CA GLU B 135 32.58 -32.58 -17.13
C GLU B 135 32.60 -31.28 -17.90
N TRP B 136 31.46 -30.89 -18.48
CA TRP B 136 31.42 -29.65 -19.25
C TRP B 136 31.85 -28.46 -18.40
N PHE B 137 31.35 -28.38 -17.17
CA PHE B 137 31.68 -27.21 -16.34
C PHE B 137 33.11 -27.29 -15.85
N VAL B 138 33.57 -28.51 -15.50
CA VAL B 138 34.95 -28.69 -15.11
C VAL B 138 35.87 -28.18 -16.21
N LYS B 139 35.58 -28.57 -17.45
CA LYS B 139 36.36 -28.11 -18.58
C LYS B 139 36.18 -26.63 -18.83
N SER B 140 34.96 -26.11 -18.60
CA SER B 140 34.71 -24.69 -18.86
C SER B 140 35.46 -23.83 -17.84
N VAL B 141 35.60 -24.30 -16.60
CA VAL B 141 36.39 -23.57 -15.62
C VAL B 141 37.83 -23.37 -16.13
N VAL B 142 38.43 -24.40 -16.73
CA VAL B 142 39.82 -24.29 -17.14
C VAL B 142 39.93 -23.78 -18.57
N ARG B 143 38.84 -23.20 -19.08
CA ARG B 143 38.81 -22.55 -20.40
C ARG B 143 39.15 -23.52 -21.53
N ASP B 144 38.73 -24.76 -21.40
CA ASP B 144 38.73 -25.67 -22.54
C ASP B 144 37.90 -25.02 -23.64
N PRO B 145 38.43 -24.85 -24.86
CA PRO B 145 37.66 -24.15 -25.89
C PRO B 145 36.41 -24.89 -26.33
N GLU B 146 36.35 -26.20 -26.12
CA GLU B 146 35.14 -26.97 -26.45
C GLU B 146 33.97 -26.55 -25.58
N TYR B 147 34.22 -26.22 -24.30
CA TYR B 147 33.15 -26.02 -23.32
C TYR B 147 33.18 -24.69 -22.61
N SER B 148 34.18 -23.84 -22.89
CA SER B 148 34.26 -22.56 -22.21
C SER B 148 32.94 -21.79 -22.30
N ASP B 149 32.35 -21.79 -23.49
CA ASP B 149 31.14 -21.00 -23.72
C ASP B 149 29.87 -21.81 -23.49
N PHE B 150 29.98 -22.98 -22.85
CA PHE B 150 28.78 -23.72 -22.47
C PHE B 150 28.09 -23.09 -21.27
N TYR B 151 28.77 -22.23 -20.52
CA TYR B 151 28.22 -21.57 -19.35
C TYR B 151 28.36 -20.06 -19.51
N VAL B 152 27.81 -19.32 -18.56
CA VAL B 152 27.69 -17.86 -18.67
C VAL B 152 28.74 -17.25 -17.75
N TRP B 153 29.81 -16.73 -18.36
CA TRP B 153 30.95 -16.16 -17.65
C TRP B 153 31.07 -14.69 -17.98
N ARG B 154 31.22 -13.86 -16.96
CA ARG B 154 31.43 -12.43 -17.14
C ARG B 154 32.50 -11.93 -16.18
N PRO B 155 33.26 -10.91 -16.57
CA PRO B 155 34.22 -10.29 -15.63
C PRO B 155 33.50 -9.63 -14.48
N PRO B 156 34.19 -9.36 -13.37
CA PRO B 156 33.56 -8.59 -12.29
C PRO B 156 33.19 -7.21 -12.81
N ALA B 157 32.20 -6.61 -12.17
CA ALA B 157 31.84 -5.23 -12.49
C ALA B 157 33.04 -4.31 -12.32
N THR B 158 33.01 -3.18 -13.03
CA THR B 158 34.05 -2.19 -12.86
C THR B 158 34.05 -1.71 -11.41
N GLY B 159 35.24 -1.70 -10.81
CA GLY B 159 35.37 -1.49 -9.38
C GLY B 159 35.20 -2.74 -8.54
N GLY B 160 34.87 -3.87 -9.14
CA GLY B 160 34.74 -5.12 -8.42
C GLY B 160 33.29 -5.50 -8.17
N GLY B 161 33.10 -6.75 -7.73
CA GLY B 161 31.79 -7.25 -7.45
C GLY B 161 31.21 -7.97 -8.65
N PRO B 162 30.04 -8.59 -8.48
CA PRO B 162 29.46 -9.40 -9.55
C PRO B 162 29.11 -8.55 -10.77
N PRO B 163 28.98 -9.17 -11.94
CA PRO B 163 28.66 -8.44 -13.18
C PRO B 163 27.45 -7.52 -13.09
N ASN B 164 26.41 -7.90 -12.33
CA ASN B 164 25.21 -7.11 -12.17
C ASN B 164 24.53 -7.56 -10.87
N ASN B 165 23.30 -7.09 -10.64
CA ASN B 165 22.67 -7.22 -9.34
C ASN B 165 21.78 -8.46 -9.22
N TRP B 166 21.80 -9.36 -10.20
CA TRP B 166 20.86 -10.49 -10.18
C TRP B 166 21.05 -11.34 -8.94
N ILE B 167 19.93 -11.88 -8.45
CA ILE B 167 19.88 -12.62 -7.20
C ILE B 167 19.39 -14.03 -7.48
N SER B 168 20.06 -15.02 -6.89
CA SER B 168 19.67 -16.41 -7.07
C SER B 168 18.25 -16.64 -6.55
N VAL B 169 17.56 -17.63 -7.16
CA VAL B 169 16.24 -18.04 -6.68
C VAL B 169 16.30 -18.39 -5.21
N PHE B 170 17.39 -19.04 -4.79
CA PHE B 170 17.55 -19.48 -3.42
C PHE B 170 18.28 -18.44 -2.55
N GLY B 171 18.24 -17.17 -2.93
CA GLY B 171 18.84 -16.11 -2.15
C GLY B 171 20.32 -15.93 -2.47
N GLY B 172 20.81 -14.71 -2.18
CA GLY B 172 22.18 -14.34 -2.50
C GLY B 172 22.37 -14.08 -3.98
N SER B 173 23.60 -13.69 -4.32
CA SER B 173 23.93 -13.35 -5.69
C SER B 173 23.71 -14.54 -6.61
N ALA B 174 23.24 -14.26 -7.84
CA ALA B 174 23.19 -15.25 -8.90
C ALA B 174 24.55 -15.50 -9.54
N TRP B 175 25.60 -14.83 -9.06
CA TRP B 175 26.94 -14.96 -9.61
C TRP B 175 27.88 -15.50 -8.56
N THR B 176 28.81 -16.36 -8.99
CA THR B 176 29.83 -16.92 -8.12
C THR B 176 31.18 -16.74 -8.79
N TYR B 177 32.14 -16.18 -8.04
CA TYR B 177 33.46 -15.91 -8.57
C TYR B 177 34.26 -17.20 -8.66
N ASN B 178 35.09 -17.29 -9.70
CA ASN B 178 36.08 -18.37 -9.84
C ASN B 178 37.44 -17.72 -10.06
N GLN B 179 38.35 -17.89 -9.10
CA GLN B 179 39.63 -17.20 -9.20
C GLN B 179 40.47 -17.71 -10.36
N ALA B 180 40.36 -19.00 -10.68
CA ALA B 180 41.15 -19.55 -11.79
C ALA B 180 40.85 -18.81 -13.09
N ARG B 181 39.56 -18.59 -13.39
CA ARG B 181 39.21 -17.80 -14.55
C ARG B 181 39.24 -16.30 -14.28
N GLY B 182 39.13 -15.89 -13.02
CA GLY B 182 39.02 -14.48 -12.74
C GLY B 182 37.73 -13.89 -13.25
N GLU B 183 36.67 -14.69 -13.32
CA GLU B 183 35.36 -14.27 -13.78
C GLU B 183 34.30 -14.90 -12.90
N TYR B 184 33.08 -14.37 -12.97
CA TYR B 184 31.92 -14.94 -12.32
C TYR B 184 31.13 -15.79 -13.31
N TYR B 185 30.57 -16.90 -12.84
CA TYR B 185 29.61 -17.66 -13.62
C TYR B 185 28.21 -17.50 -13.03
N LEU B 186 27.21 -17.63 -13.90
CA LEU B 186 25.82 -17.43 -13.51
C LEU B 186 25.19 -18.72 -13.03
N HIS B 187 24.44 -18.62 -11.93
CA HIS B 187 23.57 -19.69 -11.46
C HIS B 187 22.31 -19.05 -10.93
N GLN B 188 21.17 -19.28 -11.60
CA GLN B 188 19.94 -18.76 -11.04
C GLN B 188 19.49 -19.57 -9.83
N PHE B 189 19.94 -20.81 -9.72
CA PHE B 189 19.65 -21.66 -8.57
C PHE B 189 20.92 -21.71 -7.69
N THR B 190 21.35 -22.87 -7.19
CA THR B 190 22.48 -22.94 -6.28
C THR B 190 23.78 -22.72 -7.04
N PRO B 191 24.87 -22.36 -6.34
CA PRO B 191 26.17 -22.25 -7.02
C PRO B 191 26.65 -23.56 -7.60
N GLN B 192 26.08 -24.67 -7.16
CA GLN B 192 26.36 -25.99 -7.71
C GLN B 192 25.48 -26.31 -8.91
N GLN B 193 24.75 -25.33 -9.42
CA GLN B 193 23.92 -25.52 -10.62
C GLN B 193 24.20 -24.41 -11.62
N PRO B 194 25.39 -24.38 -12.21
CA PRO B 194 25.70 -23.33 -13.20
C PRO B 194 24.78 -23.39 -14.41
N ASP B 195 24.25 -22.23 -14.78
CA ASP B 195 23.33 -22.11 -15.90
C ASP B 195 24.01 -22.43 -17.23
N LEU B 196 23.36 -23.23 -18.06
CA LEU B 196 23.85 -23.46 -19.41
C LEU B 196 23.53 -22.27 -20.31
N ASN B 197 24.41 -22.04 -21.28
CA ASN B 197 24.39 -20.85 -22.14
C ASN B 197 23.66 -21.17 -23.44
N TYR B 198 22.35 -20.94 -23.45
CA TYR B 198 21.59 -21.28 -24.65
C TYR B 198 21.76 -20.26 -25.76
N ARG B 199 22.46 -19.15 -25.51
CA ARG B 199 22.86 -18.28 -26.60
C ARG B 199 23.92 -18.93 -27.48
N ASN B 200 24.49 -20.03 -27.02
CA ASN B 200 25.49 -20.80 -27.74
C ASN B 200 24.78 -21.94 -28.47
N PRO B 201 24.73 -21.94 -29.80
CA PRO B 201 23.94 -22.97 -30.51
C PRO B 201 24.41 -24.38 -30.24
N LYS B 202 25.71 -24.56 -29.95
CA LYS B 202 26.21 -25.88 -29.62
C LYS B 202 25.56 -26.43 -28.36
N VAL B 203 25.24 -25.56 -27.40
CA VAL B 203 24.54 -26.01 -26.20
C VAL B 203 23.15 -26.51 -26.56
N LEU B 204 22.39 -25.70 -27.31
CA LEU B 204 21.05 -26.14 -27.70
C LEU B 204 21.10 -27.43 -28.50
N ALA B 205 22.09 -27.55 -29.40
CA ALA B 205 22.21 -28.77 -30.20
C ALA B 205 22.51 -29.97 -29.31
N GLU B 206 23.41 -29.79 -28.35
CA GLU B 206 23.78 -30.91 -27.48
C GLU B 206 22.61 -31.33 -26.59
N MET B 207 21.89 -30.36 -26.03
CA MET B 207 20.77 -30.74 -25.17
C MET B 207 19.65 -31.38 -25.99
N THR B 208 19.44 -30.91 -27.22
CA THR B 208 18.46 -31.55 -28.09
C THR B 208 18.89 -32.96 -28.44
N LYS B 209 20.17 -33.15 -28.77
CA LYS B 209 20.70 -34.48 -29.02
C LYS B 209 20.39 -35.42 -27.87
N MET B 210 20.52 -34.92 -26.64
CA MET B 210 20.28 -35.75 -25.47
C MET B 210 18.82 -36.14 -25.37
N LEU B 211 17.90 -35.23 -25.71
CA LEU B 211 16.47 -35.58 -25.73
C LEU B 211 16.22 -36.81 -26.58
N PHE B 212 16.77 -36.81 -27.79
CA PHE B 212 16.56 -37.92 -28.71
C PHE B 212 17.22 -39.19 -28.19
N PHE B 213 18.32 -39.06 -27.44
CA PHE B 213 18.93 -40.22 -26.82
C PHE B 213 17.93 -40.93 -25.92
N TRP B 214 17.16 -40.17 -25.12
CA TRP B 214 16.22 -40.82 -24.22
C TRP B 214 14.97 -41.29 -24.96
N LEU B 215 14.52 -40.51 -25.94
CA LEU B 215 13.46 -40.95 -26.85
C LEU B 215 13.80 -42.29 -27.49
N ASP B 216 15.03 -42.47 -27.93
CA ASP B 216 15.43 -43.73 -28.54
C ASP B 216 15.40 -44.89 -27.54
N ARG B 217 15.36 -44.61 -26.24
CA ARG B 217 15.21 -45.69 -25.26
C ARG B 217 13.76 -45.94 -24.91
N GLY B 218 12.82 -45.23 -25.54
CA GLY B 218 11.42 -45.56 -25.43
C GLY B 218 10.59 -44.59 -24.60
N VAL B 219 11.20 -43.54 -24.04
CA VAL B 219 10.44 -42.62 -23.21
C VAL B 219 9.35 -41.94 -24.04
N ASP B 220 8.33 -41.45 -23.36
CA ASP B 220 7.12 -40.98 -24.02
C ASP B 220 6.94 -39.48 -23.94
N GLY B 221 7.84 -38.79 -23.26
CA GLY B 221 7.68 -37.36 -23.11
C GLY B 221 8.69 -36.83 -22.12
N PHE B 222 8.70 -35.51 -21.99
CA PHE B 222 9.62 -34.83 -21.09
C PHE B 222 8.88 -33.75 -20.36
N ARG B 223 9.17 -33.61 -19.06
CA ARG B 223 8.83 -32.42 -18.31
C ARG B 223 10.04 -31.50 -18.37
N LEU B 224 9.81 -30.26 -18.79
CA LEU B 224 10.88 -29.28 -18.96
C LEU B 224 10.99 -28.46 -17.69
N ASP B 225 11.96 -28.83 -16.87
CA ASP B 225 12.21 -28.22 -15.59
C ASP B 225 12.66 -26.76 -15.75
N ALA B 226 12.11 -25.88 -14.89
CA ALA B 226 12.55 -24.48 -14.74
C ALA B 226 12.71 -23.77 -16.08
N ILE B 227 11.75 -24.00 -16.98
CA ILE B 227 11.99 -23.67 -18.37
C ILE B 227 12.11 -22.17 -18.58
N ASN B 228 11.46 -21.36 -17.74
CA ASN B 228 11.44 -19.92 -17.96
C ASN B 228 12.64 -19.21 -17.35
N HIS B 229 13.63 -19.95 -16.86
CA HIS B 229 14.93 -19.39 -16.48
C HIS B 229 15.98 -19.55 -17.57
N MET B 230 15.59 -20.06 -18.75
CA MET B 230 16.57 -20.46 -19.76
C MET B 230 17.45 -19.30 -20.21
N PHE B 231 16.84 -18.24 -20.70
CA PHE B 231 17.59 -17.11 -21.24
C PHE B 231 17.66 -15.97 -20.24
N GLU B 232 18.69 -15.14 -20.39
CA GLU B 232 18.81 -13.92 -19.60
C GLU B 232 19.06 -12.76 -20.56
N ASP B 233 18.92 -11.54 -20.03
CA ASP B 233 19.19 -10.34 -20.83
C ASP B 233 20.56 -10.41 -21.48
N GLU B 234 20.60 -10.19 -22.80
CA GLU B 234 21.89 -10.26 -23.49
C GLU B 234 22.82 -9.12 -23.12
N GLN B 235 22.29 -8.00 -22.65
CA GLN B 235 23.08 -6.89 -22.13
C GLN B 235 23.44 -7.05 -20.66
N PHE B 236 22.92 -8.10 -20.00
CA PHE B 236 23.23 -8.37 -18.60
C PHE B 236 22.94 -7.15 -17.72
N ARG B 237 21.88 -6.42 -18.04
CA ARG B 237 21.59 -5.21 -17.31
C ARG B 237 21.02 -5.54 -15.94
N ASP B 238 21.29 -4.65 -14.98
CA ASP B 238 20.72 -4.74 -13.64
C ASP B 238 19.20 -4.85 -13.70
N GLU B 239 18.61 -5.67 -12.76
CA GLU B 239 17.16 -5.72 -12.75
C GLU B 239 16.59 -4.61 -11.87
N PRO B 240 15.43 -4.09 -12.21
CA PRO B 240 14.84 -3.02 -11.39
C PRO B 240 14.31 -3.56 -10.09
N LEU B 241 14.11 -2.65 -9.14
CA LEU B 241 13.46 -3.03 -7.89
C LEU B 241 11.99 -3.35 -8.15
N SER B 242 11.44 -4.23 -7.31
CA SER B 242 10.03 -4.53 -7.35
C SER B 242 9.22 -3.61 -6.45
N GLY B 243 9.80 -3.17 -5.34
CA GLY B 243 9.11 -2.42 -4.32
C GLY B 243 8.79 -3.22 -3.07
N TRP B 244 9.05 -4.51 -3.05
CA TRP B 244 8.76 -5.38 -1.92
C TRP B 244 10.02 -6.14 -1.52
N GLY B 245 10.17 -6.39 -0.23
CA GLY B 245 11.28 -7.19 0.26
C GLY B 245 12.53 -6.36 0.54
N GLN B 246 13.48 -6.98 1.31
CA GLN B 246 14.73 -6.37 1.74
C GLN B 246 15.81 -6.54 0.67
N PRO B 247 16.79 -5.63 0.62
CA PRO B 247 17.87 -5.74 -0.37
C PRO B 247 18.63 -7.04 -0.21
N GLY B 248 18.81 -7.75 -1.32
CA GLY B 248 19.45 -9.04 -1.34
C GLY B 248 18.50 -10.21 -1.50
N GLU B 249 17.21 -10.01 -1.26
CA GLU B 249 16.21 -11.07 -1.40
C GLU B 249 15.74 -11.19 -2.84
N TYR B 250 15.38 -12.41 -3.22
CA TYR B 250 14.92 -12.65 -4.58
C TYR B 250 13.70 -11.81 -4.92
N ASP B 251 12.78 -11.66 -3.98
CA ASP B 251 11.53 -10.95 -4.26
C ASP B 251 11.71 -9.43 -4.34
N SER B 252 12.93 -8.92 -4.12
CA SER B 252 13.19 -7.49 -4.16
C SER B 252 13.50 -6.95 -5.55
N LEU B 253 13.66 -7.82 -6.54
CA LEU B 253 13.91 -7.39 -7.91
C LEU B 253 12.78 -7.83 -8.82
N ASP B 254 12.46 -7.01 -9.82
CA ASP B 254 11.52 -7.40 -10.87
C ASP B 254 12.31 -8.19 -11.92
N HIS B 255 12.01 -9.49 -12.06
CA HIS B 255 12.86 -10.37 -12.85
C HIS B 255 12.61 -10.29 -14.35
N ILE B 256 12.67 -9.08 -14.90
CA ILE B 256 12.45 -8.89 -16.34
C ILE B 256 13.64 -9.33 -17.19
N TYR B 257 14.79 -9.55 -16.57
CA TYR B 257 15.99 -9.93 -17.30
C TYR B 257 16.42 -11.36 -17.04
N THR B 258 15.74 -12.06 -16.12
CA THR B 258 16.14 -13.42 -15.78
C THR B 258 15.02 -14.44 -15.85
N LYS B 259 13.76 -14.00 -15.90
CA LYS B 259 12.63 -14.90 -16.04
C LYS B 259 11.79 -14.46 -17.22
N ASP B 260 11.31 -15.44 -17.99
CA ASP B 260 10.35 -15.25 -19.06
C ASP B 260 10.94 -14.49 -20.24
N ILE B 261 12.25 -14.50 -20.40
CA ILE B 261 12.86 -13.92 -21.60
C ILE B 261 12.28 -14.67 -22.79
N PRO B 262 11.58 -13.99 -23.70
CA PRO B 262 10.68 -14.69 -24.63
C PRO B 262 11.37 -15.55 -25.67
N ASP B 263 12.69 -15.50 -25.80
CA ASP B 263 13.38 -16.40 -26.70
C ASP B 263 13.15 -17.87 -26.34
N VAL B 264 12.77 -18.15 -25.09
CA VAL B 264 12.53 -19.53 -24.69
C VAL B 264 11.37 -20.12 -25.48
N TYR B 265 10.36 -19.30 -25.80
CA TYR B 265 9.16 -19.85 -26.41
C TYR B 265 9.46 -20.50 -27.73
N ASP B 266 10.34 -19.87 -28.53
CA ASP B 266 10.72 -20.45 -29.79
C ASP B 266 11.46 -21.77 -29.60
N VAL B 267 12.27 -21.87 -28.53
CA VAL B 267 12.95 -23.14 -28.26
C VAL B 267 11.94 -24.23 -27.97
N VAL B 268 10.96 -23.93 -27.11
CA VAL B 268 9.94 -24.91 -26.76
C VAL B 268 9.08 -25.25 -27.99
N TYR B 269 8.67 -24.25 -28.77
CA TYR B 269 7.91 -24.53 -29.99
C TYR B 269 8.71 -25.37 -30.97
N ASN B 270 10.01 -25.11 -31.10
CA ASN B 270 10.81 -25.93 -32.00
C ASN B 270 10.94 -27.34 -31.46
N TRP B 271 11.13 -27.50 -30.15
CA TRP B 271 11.17 -28.85 -29.59
C TRP B 271 9.86 -29.59 -29.82
N ARG B 272 8.73 -28.92 -29.61
CA ARG B 272 7.44 -29.56 -29.86
C ARG B 272 7.34 -30.03 -31.31
N ASP B 273 7.76 -29.20 -32.27
CA ASP B 273 7.68 -29.62 -33.67
C ASP B 273 8.55 -30.84 -33.93
N GLN B 274 9.71 -30.89 -33.29
CA GLN B 274 10.60 -32.05 -33.42
C GLN B 274 9.99 -33.29 -32.77
N MET B 275 9.31 -33.11 -31.63
CA MET B 275 8.63 -34.23 -31.00
C MET B 275 7.47 -34.74 -31.86
N ASP B 276 6.70 -33.83 -32.47
CA ASP B 276 5.62 -34.23 -33.36
C ASP B 276 6.14 -35.02 -34.56
N LYS B 277 7.27 -34.59 -35.13
CA LYS B 277 7.85 -35.34 -36.25
C LYS B 277 8.32 -36.71 -35.80
N TYR B 278 9.02 -36.79 -34.67
CA TYR B 278 9.45 -38.07 -34.13
C TYR B 278 8.26 -38.98 -33.84
N SER B 279 7.18 -38.41 -33.30
CA SER B 279 5.98 -39.18 -33.02
C SER B 279 5.44 -39.82 -34.30
N ALA B 280 5.47 -39.08 -35.40
CA ALA B 280 4.97 -39.62 -36.66
C ALA B 280 5.84 -40.75 -37.18
N GLU B 281 7.17 -40.61 -37.06
CA GLU B 281 8.07 -41.65 -37.55
C GLU B 281 7.95 -42.94 -36.75
N LYS B 282 7.82 -42.82 -35.43
CA LYS B 282 7.92 -43.98 -34.56
C LYS B 282 6.58 -44.57 -34.18
N GLY B 283 5.49 -43.85 -34.37
CA GLY B 283 4.17 -44.40 -34.13
C GLY B 283 3.69 -44.38 -32.70
N ARG B 284 4.14 -43.41 -31.89
CA ARG B 284 3.58 -43.18 -30.56
C ARG B 284 3.70 -41.68 -30.29
N THR B 285 2.78 -41.14 -29.49
CA THR B 285 2.68 -39.70 -29.30
C THR B 285 3.55 -39.25 -28.15
N ILE B 286 4.58 -38.47 -28.46
CA ILE B 286 5.51 -37.91 -27.49
C ILE B 286 4.94 -36.57 -27.00
N ILE B 287 4.90 -36.38 -25.68
CA ILE B 287 4.38 -35.10 -25.17
C ILE B 287 5.49 -34.30 -24.50
N LEU B 288 5.24 -32.99 -24.40
CA LEU B 288 6.06 -32.07 -23.61
C LEU B 288 5.19 -31.43 -22.53
N MET B 289 5.68 -31.44 -21.29
CA MET B 289 5.13 -30.59 -20.24
C MET B 289 6.21 -29.62 -19.78
N THR B 290 5.80 -28.42 -19.39
CA THR B 290 6.74 -27.40 -18.98
C THR B 290 6.46 -26.98 -17.55
N GLU B 291 7.51 -26.71 -16.80
CA GLU B 291 7.38 -26.23 -15.43
C GLU B 291 7.84 -24.78 -15.39
N ALA B 292 6.90 -23.86 -15.21
CA ALA B 292 7.23 -22.45 -15.08
C ALA B 292 6.38 -21.83 -13.99
N TYR B 293 7.04 -21.19 -13.04
CA TYR B 293 6.39 -20.26 -12.13
C TYR B 293 6.45 -18.90 -12.79
N SER B 294 5.32 -18.44 -13.28
CA SER B 294 5.25 -17.29 -14.16
C SER B 294 3.91 -16.60 -13.95
N SER B 295 3.74 -15.44 -14.59
CA SER B 295 2.42 -14.87 -14.74
C SER B 295 1.53 -15.86 -15.47
N ILE B 296 0.21 -15.71 -15.30
CA ILE B 296 -0.69 -16.61 -16.02
C ILE B 296 -0.50 -16.45 -17.50
N GLU B 297 -0.23 -15.22 -17.97
CA GLU B 297 -0.02 -14.99 -19.39
C GLU B 297 1.27 -15.66 -19.86
N GLY B 298 2.34 -15.55 -19.06
CA GLY B 298 3.58 -16.22 -19.42
C GLY B 298 3.45 -17.72 -19.38
N THR B 299 2.64 -18.25 -18.46
CA THR B 299 2.39 -19.68 -18.40
C THR B 299 1.65 -20.18 -19.64
N MET B 300 0.60 -19.46 -20.04
CA MET B 300 -0.24 -19.94 -21.14
C MET B 300 0.50 -19.91 -22.48
N LEU B 301 1.48 -19.02 -22.65
CA LEU B 301 2.23 -19.00 -23.90
C LEU B 301 3.03 -20.28 -24.13
N TYR B 302 3.21 -21.10 -23.10
CA TYR B 302 3.84 -22.40 -23.31
C TYR B 302 2.91 -23.38 -24.03
N TYR B 303 1.59 -23.24 -23.89
CA TYR B 303 0.67 -24.04 -24.71
C TYR B 303 0.85 -23.72 -26.19
N GLU B 304 0.95 -22.43 -26.52
CA GLU B 304 0.63 -21.96 -27.85
C GLU B 304 0.99 -20.49 -27.96
N SER B 305 1.48 -20.10 -29.12
CA SER B 305 1.81 -18.71 -29.36
C SER B 305 0.54 -17.86 -29.34
N ALA B 306 0.72 -16.56 -29.10
CA ALA B 306 -0.43 -15.66 -29.00
C ALA B 306 -1.25 -15.67 -30.28
N ASP B 307 -0.59 -15.77 -31.43
CA ASP B 307 -1.26 -15.79 -32.72
C ASP B 307 -1.72 -17.17 -33.14
N ARG B 308 -1.57 -18.18 -32.27
CA ARG B 308 -2.01 -19.55 -32.47
C ARG B 308 -1.26 -20.27 -33.58
N LYS B 309 -0.19 -19.67 -34.11
CA LYS B 309 0.60 -20.30 -35.17
C LYS B 309 1.51 -21.41 -34.66
N ARG B 310 1.92 -21.39 -33.40
CA ARG B 310 2.87 -22.38 -32.89
C ARG B 310 2.29 -23.09 -31.69
N GLN B 311 2.56 -24.40 -31.60
CA GLN B 311 2.28 -25.20 -30.42
C GLN B 311 3.55 -25.42 -29.60
N GLY B 312 3.39 -25.53 -28.28
CA GLY B 312 4.53 -25.85 -27.43
C GLY B 312 4.29 -27.05 -26.54
N ALA B 313 4.23 -26.81 -25.22
CA ALA B 313 3.90 -27.90 -24.30
C ALA B 313 2.47 -28.35 -24.51
N HIS B 314 2.26 -29.66 -24.48
CA HIS B 314 0.89 -30.17 -24.41
C HIS B 314 0.22 -29.72 -23.11
N MET B 315 0.97 -29.69 -22.01
CA MET B 315 0.41 -29.34 -20.72
C MET B 315 1.47 -28.60 -19.90
N PRO B 316 1.40 -27.27 -19.85
CA PRO B 316 2.14 -26.55 -18.81
C PRO B 316 1.62 -26.93 -17.43
N PHE B 317 2.53 -27.00 -16.45
CA PHE B 317 2.09 -27.34 -15.10
C PHE B 317 1.20 -26.26 -14.52
N ASN B 318 0.12 -26.72 -13.88
CA ASN B 318 -0.94 -25.88 -13.33
C ASN B 318 -0.98 -26.14 -11.84
N PHE B 319 -0.44 -25.22 -11.05
CA PHE B 319 -0.36 -25.42 -9.60
C PHE B 319 -1.55 -24.85 -8.84
N GLN B 320 -2.66 -24.50 -9.52
CA GLN B 320 -3.75 -23.80 -8.85
C GLN B 320 -4.25 -24.55 -7.62
N LEU B 321 -4.41 -25.87 -7.71
CA LEU B 321 -4.97 -26.60 -6.59
C LEU B 321 -4.01 -26.66 -5.41
N ILE B 322 -2.70 -26.65 -5.69
CA ILE B 322 -1.73 -26.55 -4.60
C ILE B 322 -1.86 -25.20 -3.90
N TYR B 323 -1.98 -24.12 -4.68
CA TYR B 323 -2.03 -22.77 -4.11
C TYR B 323 -3.31 -22.53 -3.32
N ASP B 324 -4.43 -23.06 -3.80
CA ASP B 324 -5.74 -22.54 -3.41
C ASP B 324 -6.67 -23.54 -2.74
N PHE B 325 -6.44 -24.84 -2.84
CA PHE B 325 -7.21 -25.77 -2.01
C PHE B 325 -6.58 -25.72 -0.64
N LYS B 326 -7.08 -24.82 0.19
CA LYS B 326 -6.50 -24.49 1.49
C LYS B 326 -7.51 -24.73 2.60
N LYS B 327 -6.99 -24.81 3.84
CA LYS B 327 -7.82 -25.23 4.98
C LYS B 327 -9.08 -24.38 5.13
N GLU B 328 -9.02 -23.09 4.82
CA GLU B 328 -10.16 -22.22 5.04
C GLU B 328 -10.77 -21.69 3.74
N GLN B 329 -10.48 -22.36 2.63
CA GLN B 329 -11.09 -22.05 1.34
C GLN B 329 -12.59 -22.34 1.39
N ASN B 330 -13.37 -21.55 0.64
CA ASN B 330 -14.77 -21.89 0.44
C ASN B 330 -14.99 -22.24 -1.03
N ALA B 331 -16.24 -22.44 -1.43
CA ALA B 331 -16.48 -22.89 -2.79
C ALA B 331 -16.27 -21.77 -3.78
N VAL B 332 -16.50 -20.52 -3.35
CA VAL B 332 -16.24 -19.38 -4.24
C VAL B 332 -14.75 -19.33 -4.59
N GLY B 333 -13.89 -19.44 -3.58
CA GLY B 333 -12.46 -19.38 -3.84
C GLY B 333 -11.96 -20.57 -4.66
N LEU B 334 -12.51 -21.76 -4.38
CA LEU B 334 -12.16 -22.96 -5.13
C LEU B 334 -12.58 -22.86 -6.58
N LYS B 335 -13.84 -22.47 -6.83
CA LYS B 335 -14.27 -22.32 -8.23
C LYS B 335 -13.46 -21.24 -8.93
N SER B 336 -13.21 -20.10 -8.27
CA SER B 336 -12.48 -19.06 -8.99
C SER B 336 -11.03 -19.45 -9.25
N SER B 337 -10.47 -20.35 -8.45
CA SER B 337 -9.12 -20.83 -8.72
C SER B 337 -9.09 -21.72 -9.95
N ILE B 338 -10.08 -22.61 -10.07
CA ILE B 338 -10.22 -23.46 -11.25
C ILE B 338 -10.48 -22.61 -12.48
N ASP B 339 -11.39 -21.64 -12.34
CA ASP B 339 -11.69 -20.73 -13.45
C ASP B 339 -10.48 -19.86 -13.82
N TRP B 340 -9.60 -19.53 -12.85
CA TRP B 340 -8.41 -18.76 -13.23
C TRP B 340 -7.59 -19.51 -14.26
N TRP B 341 -7.46 -20.82 -14.11
CA TRP B 341 -6.75 -21.60 -15.13
C TRP B 341 -7.57 -21.70 -16.40
N MET B 342 -8.83 -22.16 -16.28
CA MET B 342 -9.62 -22.42 -17.49
C MET B 342 -9.88 -21.14 -18.28
N ASN B 343 -10.18 -20.03 -17.59
CA ASN B 343 -10.46 -18.78 -18.32
C ASN B 343 -9.28 -18.32 -19.14
N ASN B 344 -8.06 -18.50 -18.61
CA ASN B 344 -6.86 -17.97 -19.23
C ASN B 344 -6.24 -18.91 -20.26
N MET B 345 -6.69 -20.16 -20.32
CA MET B 345 -6.19 -21.10 -21.31
C MET B 345 -6.52 -20.66 -22.73
N PRO B 346 -5.68 -21.02 -23.69
CA PRO B 346 -6.10 -20.94 -25.09
C PRO B 346 -7.16 -21.99 -25.36
N ALA B 347 -8.04 -21.68 -26.31
CA ALA B 347 -9.06 -22.62 -26.75
C ALA B 347 -8.44 -23.90 -27.32
N ARG B 348 -9.14 -25.01 -27.14
CA ARG B 348 -8.84 -26.31 -27.78
C ARG B 348 -7.56 -26.94 -27.24
N HIS B 349 -7.28 -26.75 -25.96
CA HIS B 349 -6.09 -27.34 -25.36
C HIS B 349 -6.48 -28.12 -24.10
N THR B 350 -5.52 -28.85 -23.53
CA THR B 350 -5.79 -29.78 -22.43
C THR B 350 -5.41 -29.19 -21.09
N PRO B 351 -6.33 -29.10 -20.13
CA PRO B 351 -5.95 -28.70 -18.77
C PRO B 351 -5.39 -29.89 -18.02
N SER B 352 -4.53 -29.59 -17.05
CA SER B 352 -4.05 -30.62 -16.13
C SER B 352 -4.14 -30.10 -14.71
N TRP B 353 -4.19 -31.04 -13.77
CA TRP B 353 -4.45 -30.74 -12.37
C TRP B 353 -3.52 -31.55 -11.51
N VAL B 354 -2.99 -30.91 -10.48
CA VAL B 354 -2.02 -31.58 -9.61
C VAL B 354 -2.20 -31.00 -8.20
N ALA B 355 -2.15 -31.88 -7.19
CA ALA B 355 -2.34 -31.42 -5.82
C ALA B 355 -1.08 -31.51 -4.97
N GLY B 356 0.00 -32.08 -5.48
CA GLY B 356 1.24 -32.20 -4.71
C GLY B 356 2.37 -32.60 -5.62
N SER B 357 3.59 -32.54 -5.10
CA SER B 357 4.74 -32.89 -5.92
C SER B 357 5.94 -33.03 -4.99
N HIS B 358 7.08 -33.37 -5.59
CA HIS B 358 8.32 -33.46 -4.81
C HIS B 358 8.79 -32.11 -4.29
N ASP B 359 8.21 -31.02 -4.77
CA ASP B 359 8.56 -29.70 -4.27
C ASP B 359 7.56 -29.16 -3.25
N HIS B 360 6.49 -29.89 -2.96
CA HIS B 360 5.41 -29.33 -2.16
C HIS B 360 5.12 -30.21 -0.96
N SER B 361 4.80 -29.57 0.16
CA SER B 361 4.27 -30.26 1.33
C SER B 361 3.10 -31.15 0.92
N ARG B 362 3.02 -32.32 1.54
CA ARG B 362 2.00 -33.30 1.19
C ARG B 362 0.61 -32.82 1.55
N VAL B 363 -0.38 -33.27 0.78
CA VAL B 363 -1.76 -32.81 0.94
C VAL B 363 -2.24 -33.00 2.38
N ALA B 364 -2.01 -34.20 2.95
CA ALA B 364 -2.51 -34.48 4.29
C ALA B 364 -1.95 -33.51 5.33
N SER B 365 -0.71 -33.05 5.15
CA SER B 365 -0.16 -32.08 6.07
C SER B 365 -0.63 -30.67 5.73
N ARG B 366 -0.75 -30.36 4.44
CA ARG B 366 -1.19 -29.05 3.97
C ARG B 366 -2.63 -28.75 4.37
N VAL B 367 -3.56 -29.66 4.07
CA VAL B 367 -4.97 -29.40 4.31
C VAL B 367 -5.58 -30.27 5.41
N GLY B 368 -4.92 -31.36 5.81
CA GLY B 368 -5.49 -32.23 6.84
C GLY B 368 -5.87 -33.61 6.35
N LEU B 369 -5.72 -34.62 7.21
CA LEU B 369 -6.10 -35.98 6.85
C LEU B 369 -7.58 -36.10 6.51
N ASP B 370 -8.43 -35.23 7.06
CA ASP B 370 -9.85 -35.36 6.78
C ASP B 370 -10.25 -34.71 5.47
N ARG B 371 -9.28 -34.22 4.69
CA ARG B 371 -9.58 -33.58 3.43
C ARG B 371 -8.84 -34.19 2.26
N VAL B 372 -7.99 -35.19 2.48
CA VAL B 372 -7.29 -35.82 1.35
C VAL B 372 -8.30 -36.44 0.38
N ASP B 373 -9.40 -36.98 0.90
CA ASP B 373 -10.34 -37.69 0.04
C ASP B 373 -11.09 -36.73 -0.87
N GLN B 374 -11.52 -35.56 -0.37
CA GLN B 374 -12.27 -34.66 -1.25
C GLN B 374 -11.34 -34.00 -2.26
N VAL B 375 -10.07 -33.82 -1.90
CA VAL B 375 -9.08 -33.34 -2.87
C VAL B 375 -8.97 -34.32 -4.02
N MET B 376 -8.85 -35.62 -3.71
CA MET B 376 -8.85 -36.65 -4.75
C MET B 376 -10.08 -36.57 -5.63
N THR B 377 -11.25 -36.46 -5.00
CA THR B 377 -12.49 -36.47 -5.77
C THR B 377 -12.49 -35.34 -6.78
N LEU B 378 -12.09 -34.14 -6.34
CA LEU B 378 -12.00 -33.01 -7.26
C LEU B 378 -10.96 -33.27 -8.33
N LEU B 379 -9.74 -33.66 -7.91
CA LEU B 379 -8.62 -33.84 -8.82
C LEU B 379 -8.98 -34.73 -9.99
N HIS B 380 -9.65 -35.84 -9.72
CA HIS B 380 -9.85 -36.84 -10.76
C HIS B 380 -11.13 -36.64 -11.57
N THR B 381 -11.93 -35.63 -11.24
CA THR B 381 -13.14 -35.39 -12.00
C THR B 381 -13.14 -34.06 -12.73
N LEU B 382 -12.19 -33.18 -12.46
CA LEU B 382 -12.00 -32.03 -13.32
C LEU B 382 -11.64 -32.49 -14.73
N PRO B 383 -12.00 -31.72 -15.76
CA PRO B 383 -11.68 -32.13 -17.13
C PRO B 383 -10.17 -32.23 -17.32
N GLY B 384 -9.78 -33.17 -18.20
CA GLY B 384 -8.39 -33.27 -18.63
C GLY B 384 -7.56 -34.30 -17.86
N THR B 385 -6.32 -33.94 -17.54
CA THR B 385 -5.34 -34.87 -16.99
C THR B 385 -5.12 -34.59 -15.51
N SER B 386 -5.13 -35.65 -14.70
CA SER B 386 -4.81 -35.52 -13.29
C SER B 386 -3.42 -36.09 -13.03
N ILE B 387 -2.74 -35.50 -12.06
CA ILE B 387 -1.38 -35.89 -11.67
C ILE B 387 -1.39 -36.16 -10.18
N THR B 388 -0.99 -37.38 -9.80
CA THR B 388 -0.91 -37.83 -8.41
C THR B 388 0.55 -37.97 -7.97
N TYR B 389 0.87 -37.45 -6.79
CA TYR B 389 2.20 -37.58 -6.21
C TYR B 389 2.28 -38.87 -5.43
N TYR B 390 3.38 -39.63 -5.60
CA TYR B 390 3.49 -40.93 -4.95
C TYR B 390 3.15 -40.81 -3.47
N GLY B 391 2.34 -41.74 -2.97
CA GLY B 391 1.97 -41.73 -1.59
C GLY B 391 0.68 -40.99 -1.28
N GLU B 392 0.19 -40.14 -2.20
CA GLU B 392 -1.10 -39.52 -1.96
C GLU B 392 -2.19 -40.57 -1.80
N GLU B 393 -2.02 -41.71 -2.47
CA GLU B 393 -3.05 -42.73 -2.46
C GLU B 393 -3.17 -43.47 -1.13
N VAL B 394 -2.17 -43.37 -0.25
CA VAL B 394 -2.31 -43.89 1.11
C VAL B 394 -2.25 -42.77 2.15
N ALA B 395 -2.58 -41.54 1.74
CA ALA B 395 -2.68 -40.41 2.65
C ALA B 395 -1.38 -40.14 3.39
N MET B 396 -0.25 -40.24 2.70
CA MET B 396 1.02 -39.98 3.36
C MET B 396 1.09 -38.55 3.87
N GLN B 397 1.81 -38.35 4.98
CA GLN B 397 2.02 -37.05 5.60
C GLN B 397 3.50 -36.68 5.56
N ASP B 398 3.77 -35.37 5.58
CA ASP B 398 5.12 -34.89 5.80
C ASP B 398 5.69 -35.47 7.09
N PHE B 399 6.97 -35.82 7.07
CA PHE B 399 7.70 -36.15 8.29
C PHE B 399 8.74 -35.04 8.48
N LYS B 400 8.34 -33.99 9.19
CA LYS B 400 9.20 -32.82 9.34
C LYS B 400 10.50 -33.17 10.05
N GLU B 401 10.42 -34.04 11.05
CA GLU B 401 11.60 -34.41 11.83
C GLU B 401 12.60 -35.23 11.03
N ALA B 402 12.23 -35.68 9.83
CA ALA B 402 13.18 -36.42 8.99
C ALA B 402 14.12 -35.50 8.22
N GLN B 403 13.89 -34.20 8.24
CA GLN B 403 14.68 -33.29 7.44
C GLN B 403 16.16 -33.39 7.78
N GLN B 404 16.98 -33.64 6.77
CA GLN B 404 18.43 -33.76 6.91
C GLN B 404 19.19 -32.85 5.95
N PHE B 405 18.70 -32.68 4.73
CA PHE B 405 19.38 -32.00 3.65
C PHE B 405 18.66 -30.79 3.09
N ASP B 406 17.32 -30.78 3.15
CA ASP B 406 16.56 -29.90 2.29
C ASP B 406 15.19 -29.65 2.90
N ASN B 407 14.68 -28.43 2.73
CA ASN B 407 13.35 -28.13 3.26
C ASN B 407 12.27 -29.00 2.64
N ARG B 408 12.53 -29.65 1.51
CA ARG B 408 11.55 -30.52 0.89
C ARG B 408 11.69 -31.98 1.31
N ASP B 409 12.71 -32.32 2.10
CA ASP B 409 12.81 -33.66 2.66
C ASP B 409 11.51 -34.17 3.31
N PRO B 410 10.76 -33.37 4.07
CA PRO B 410 9.61 -33.95 4.78
C PRO B 410 8.58 -34.54 3.85
N ASN B 411 8.47 -34.04 2.62
CA ASN B 411 7.49 -34.58 1.68
C ASN B 411 8.10 -35.59 0.72
N ARG B 412 9.35 -36.02 0.96
CA ARG B 412 10.04 -36.98 0.10
C ARG B 412 10.41 -38.26 0.84
N THR B 413 9.72 -38.58 1.94
CA THR B 413 10.10 -39.75 2.71
C THR B 413 9.62 -41.02 2.01
N PRO B 414 10.15 -42.18 2.42
CA PRO B 414 9.91 -43.40 1.63
C PRO B 414 8.44 -43.79 1.52
N MET B 415 8.09 -44.28 0.34
CA MET B 415 6.75 -44.80 0.08
C MET B 415 6.37 -45.89 1.07
N GLN B 416 5.10 -45.92 1.45
CA GLN B 416 4.64 -46.75 2.58
C GLN B 416 3.81 -47.90 2.03
N TRP B 417 4.45 -49.07 1.89
CA TRP B 417 3.87 -50.22 1.19
C TRP B 417 3.14 -51.19 2.11
N ASP B 418 3.65 -51.44 3.32
CA ASP B 418 3.05 -52.38 4.26
C ASP B 418 3.55 -52.06 5.65
N SER B 419 3.21 -52.91 6.61
CA SER B 419 3.57 -52.69 8.01
C SER B 419 4.90 -53.32 8.41
N SER B 420 5.63 -53.91 7.46
CA SER B 420 6.94 -54.48 7.79
C SER B 420 7.97 -53.37 8.03
N THR B 421 9.20 -53.78 8.30
CA THR B 421 10.30 -52.85 8.54
C THR B 421 10.38 -51.80 7.46
N SER B 422 10.49 -50.54 7.88
CA SER B 422 10.59 -49.40 6.96
C SER B 422 9.45 -49.38 5.95
N ALA B 423 8.26 -49.80 6.42
CA ALA B 423 7.03 -49.80 5.63
C ALA B 423 7.16 -50.61 4.33
N GLY B 424 8.03 -51.61 4.31
CA GLY B 424 8.26 -52.35 3.09
C GLY B 424 9.04 -51.62 2.02
N PHE B 425 9.42 -50.37 2.24
CA PHE B 425 10.26 -49.67 1.28
C PHE B 425 11.63 -50.31 1.17
N SER B 426 12.12 -50.86 2.27
CA SER B 426 13.48 -51.39 2.32
C SER B 426 13.56 -52.47 3.39
N THR B 427 14.47 -53.44 3.18
CA THR B 427 14.82 -54.32 4.28
C THR B 427 15.65 -53.62 5.35
N ASN B 428 16.22 -52.46 5.03
CA ASN B 428 17.12 -51.73 5.91
C ASN B 428 16.32 -50.80 6.82
N THR B 429 16.61 -50.87 8.12
CA THR B 429 16.00 -49.92 9.05
C THR B 429 16.52 -48.50 8.85
N ASN B 430 17.68 -48.34 8.22
CA ASN B 430 18.28 -47.03 7.99
C ASN B 430 17.99 -46.60 6.55
N THR B 431 16.90 -45.88 6.36
CA THR B 431 16.54 -45.42 5.03
C THR B 431 17.10 -44.01 4.80
N TRP B 432 17.22 -43.64 3.52
CA TRP B 432 17.94 -42.40 3.20
C TRP B 432 17.27 -41.18 3.85
N LEU B 433 15.94 -41.19 3.94
CA LEU B 433 15.18 -40.37 4.87
C LEU B 433 14.34 -41.29 5.75
N ARG B 434 14.12 -40.88 6.99
CA ARG B 434 13.35 -41.69 7.94
C ARG B 434 11.92 -41.87 7.43
N VAL B 435 11.35 -43.06 7.67
CA VAL B 435 9.96 -43.32 7.34
C VAL B 435 9.05 -42.64 8.36
N HIS B 436 7.94 -42.10 7.89
CA HIS B 436 6.99 -41.46 8.79
C HIS B 436 6.53 -42.47 9.86
N PRO B 437 6.44 -42.04 11.12
CA PRO B 437 6.23 -43.01 12.21
C PRO B 437 4.87 -43.66 12.22
N ASP B 438 3.91 -43.17 11.45
CA ASP B 438 2.57 -43.74 11.43
C ASP B 438 2.37 -44.72 10.29
N TYR B 439 3.46 -45.23 9.71
CA TYR B 439 3.35 -45.99 8.48
C TYR B 439 2.52 -47.26 8.64
N ALA B 440 2.45 -47.83 9.86
CA ALA B 440 1.71 -49.08 10.01
C ALA B 440 0.20 -48.89 9.82
N ARG B 441 -0.28 -47.66 9.85
CA ARG B 441 -1.67 -47.37 9.61
C ARG B 441 -1.94 -46.80 8.22
N TYR B 442 -0.94 -46.19 7.59
CA TYR B 442 -1.11 -45.53 6.29
C TYR B 442 -0.18 -46.20 5.29
N ASN B 443 -0.60 -47.34 4.76
CA ASN B 443 0.24 -48.06 3.81
C ASN B 443 -0.66 -48.86 2.88
N VAL B 444 -0.10 -49.27 1.75
CA VAL B 444 -0.88 -49.94 0.71
C VAL B 444 -1.53 -51.20 1.27
N ASP B 445 -0.74 -52.03 1.97
CA ASP B 445 -1.25 -53.34 2.34
C ASP B 445 -2.41 -53.22 3.31
N VAL B 446 -2.27 -52.41 4.36
CA VAL B 446 -3.35 -52.26 5.32
C VAL B 446 -4.58 -51.64 4.66
N MET B 447 -4.38 -50.62 3.82
CA MET B 447 -5.54 -49.92 3.27
C MET B 447 -6.29 -50.75 2.25
N GLN B 448 -5.59 -51.60 1.50
CA GLN B 448 -6.27 -52.45 0.52
C GLN B 448 -7.24 -53.41 1.19
N LYS B 449 -6.93 -53.86 2.41
CA LYS B 449 -7.83 -54.73 3.15
C LYS B 449 -9.03 -54.00 3.74
N ASN B 450 -9.05 -52.67 3.67
CA ASN B 450 -10.10 -51.86 4.25
C ASN B 450 -10.87 -51.16 3.14
N PRO B 451 -12.05 -51.67 2.74
CA PRO B 451 -12.77 -51.05 1.62
C PRO B 451 -13.28 -49.65 1.90
N GLN B 452 -13.17 -49.14 3.13
CA GLN B 452 -13.50 -47.77 3.46
C GLN B 452 -12.27 -46.86 3.50
N SER B 453 -11.17 -47.24 2.89
CA SER B 453 -9.93 -46.49 3.01
C SER B 453 -9.74 -45.49 1.88
N THR B 454 -8.84 -44.53 2.12
CA THR B 454 -8.43 -43.60 1.09
C THR B 454 -7.87 -44.31 -0.14
N PHE B 455 -7.19 -45.44 0.07
CA PHE B 455 -6.66 -46.20 -1.04
C PHE B 455 -7.77 -46.72 -1.94
N HIS B 456 -8.84 -47.25 -1.34
CA HIS B 456 -9.95 -47.75 -2.14
C HIS B 456 -10.68 -46.61 -2.81
N HIS B 457 -10.73 -45.45 -2.16
CA HIS B 457 -11.37 -44.29 -2.73
C HIS B 457 -10.62 -43.83 -3.97
N PHE B 458 -9.28 -43.78 -3.89
CA PHE B 458 -8.44 -43.48 -5.04
C PHE B 458 -8.76 -44.39 -6.22
N GLN B 459 -8.76 -45.69 -6.00
CA GLN B 459 -9.03 -46.63 -7.09
C GLN B 459 -10.42 -46.43 -7.66
N HIS B 460 -11.42 -46.14 -6.82
CA HIS B 460 -12.75 -45.85 -7.32
C HIS B 460 -12.71 -44.71 -8.32
N LEU B 461 -11.97 -43.66 -8.01
CA LEU B 461 -11.94 -42.47 -8.86
C LEU B 461 -11.16 -42.73 -10.14
N THR B 462 -10.02 -43.43 -10.05
CA THR B 462 -9.29 -43.68 -11.29
C THR B 462 -10.03 -44.65 -12.18
N LYS B 463 -10.81 -45.58 -11.60
CA LYS B 463 -11.66 -46.41 -12.44
C LYS B 463 -12.75 -45.56 -13.10
N LEU B 464 -13.35 -44.65 -12.35
CA LEU B 464 -14.37 -43.76 -12.91
C LEU B 464 -13.82 -42.90 -14.05
N ARG B 465 -12.52 -42.56 -13.98
CA ARG B 465 -11.90 -41.73 -15.01
C ARG B 465 -11.97 -42.37 -16.39
N ARG B 466 -12.13 -43.69 -16.46
CA ARG B 466 -12.15 -44.31 -17.77
C ARG B 466 -13.52 -44.24 -18.44
N HIS B 467 -14.54 -43.77 -17.73
CA HIS B 467 -15.83 -43.53 -18.37
C HIS B 467 -15.72 -42.42 -19.41
N ARG B 468 -16.36 -42.64 -20.57
CA ARG B 468 -16.29 -41.68 -21.66
C ARG B 468 -16.73 -40.28 -21.22
N THR B 469 -17.70 -40.19 -20.31
CA THR B 469 -18.17 -38.88 -19.88
C THR B 469 -17.08 -38.13 -19.14
N MET B 470 -16.24 -38.85 -18.39
CA MET B 470 -15.15 -38.21 -17.66
C MET B 470 -13.98 -37.85 -18.58
N GLN B 471 -13.69 -38.72 -19.55
CA GLN B 471 -12.62 -38.48 -20.51
C GLN B 471 -12.95 -37.33 -21.46
N SER B 472 -14.21 -37.23 -21.89
CA SER B 472 -14.57 -36.40 -23.03
C SER B 472 -15.75 -35.48 -22.82
N GLY B 473 -16.44 -35.56 -21.69
CA GLY B 473 -17.64 -34.78 -21.50
C GLY B 473 -17.35 -33.31 -21.18
N GLU B 474 -18.35 -32.49 -21.44
CA GLU B 474 -18.38 -31.10 -21.02
C GLU B 474 -18.24 -31.01 -19.49
N TYR B 475 -17.90 -29.81 -18.99
CA TYR B 475 -17.96 -29.58 -17.56
C TYR B 475 -18.80 -28.33 -17.28
N VAL B 476 -19.67 -28.44 -16.29
CA VAL B 476 -20.48 -27.31 -15.81
C VAL B 476 -20.28 -27.25 -14.31
N HIS B 477 -19.70 -26.16 -13.81
CA HIS B 477 -19.48 -26.11 -12.36
C HIS B 477 -20.08 -24.85 -11.78
N LYS B 478 -20.43 -24.95 -10.50
CA LYS B 478 -21.21 -23.94 -9.80
C LYS B 478 -20.86 -24.00 -8.32
N THR B 479 -21.16 -22.92 -7.61
CA THR B 479 -21.35 -23.07 -6.17
C THR B 479 -22.81 -23.40 -5.88
N VAL B 480 -23.03 -23.97 -4.70
CA VAL B 480 -24.37 -24.24 -4.18
C VAL B 480 -24.43 -23.58 -2.81
N GLY B 481 -24.56 -22.25 -2.81
CA GLY B 481 -24.17 -21.49 -1.63
C GLY B 481 -22.65 -21.40 -1.59
N THR B 482 -22.10 -20.53 -0.75
CA THR B 482 -20.68 -20.23 -0.85
C THR B 482 -19.78 -21.35 -0.34
N LYS B 483 -20.34 -22.37 0.30
CA LYS B 483 -19.54 -23.40 0.96
C LYS B 483 -19.54 -24.73 0.22
N VAL B 484 -20.35 -24.88 -0.82
CA VAL B 484 -20.47 -26.14 -1.54
C VAL B 484 -20.13 -25.90 -3.01
N TYR B 485 -19.24 -26.74 -3.53
CA TYR B 485 -18.80 -26.73 -4.92
C TYR B 485 -19.36 -27.96 -5.62
N ALA B 486 -19.92 -27.77 -6.83
CA ALA B 486 -20.48 -28.87 -7.60
C ALA B 486 -20.00 -28.78 -9.04
N LEU B 487 -19.67 -29.94 -9.61
CA LEU B 487 -19.03 -30.03 -10.92
C LEU B 487 -19.74 -31.12 -11.71
N LEU B 488 -20.45 -30.74 -12.77
CA LEU B 488 -21.19 -31.69 -13.60
C LEU B 488 -20.36 -32.05 -14.84
N ARG B 489 -20.23 -33.35 -15.13
CA ARG B 489 -19.67 -33.80 -16.39
C ARG B 489 -20.79 -34.45 -17.20
N GLU B 490 -20.97 -33.99 -18.43
CA GLU B 490 -22.07 -34.49 -19.25
C GLU B 490 -21.60 -34.66 -20.69
N LEU B 491 -22.12 -35.70 -21.34
CA LEU B 491 -21.71 -36.06 -22.69
C LEU B 491 -22.95 -36.65 -23.36
N ARG B 492 -23.37 -36.07 -24.48
CA ARG B 492 -24.60 -36.52 -25.15
C ARG B 492 -24.53 -38.02 -25.42
N GLY B 493 -25.60 -38.73 -25.07
CA GLY B 493 -25.66 -40.16 -25.26
C GLY B 493 -25.08 -40.99 -24.13
N GLU B 494 -24.53 -40.36 -23.09
CA GLU B 494 -23.89 -41.06 -22.00
C GLU B 494 -24.48 -40.62 -20.67
N ASP B 495 -24.21 -41.38 -19.63
CA ASP B 495 -24.63 -40.95 -18.30
C ASP B 495 -23.89 -39.67 -17.91
N SER B 496 -24.49 -38.92 -16.99
CA SER B 496 -23.89 -37.70 -16.44
C SER B 496 -23.37 -37.98 -15.03
N PHE B 497 -22.30 -37.28 -14.65
CA PHE B 497 -21.73 -37.41 -13.31
C PHE B 497 -21.59 -36.05 -12.66
N LEU B 498 -22.03 -35.96 -11.41
CA LEU B 498 -22.03 -34.73 -10.63
C LEU B 498 -21.16 -34.92 -9.39
N THR B 499 -20.03 -34.21 -9.36
CA THR B 499 -19.15 -34.15 -8.20
C THR B 499 -19.64 -33.05 -7.27
N VAL B 500 -19.75 -33.36 -5.97
CA VAL B 500 -20.14 -32.36 -4.99
C VAL B 500 -19.17 -32.41 -3.82
N LEU B 501 -18.64 -31.25 -3.42
CA LEU B 501 -17.73 -31.09 -2.31
C LEU B 501 -18.29 -30.10 -1.29
N ASN B 502 -18.30 -30.50 -0.02
CA ASN B 502 -18.57 -29.58 1.07
C ASN B 502 -17.26 -28.96 1.53
N MET B 503 -17.13 -27.65 1.41
CA MET B 503 -15.91 -27.00 1.85
C MET B 503 -15.96 -26.58 3.32
N ALA B 504 -17.09 -26.76 3.99
CA ALA B 504 -17.22 -26.46 5.41
C ALA B 504 -17.02 -27.72 6.26
N GLY B 505 -16.63 -27.50 7.51
CA GLY B 505 -16.43 -28.59 8.46
C GLY B 505 -17.68 -28.96 9.24
N ALA B 506 -18.84 -28.65 8.69
CA ALA B 506 -20.12 -28.95 9.33
C ALA B 506 -21.07 -29.53 8.30
N GLU B 507 -21.98 -30.36 8.78
CA GLU B 507 -22.98 -30.97 7.93
C GLU B 507 -23.92 -29.92 7.35
N ASP B 508 -24.41 -30.18 6.14
CA ASP B 508 -25.43 -29.33 5.54
C ASP B 508 -26.18 -30.16 4.52
N THR B 509 -27.43 -29.78 4.27
CA THR B 509 -28.26 -30.41 3.27
C THR B 509 -28.60 -29.33 2.24
N VAL B 510 -28.22 -29.58 1.00
CA VAL B 510 -28.31 -28.55 -0.02
C VAL B 510 -29.20 -29.01 -1.18
N ASP B 511 -29.64 -28.03 -1.94
CA ASP B 511 -30.54 -28.22 -3.07
C ASP B 511 -29.72 -27.98 -4.33
N LEU B 512 -29.52 -29.02 -5.13
CA LEU B 512 -28.72 -28.91 -6.35
C LEU B 512 -29.57 -28.54 -7.56
N GLY B 513 -30.81 -28.08 -7.33
CA GLY B 513 -31.74 -27.83 -8.42
C GLY B 513 -31.27 -26.82 -9.46
N ASP B 514 -30.26 -26.00 -9.16
CA ASP B 514 -29.79 -25.06 -10.15
C ASP B 514 -29.19 -25.75 -11.37
N PHE B 515 -28.75 -27.00 -11.22
CA PHE B 515 -28.40 -27.81 -12.38
C PHE B 515 -29.68 -28.26 -13.05
N VAL B 516 -30.12 -27.46 -14.03
CA VAL B 516 -31.48 -27.55 -14.55
C VAL B 516 -31.76 -28.92 -15.14
N ASN B 517 -30.78 -29.50 -15.81
CA ASN B 517 -31.06 -30.67 -16.64
C ASN B 517 -30.83 -32.00 -15.91
N LEU B 518 -30.53 -31.97 -14.61
CA LEU B 518 -30.36 -33.20 -13.86
C LEU B 518 -31.68 -33.69 -13.32
N PRO B 519 -31.86 -35.01 -13.24
CA PRO B 519 -33.08 -35.54 -12.60
C PRO B 519 -33.04 -35.32 -11.11
N GLN B 520 -34.23 -35.40 -10.50
CA GLN B 520 -34.32 -35.20 -9.07
C GLN B 520 -33.67 -36.34 -8.29
N LYS B 521 -33.77 -37.56 -8.82
CA LYS B 521 -33.17 -38.72 -8.21
C LYS B 521 -31.87 -39.06 -8.92
N MET B 522 -30.79 -39.21 -8.16
CA MET B 522 -29.54 -39.68 -8.73
C MET B 522 -28.97 -40.80 -7.84
N ARG B 523 -28.09 -41.58 -8.45
CA ARG B 523 -27.39 -42.68 -7.81
C ARG B 523 -26.04 -42.21 -7.29
N VAL B 524 -25.64 -42.69 -6.11
CA VAL B 524 -24.32 -42.37 -5.57
C VAL B 524 -23.30 -43.31 -6.23
N GLU B 525 -22.48 -42.75 -7.12
CA GLU B 525 -21.45 -43.54 -7.79
C GLU B 525 -20.22 -43.71 -6.91
N VAL B 526 -19.77 -42.62 -6.28
CA VAL B 526 -18.65 -42.62 -5.35
C VAL B 526 -19.05 -41.84 -4.11
N ALA B 527 -18.73 -42.39 -2.94
CA ALA B 527 -18.82 -41.66 -1.68
C ALA B 527 -17.49 -41.80 -0.97
N GLN B 528 -16.92 -40.67 -0.53
CA GLN B 528 -15.62 -40.72 0.14
C GLN B 528 -15.69 -41.49 1.45
N PRO B 529 -14.55 -41.88 2.02
CA PRO B 529 -14.57 -42.72 3.25
C PRO B 529 -15.49 -42.22 4.36
N ASN B 530 -15.36 -40.96 4.75
CA ASN B 530 -16.25 -40.39 5.77
C ASN B 530 -17.25 -39.50 5.02
N SER B 531 -18.42 -40.07 4.74
CA SER B 531 -19.41 -39.40 3.91
C SER B 531 -20.80 -39.67 4.48
N LYS B 532 -21.70 -38.72 4.28
CA LYS B 532 -23.11 -38.92 4.60
C LYS B 532 -23.83 -39.76 3.56
N SER B 533 -23.18 -40.04 2.43
CA SER B 533 -23.72 -40.88 1.37
C SER B 533 -23.01 -42.23 1.35
N LYS B 534 -23.66 -43.21 0.73
CA LYS B 534 -23.09 -44.54 0.55
C LYS B 534 -23.21 -44.94 -0.91
N ALA B 535 -22.12 -45.46 -1.47
CA ALA B 535 -22.11 -45.82 -2.88
C ALA B 535 -23.24 -46.80 -3.18
N GLY B 536 -23.93 -46.57 -4.30
CA GLY B 536 -25.02 -47.42 -4.69
C GLY B 536 -26.40 -46.99 -4.19
N ASN B 537 -26.47 -46.06 -3.24
CA ASN B 537 -27.79 -45.58 -2.80
C ASN B 537 -28.32 -44.52 -3.75
N GLU B 538 -29.63 -44.31 -3.68
CA GLU B 538 -30.26 -43.21 -4.40
C GLU B 538 -30.32 -41.98 -3.49
N VAL B 539 -30.06 -40.80 -4.08
CA VAL B 539 -30.21 -39.55 -3.36
C VAL B 539 -31.21 -38.68 -4.09
N ASP B 540 -31.87 -37.81 -3.34
CA ASP B 540 -32.72 -36.75 -3.89
C ASP B 540 -31.88 -35.48 -3.90
N ILE B 541 -31.55 -34.98 -5.09
CA ILE B 541 -30.59 -33.88 -5.15
C ILE B 541 -31.21 -32.56 -4.77
N SER B 542 -32.53 -32.51 -4.52
CA SER B 542 -33.09 -31.31 -3.90
C SER B 542 -32.76 -31.21 -2.42
N LYS B 543 -32.28 -32.31 -1.80
CA LYS B 543 -31.91 -32.33 -0.38
C LYS B 543 -30.79 -33.37 -0.18
N LEU B 544 -29.61 -33.02 -0.67
CA LEU B 544 -28.44 -33.90 -0.56
C LEU B 544 -27.70 -33.54 0.71
N THR B 545 -27.72 -34.45 1.69
CA THR B 545 -27.02 -34.21 2.93
C THR B 545 -25.53 -34.50 2.76
N LEU B 546 -24.70 -33.53 3.11
CA LEU B 546 -23.25 -33.65 3.02
C LEU B 546 -22.66 -33.51 4.42
N GLY B 547 -21.80 -34.45 4.80
CA GLY B 547 -21.09 -34.34 6.06
C GLY B 547 -19.95 -33.35 5.96
N PRO B 548 -19.26 -33.13 7.09
CA PRO B 548 -18.11 -32.24 7.07
C PRO B 548 -17.08 -32.67 6.05
N TYR B 549 -16.64 -31.72 5.22
CA TYR B 549 -15.67 -31.97 4.17
C TYR B 549 -16.06 -33.16 3.28
N ASP B 550 -17.36 -33.37 3.04
CA ASP B 550 -17.80 -34.50 2.24
C ASP B 550 -17.39 -34.34 0.78
N SER B 551 -17.31 -35.47 0.09
CA SER B 551 -17.27 -35.43 -1.38
C SER B 551 -17.94 -36.69 -1.94
N VAL B 552 -18.80 -36.50 -2.94
CA VAL B 552 -19.50 -37.58 -3.60
C VAL B 552 -19.43 -37.34 -5.11
N VAL B 553 -19.62 -38.42 -5.86
CA VAL B 553 -19.91 -38.37 -7.27
C VAL B 553 -21.24 -39.10 -7.49
N LEU B 554 -22.22 -38.37 -8.02
CA LEU B 554 -23.53 -38.89 -8.34
C LEU B 554 -23.65 -39.16 -9.83
N ARG B 555 -24.52 -40.10 -10.18
CA ARG B 555 -24.68 -40.51 -11.57
C ARG B 555 -26.14 -40.39 -11.95
N ALA B 556 -26.40 -39.82 -13.12
CA ALA B 556 -27.73 -39.76 -13.71
C ALA B 556 -27.69 -40.58 -15.00
N THR B 557 -28.55 -41.59 -15.09
CA THR B 557 -28.55 -42.42 -16.29
C THR B 557 -29.24 -41.70 -17.45
N VAL B 558 -28.98 -42.19 -18.65
CA VAL B 558 -29.47 -41.52 -19.84
C VAL B 558 -30.88 -42.01 -20.20
N SER C 28 39.20 8.57 35.54
CA SER C 28 38.42 9.46 34.70
C SER C 28 37.01 8.92 34.49
N LYS C 29 36.00 9.70 34.86
CA LYS C 29 34.62 9.24 34.95
C LYS C 29 33.79 9.54 33.71
N ASP C 30 34.33 10.30 32.75
CA ASP C 30 33.51 10.68 31.60
C ASP C 30 34.20 10.41 30.26
N TRP C 31 35.18 9.50 30.23
CA TRP C 31 35.92 9.26 28.99
C TRP C 31 34.99 8.84 27.86
N TYR C 32 33.96 8.06 28.18
CA TYR C 32 33.03 7.51 27.20
C TYR C 32 32.10 8.57 26.59
N GLN C 33 32.03 9.76 27.18
CA GLN C 33 31.17 10.81 26.65
C GLN C 33 31.74 11.49 25.41
N HIS C 34 33.04 11.28 25.13
CA HIS C 34 33.66 11.82 23.92
C HIS C 34 34.81 10.91 23.50
N ALA C 35 34.59 9.60 23.57
CA ALA C 35 35.61 8.64 23.19
C ALA C 35 35.84 8.66 21.68
N THR C 36 37.07 8.35 21.29
CA THR C 36 37.44 8.16 19.90
C THR C 36 37.73 6.66 19.77
N PHE C 37 36.70 5.91 19.42
CA PHE C 37 36.69 4.45 19.38
C PHE C 37 37.23 3.92 18.05
N TYR C 38 37.86 2.75 18.11
CA TYR C 38 38.36 2.05 16.93
C TYR C 38 37.99 0.58 17.05
N GLN C 39 37.32 0.03 16.03
CA GLN C 39 36.91 -1.37 16.08
C GLN C 39 38.00 -2.24 15.47
N ILE C 40 38.53 -3.18 16.26
CA ILE C 40 39.54 -4.12 15.81
C ILE C 40 38.89 -5.48 15.59
N TYR C 41 39.04 -6.02 14.38
CA TYR C 41 38.65 -7.38 14.01
C TYR C 41 39.89 -8.25 14.14
N PRO C 42 40.01 -9.06 15.20
CA PRO C 42 41.30 -9.71 15.48
C PRO C 42 41.82 -10.61 14.35
N ARG C 43 40.94 -11.28 13.61
CA ARG C 43 41.43 -12.14 12.53
C ARG C 43 42.10 -11.34 11.41
N SER C 44 41.84 -10.02 11.31
CA SER C 44 42.30 -9.27 10.15
C SER C 44 43.21 -8.09 10.47
N PHE C 45 43.64 -7.89 11.72
CA PHE C 45 44.39 -6.68 12.02
C PHE C 45 45.89 -6.83 11.76
N LEU C 46 46.54 -7.84 12.34
CA LEU C 46 47.96 -8.03 12.09
C LEU C 46 48.36 -9.45 12.44
N ASP C 47 48.95 -10.14 11.47
CA ASP C 47 49.51 -11.47 11.69
C ASP C 47 50.96 -11.33 12.13
N SER C 48 51.25 -11.73 13.37
CA SER C 48 52.62 -11.62 13.86
C SER C 48 53.44 -12.89 13.68
N ASN C 49 52.84 -13.99 13.23
CA ASN C 49 53.63 -15.22 13.18
C ASN C 49 53.45 -16.01 11.89
N GLY C 50 52.95 -15.39 10.81
CA GLY C 50 53.15 -15.90 9.47
C GLY C 50 52.20 -16.97 8.99
N ASP C 51 51.13 -17.26 9.73
CA ASP C 51 50.14 -18.22 9.28
C ASP C 51 49.03 -17.59 8.44
N GLY C 52 49.11 -16.28 8.18
CA GLY C 52 48.07 -15.59 7.45
C GLY C 52 46.83 -15.26 8.25
N ILE C 53 46.84 -15.44 9.57
CA ILE C 53 45.70 -15.14 10.44
C ILE C 53 46.14 -14.05 11.40
N GLY C 54 45.28 -13.06 11.65
CA GLY C 54 45.60 -12.06 12.66
C GLY C 54 45.63 -12.66 14.05
N ASP C 55 46.41 -12.04 14.95
CA ASP C 55 46.51 -12.58 16.30
C ASP C 55 46.68 -11.45 17.31
N LEU C 56 46.55 -11.81 18.59
CA LEU C 56 46.54 -10.80 19.65
C LEU C 56 47.90 -10.10 19.75
N ALA C 57 49.00 -10.85 19.64
CA ALA C 57 50.31 -10.22 19.71
C ALA C 57 50.46 -9.16 18.62
N GLY C 58 49.90 -9.43 17.44
CA GLY C 58 49.90 -8.41 16.40
C GLY C 58 49.18 -7.16 16.83
N ILE C 59 47.97 -7.31 17.41
CA ILE C 59 47.22 -6.15 17.89
C ILE C 59 48.03 -5.39 18.92
N THR C 60 48.62 -6.12 19.86
CA THR C 60 49.41 -5.50 20.92
C THR C 60 50.51 -4.63 20.35
N SER C 61 51.16 -5.10 19.27
CA SER C 61 52.24 -4.33 18.67
C SER C 61 51.76 -3.04 18.00
N LYS C 62 50.46 -2.87 17.82
CA LYS C 62 49.93 -1.72 17.09
C LYS C 62 49.09 -0.80 17.97
N MET C 63 49.05 -1.03 19.29
CA MET C 63 48.32 -0.10 20.14
C MET C 63 48.99 1.27 20.14
N LYS C 64 50.31 1.31 19.96
CA LYS C 64 51.00 2.59 19.81
C LYS C 64 50.57 3.29 18.54
N TYR C 65 50.49 2.55 17.44
CA TYR C 65 49.95 3.10 16.19
C TYR C 65 48.56 3.70 16.39
N LEU C 66 47.71 3.02 17.16
CA LEU C 66 46.35 3.55 17.37
C LEU C 66 46.38 4.82 18.19
N ALA C 67 47.15 4.83 19.29
CA ALA C 67 47.26 6.04 20.08
C ALA C 67 47.79 7.19 19.24
N ASP C 68 48.74 6.90 18.34
CA ASP C 68 49.34 7.94 17.50
C ASP C 68 48.34 8.53 16.50
N ILE C 69 47.31 7.78 16.07
CA ILE C 69 46.31 8.35 15.17
C ILE C 69 45.08 8.86 15.94
N GLY C 70 45.17 8.97 17.27
CA GLY C 70 44.16 9.65 18.06
C GLY C 70 43.10 8.79 18.69
N ILE C 71 43.29 7.47 18.72
CA ILE C 71 42.32 6.56 19.33
C ILE C 71 42.55 6.53 20.84
N ASP C 72 41.46 6.52 21.60
CA ASP C 72 41.56 6.32 23.05
C ASP C 72 40.61 5.23 23.54
N ALA C 73 40.07 4.42 22.63
CA ALA C 73 39.17 3.35 23.02
C ALA C 73 39.08 2.38 21.85
N THR C 74 39.19 1.09 22.14
CA THR C 74 39.00 0.09 21.11
C THR C 74 37.79 -0.76 21.42
N TRP C 75 37.12 -1.21 20.37
CA TRP C 75 36.14 -2.27 20.44
C TRP C 75 36.81 -3.49 19.84
N LEU C 76 36.99 -4.52 20.64
CA LEU C 76 37.60 -5.78 20.19
C LEU C 76 36.49 -6.77 19.87
N SER C 77 36.38 -7.14 18.59
CA SER C 77 35.45 -8.17 18.20
C SER C 77 35.88 -9.50 18.83
N PRO C 78 34.96 -10.44 19.00
CA PRO C 78 35.18 -11.54 19.94
C PRO C 78 36.36 -12.39 19.53
N PRO C 79 37.38 -12.48 20.38
CA PRO C 79 38.50 -13.39 20.11
C PRO C 79 38.37 -14.73 20.81
N PHE C 80 37.18 -15.05 21.33
CA PHE C 80 36.98 -16.27 22.10
C PHE C 80 37.07 -17.50 21.22
N LYS C 81 37.24 -18.66 21.86
CA LYS C 81 37.26 -19.92 21.13
C LYS C 81 35.94 -20.09 20.39
N SER C 82 36.04 -20.43 19.10
CA SER C 82 34.89 -20.44 18.21
C SER C 82 35.14 -21.37 17.05
N PRO C 83 34.15 -22.16 16.62
CA PRO C 83 34.29 -22.91 15.35
C PRO C 83 34.26 -22.02 14.11
N LEU C 84 33.98 -20.72 14.27
CA LEU C 84 34.02 -19.70 13.22
C LEU C 84 32.85 -19.83 12.24
N LYS C 85 31.77 -20.51 12.61
CA LYS C 85 30.59 -20.51 11.76
C LYS C 85 30.02 -19.09 11.63
N ASP C 86 30.20 -18.27 12.67
CA ASP C 86 29.91 -16.83 12.64
C ASP C 86 31.14 -16.04 13.13
N PHE C 87 32.33 -16.61 12.92
CA PHE C 87 33.62 -15.95 13.10
C PHE C 87 33.71 -15.16 14.41
N GLY C 88 33.54 -15.88 15.52
CA GLY C 88 33.68 -15.33 16.84
C GLY C 88 32.38 -15.09 17.56
N TYR C 89 31.29 -14.89 16.82
CA TYR C 89 29.99 -14.73 17.43
C TYR C 89 29.28 -16.06 17.64
N ASP C 90 29.96 -17.18 17.37
CA ASP C 90 29.53 -18.51 17.82
C ASP C 90 30.63 -19.02 18.75
N VAL C 91 30.44 -18.86 20.06
CA VAL C 91 31.49 -19.08 21.04
C VAL C 91 31.34 -20.47 21.65
N SER C 92 32.40 -21.26 21.59
CA SER C 92 32.40 -22.58 22.22
C SER C 92 33.02 -22.57 23.61
N ASP C 93 33.67 -21.47 24.02
CA ASP C 93 34.18 -21.34 25.39
C ASP C 93 34.30 -19.85 25.70
N PHE C 94 33.40 -19.34 26.54
CA PHE C 94 33.40 -17.90 26.80
C PHE C 94 34.60 -17.46 27.63
N TYR C 95 35.35 -18.40 28.19
CA TYR C 95 36.47 -18.07 29.07
C TYR C 95 37.83 -18.19 28.38
N ALA C 96 37.88 -18.60 27.12
CA ALA C 96 39.15 -18.93 26.51
C ALA C 96 39.32 -18.20 25.19
N ILE C 97 40.57 -18.07 24.78
CA ILE C 97 40.94 -17.40 23.53
C ILE C 97 41.04 -18.42 22.42
N GLN C 98 40.52 -18.07 21.25
CA GLN C 98 40.70 -18.90 20.06
C GLN C 98 42.18 -19.18 19.85
N PRO C 99 42.58 -20.45 19.67
CA PRO C 99 44.02 -20.78 19.72
C PRO C 99 44.92 -19.96 18.81
N GLU C 100 44.53 -19.78 17.54
CA GLU C 100 45.41 -19.10 16.60
C GLU C 100 45.61 -17.63 16.95
N TYR C 101 44.70 -17.04 17.72
CA TYR C 101 44.85 -15.65 18.15
C TYR C 101 45.82 -15.52 19.33
N GLY C 102 46.01 -16.59 20.10
CA GLY C 102 46.85 -16.57 21.28
C GLY C 102 46.21 -17.25 22.48
N ASN C 103 46.53 -16.78 23.69
CA ASN C 103 45.96 -17.33 24.91
C ASN C 103 45.68 -16.18 25.88
N LEU C 104 45.26 -16.51 27.11
CA LEU C 104 44.95 -15.45 28.06
C LEU C 104 46.15 -14.60 28.40
N THR C 105 47.36 -15.16 28.31
CA THR C 105 48.55 -14.35 28.57
C THR C 105 48.72 -13.28 27.50
N ASP C 106 48.50 -13.64 26.23
CA ASP C 106 48.51 -12.63 25.17
C ASP C 106 47.39 -11.62 25.37
N PHE C 107 46.21 -12.06 25.83
CA PHE C 107 45.12 -11.12 26.09
C PHE C 107 45.51 -10.14 27.19
N ASP C 108 46.23 -10.62 28.20
CA ASP C 108 46.66 -9.71 29.26
C ASP C 108 47.71 -8.74 28.75
N LYS C 109 48.62 -9.20 27.88
CA LYS C 109 49.60 -8.30 27.30
C LYS C 109 48.92 -7.23 26.46
N LEU C 110 47.81 -7.57 25.81
CA LEU C 110 47.08 -6.59 25.01
C LEU C 110 46.43 -5.54 25.91
N VAL C 111 45.77 -5.98 26.98
CA VAL C 111 45.10 -5.04 27.89
C VAL C 111 46.12 -4.11 28.51
N GLU C 112 47.28 -4.64 28.90
CA GLU C 112 48.33 -3.81 29.49
C GLU C 112 48.92 -2.83 28.48
N GLU C 113 49.11 -3.26 27.23
CA GLU C 113 49.67 -2.34 26.24
C GLU C 113 48.65 -1.30 25.83
N SER C 114 47.36 -1.67 25.78
CA SER C 114 46.31 -0.69 25.54
C SER C 114 46.30 0.38 26.63
N HIS C 115 46.27 -0.04 27.90
CA HIS C 115 46.24 0.93 28.99
C HIS C 115 47.51 1.76 29.04
N LYS C 116 48.64 1.19 28.62
CA LYS C 116 49.88 1.95 28.56
C LYS C 116 49.79 3.09 27.57
N ASN C 117 49.14 2.86 26.43
CA ASN C 117 48.96 3.89 25.43
C ASN C 117 47.72 4.73 25.66
N GLY C 118 47.11 4.61 26.84
CA GLY C 118 45.94 5.40 27.16
C GLY C 118 44.71 5.01 26.37
N ILE C 119 44.54 3.73 26.07
CA ILE C 119 43.42 3.27 25.26
C ILE C 119 42.58 2.30 26.08
N LYS C 120 41.30 2.65 26.27
CA LYS C 120 40.35 1.75 26.91
C LYS C 120 40.00 0.61 25.96
N LEU C 121 39.71 -0.56 26.52
CA LEU C 121 39.37 -1.74 25.73
C LEU C 121 37.97 -2.21 26.06
N MET C 122 37.08 -2.17 25.07
CA MET C 122 35.73 -2.69 25.20
C MET C 122 35.68 -4.05 24.52
N LEU C 123 35.26 -5.06 25.26
CA LEU C 123 35.22 -6.43 24.77
C LEU C 123 33.82 -6.75 24.27
N ASP C 124 33.72 -7.37 23.11
CA ASP C 124 32.44 -7.87 22.66
C ASP C 124 31.98 -9.00 23.59
N PHE C 125 30.70 -8.96 23.95
CA PHE C 125 30.09 -9.91 24.86
C PHE C 125 28.90 -10.51 24.14
N ILE C 126 28.81 -11.84 24.14
CA ILE C 126 27.87 -12.56 23.29
C ILE C 126 26.81 -13.27 24.12
N PRO C 127 25.80 -12.56 24.65
CA PRO C 127 24.91 -13.20 25.63
C PRO C 127 23.80 -14.06 25.04
N ASN C 128 23.39 -13.84 23.79
CA ASN C 128 22.16 -14.48 23.34
C ASN C 128 22.32 -15.99 23.12
N HIS C 129 23.52 -16.44 22.76
CA HIS C 129 23.68 -17.79 22.21
C HIS C 129 25.13 -18.21 22.38
N SER C 130 25.34 -19.52 22.40
CA SER C 130 26.65 -20.12 22.35
C SER C 130 26.79 -20.87 21.03
N SER C 131 27.98 -21.45 20.83
CA SER C 131 28.16 -22.39 19.74
C SER C 131 27.47 -23.71 20.10
N ASP C 132 27.05 -24.46 19.07
CA ASP C 132 26.59 -25.82 19.35
C ASP C 132 27.75 -26.74 19.70
N GLN C 133 28.99 -26.27 19.60
CA GLN C 133 30.16 -27.02 20.03
C GLN C 133 30.61 -26.64 21.44
N HIS C 134 29.96 -25.66 22.05
CA HIS C 134 30.15 -25.40 23.47
C HIS C 134 29.74 -26.61 24.30
N GLU C 135 30.55 -26.96 25.30
CA GLU C 135 30.25 -28.18 26.03
C GLU C 135 28.96 -28.07 26.83
N TRP C 136 28.46 -26.86 27.09
CA TRP C 136 27.13 -26.75 27.69
C TRP C 136 26.07 -27.34 26.78
N PHE C 137 26.20 -27.11 25.47
CA PHE C 137 25.23 -27.65 24.52
C PHE C 137 25.46 -29.13 24.27
N VAL C 138 26.72 -29.57 24.22
CA VAL C 138 26.99 -31.00 24.10
C VAL C 138 26.36 -31.73 25.28
N LYS C 139 26.51 -31.18 26.48
CA LYS C 139 25.90 -31.81 27.65
C LYS C 139 24.39 -31.64 27.63
N SER C 140 23.90 -30.47 27.21
CA SER C 140 22.44 -30.27 27.14
C SER C 140 21.79 -31.30 26.22
N VAL C 141 22.44 -31.63 25.10
CA VAL C 141 21.86 -32.56 24.15
C VAL C 141 21.66 -33.93 24.78
N VAL C 142 22.61 -34.37 25.60
CA VAL C 142 22.49 -35.65 26.27
C VAL C 142 21.81 -35.49 27.63
N ARG C 143 21.17 -34.33 27.86
CA ARG C 143 20.34 -34.08 29.03
C ARG C 143 21.11 -34.23 30.33
N ASP C 144 22.34 -33.76 30.35
CA ASP C 144 23.01 -33.51 31.62
C ASP C 144 22.13 -32.60 32.47
N PRO C 145 21.68 -33.04 33.65
CA PRO C 145 20.79 -32.19 34.45
C PRO C 145 21.37 -30.83 34.76
N GLU C 146 22.69 -30.66 34.69
CA GLU C 146 23.29 -29.35 34.90
C GLU C 146 22.98 -28.41 33.74
N TYR C 147 22.97 -28.93 32.51
CA TYR C 147 22.85 -28.08 31.34
C TYR C 147 21.65 -28.38 30.47
N SER C 148 20.79 -29.33 30.85
CA SER C 148 19.64 -29.68 30.03
C SER C 148 18.73 -28.47 29.79
N ASP C 149 18.71 -27.52 30.72
CA ASP C 149 17.85 -26.35 30.62
C ASP C 149 18.62 -25.07 30.30
N PHE C 150 19.89 -25.20 29.90
CA PHE C 150 20.65 -24.02 29.50
C PHE C 150 20.20 -23.50 28.15
N TYR C 151 19.54 -24.31 27.35
CA TYR C 151 19.07 -23.92 26.03
C TYR C 151 17.57 -24.11 25.96
N VAL C 152 16.98 -23.69 24.85
CA VAL C 152 15.54 -23.63 24.71
C VAL C 152 15.12 -24.83 23.88
N TRP C 153 14.62 -25.87 24.55
CA TRP C 153 14.20 -27.11 23.92
C TRP C 153 12.69 -27.23 24.02
N ARG C 154 12.04 -27.60 22.92
CA ARG C 154 10.60 -27.80 22.93
C ARG C 154 10.24 -29.05 22.14
N PRO C 155 9.12 -29.69 22.47
CA PRO C 155 8.65 -30.82 21.68
C PRO C 155 8.24 -30.36 20.28
N PRO C 156 8.13 -31.28 19.33
CA PRO C 156 7.56 -30.94 18.03
C PRO C 156 6.12 -30.47 18.18
N ALA C 157 5.65 -29.74 17.18
CA ALA C 157 4.26 -29.31 17.15
C ALA C 157 3.33 -30.52 17.14
N THR C 158 2.06 -30.26 17.48
CA THR C 158 1.05 -31.31 17.57
C THR C 158 0.99 -32.14 16.29
N GLY C 159 0.75 -31.49 15.17
CA GLY C 159 0.74 -32.20 13.92
C GLY C 159 2.10 -32.53 13.37
N GLY C 160 3.17 -32.24 14.11
CA GLY C 160 4.52 -32.47 13.63
C GLY C 160 5.15 -31.20 13.09
N GLY C 161 6.47 -31.08 13.24
CA GLY C 161 7.15 -29.89 12.80
C GLY C 161 7.70 -29.09 13.97
N PRO C 162 8.32 -27.95 13.67
CA PRO C 162 8.87 -27.11 14.73
C PRO C 162 7.77 -26.63 15.67
N PRO C 163 8.14 -26.28 16.90
CA PRO C 163 7.13 -25.87 17.88
C PRO C 163 6.24 -24.72 17.42
N ASN C 164 6.76 -23.81 16.60
CA ASN C 164 5.97 -22.68 16.11
C ASN C 164 6.61 -22.15 14.83
N ASN C 165 6.04 -21.06 14.31
CA ASN C 165 6.41 -20.56 12.99
C ASN C 165 7.62 -19.63 13.00
N TRP C 166 8.34 -19.52 14.13
CA TRP C 166 9.42 -18.52 14.22
C TRP C 166 10.51 -18.80 13.20
N ILE C 167 11.06 -17.73 12.64
CA ILE C 167 11.99 -17.80 11.53
C ILE C 167 13.33 -17.21 11.99
N SER C 168 14.42 -17.84 11.57
CA SER C 168 15.75 -17.35 11.91
C SER C 168 16.05 -16.05 11.17
N VAL C 169 16.82 -15.18 11.85
CA VAL C 169 17.35 -13.95 11.25
C VAL C 169 17.97 -14.26 9.89
N PHE C 170 18.68 -15.38 9.79
CA PHE C 170 19.36 -15.75 8.56
C PHE C 170 18.50 -16.60 7.63
N GLY C 171 17.20 -16.66 7.86
CA GLY C 171 16.31 -17.45 7.00
C GLY C 171 16.11 -18.86 7.51
N GLY C 172 14.97 -19.44 7.15
CA GLY C 172 14.59 -20.76 7.59
C GLY C 172 14.07 -20.76 9.02
N SER C 173 13.57 -21.92 9.43
CA SER C 173 13.02 -22.05 10.78
C SER C 173 14.04 -21.67 11.84
N ALA C 174 13.56 -21.01 12.90
CA ALA C 174 14.39 -20.74 14.08
C ALA C 174 14.54 -21.96 14.98
N TRP C 175 14.10 -23.13 14.54
CA TRP C 175 14.16 -24.34 15.33
C TRP C 175 14.86 -25.42 14.53
N THR C 176 15.65 -26.23 15.22
CA THR C 176 16.36 -27.36 14.63
C THR C 176 16.09 -28.60 15.46
N TYR C 177 15.76 -29.70 14.80
CA TYR C 177 15.40 -30.92 15.51
C TYR C 177 16.65 -31.68 15.90
N ASN C 178 16.64 -32.23 17.11
CA ASN C 178 17.68 -33.14 17.58
C ASN C 178 17.04 -34.49 17.84
N GLN C 179 17.50 -35.51 17.11
CA GLN C 179 16.85 -36.82 17.21
C GLN C 179 17.10 -37.47 18.57
N ALA C 180 18.28 -37.27 19.17
CA ALA C 180 18.56 -37.90 20.46
C ALA C 180 17.59 -37.42 21.53
N ARG C 181 17.39 -36.10 21.62
CA ARG C 181 16.42 -35.57 22.56
C ARG C 181 14.99 -35.70 22.08
N GLY C 182 14.76 -35.87 20.79
CA GLY C 182 13.42 -35.84 20.25
C GLY C 182 12.76 -34.48 20.39
N GLU C 183 13.56 -33.42 20.42
CA GLU C 183 13.05 -32.06 20.58
C GLU C 183 13.78 -31.13 19.61
N TYR C 184 13.20 -29.95 19.44
CA TYR C 184 13.80 -28.87 18.69
C TYR C 184 14.46 -27.90 19.66
N TYR C 185 15.60 -27.33 19.26
CA TYR C 185 16.22 -26.25 20.01
C TYR C 185 16.12 -24.96 19.21
N LEU C 186 16.04 -23.86 19.94
CA LEU C 186 15.87 -22.54 19.34
C LEU C 186 17.21 -21.94 18.96
N HIS C 187 17.26 -21.34 17.78
CA HIS C 187 18.38 -20.51 17.36
C HIS C 187 17.84 -19.35 16.54
N GLN C 188 17.85 -18.14 17.11
CA GLN C 188 17.45 -16.98 16.31
C GLN C 188 18.43 -16.74 15.18
N PHE C 189 19.70 -17.13 15.34
CA PHE C 189 20.67 -17.01 14.26
C PHE C 189 20.88 -18.38 13.62
N THR C 190 22.12 -18.80 13.35
CA THR C 190 22.33 -20.05 12.62
C THR C 190 21.99 -21.25 13.51
N PRO C 191 21.81 -22.44 12.93
CA PRO C 191 21.68 -23.64 13.77
C PRO C 191 22.89 -23.90 14.65
N GLN C 192 24.05 -23.38 14.27
CA GLN C 192 25.28 -23.53 15.04
C GLN C 192 25.37 -22.53 16.19
N GLN C 193 24.31 -21.76 16.42
CA GLN C 193 24.24 -20.75 17.48
C GLN C 193 22.97 -20.93 18.30
N PRO C 194 22.91 -21.99 19.11
CA PRO C 194 21.72 -22.20 19.96
C PRO C 194 21.54 -21.10 21.00
N ASP C 195 20.32 -20.58 21.08
CA ASP C 195 20.00 -19.54 22.05
C ASP C 195 20.15 -20.05 23.47
N LEU C 196 20.75 -19.23 24.33
CA LEU C 196 20.79 -19.55 25.74
C LEU C 196 19.45 -19.22 26.40
N ASN C 197 19.13 -19.95 27.47
CA ASN C 197 17.82 -19.88 28.10
C ASN C 197 17.89 -18.95 29.32
N TYR C 198 17.55 -17.68 29.11
CA TYR C 198 17.63 -16.72 30.21
C TYR C 198 16.42 -16.78 31.14
N ARG C 199 15.43 -17.60 30.84
CA ARG C 199 14.42 -17.91 31.86
C ARG C 199 14.98 -18.80 32.95
N ASN C 200 16.14 -19.42 32.71
CA ASN C 200 16.82 -20.24 33.70
C ASN C 200 17.76 -19.36 34.50
N PRO C 201 17.50 -19.11 35.79
CA PRO C 201 18.37 -18.21 36.57
C PRO C 201 19.85 -18.59 36.54
N LYS C 202 20.16 -19.89 36.45
CA LYS C 202 21.56 -20.29 36.44
C LYS C 202 22.26 -19.84 35.17
N VAL C 203 21.53 -19.67 34.07
CA VAL C 203 22.12 -19.14 32.86
C VAL C 203 22.55 -17.69 33.06
N LEU C 204 21.64 -16.87 33.62
CA LEU C 204 21.99 -15.47 33.88
C LEU C 204 23.14 -15.37 34.87
N ALA C 205 23.14 -16.23 35.88
CA ALA C 205 24.22 -16.20 36.87
C ALA C 205 25.55 -16.55 36.23
N GLU C 206 25.58 -17.59 35.39
CA GLU C 206 26.83 -18.01 34.78
C GLU C 206 27.37 -16.96 33.81
N MET C 207 26.50 -16.32 33.04
CA MET C 207 26.97 -15.33 32.08
C MET C 207 27.43 -14.07 32.78
N THR C 208 26.76 -13.69 33.87
CA THR C 208 27.21 -12.59 34.70
C THR C 208 28.57 -12.90 35.32
N LYS C 209 28.75 -14.13 35.80
CA LYS C 209 30.03 -14.53 36.33
C LYS C 209 31.13 -14.37 35.29
N MET C 210 30.82 -14.70 34.03
CA MET C 210 31.83 -14.58 32.99
C MET C 210 32.12 -13.12 32.64
N LEU C 211 31.14 -12.22 32.84
CA LEU C 211 31.41 -10.79 32.72
C LEU C 211 32.51 -10.36 33.68
N PHE C 212 32.36 -10.71 34.95
CA PHE C 212 33.36 -10.33 35.94
C PHE C 212 34.70 -10.99 35.66
N PHE C 213 34.69 -12.19 35.06
CA PHE C 213 35.95 -12.83 34.68
C PHE C 213 36.77 -11.91 33.79
N TRP C 214 36.15 -11.33 32.77
CA TRP C 214 36.91 -10.50 31.85
C TRP C 214 37.23 -9.14 32.44
N LEU C 215 36.35 -8.60 33.29
CA LEU C 215 36.67 -7.37 34.01
C LEU C 215 37.92 -7.54 34.85
N ASP C 216 38.05 -8.68 35.51
CA ASP C 216 39.20 -8.93 36.36
C ASP C 216 40.49 -8.93 35.58
N ARG C 217 40.43 -9.09 34.26
CA ARG C 217 41.59 -8.98 33.40
C ARG C 217 41.84 -7.55 32.94
N GLY C 218 41.06 -6.59 33.42
CA GLY C 218 41.31 -5.20 33.13
C GLY C 218 40.42 -4.57 32.08
N VAL C 219 39.52 -5.34 31.46
CA VAL C 219 38.67 -4.82 30.40
C VAL C 219 37.89 -3.60 30.88
N ASP C 220 37.60 -2.69 29.96
CA ASP C 220 37.01 -1.40 30.30
C ASP C 220 35.52 -1.29 29.95
N GLY C 221 34.93 -2.34 29.40
CA GLY C 221 33.53 -2.27 29.06
C GLY C 221 33.16 -3.43 28.15
N PHE C 222 31.86 -3.52 27.87
CA PHE C 222 31.33 -4.58 27.04
C PHE C 222 30.36 -4.03 26.03
N ARG C 223 30.44 -4.56 24.82
CA ARG C 223 29.36 -4.45 23.85
C ARG C 223 28.49 -5.69 23.99
N LEU C 224 27.18 -5.46 24.17
CA LEU C 224 26.22 -6.53 24.38
C LEU C 224 25.60 -6.90 23.02
N ASP C 225 26.11 -7.98 22.45
CA ASP C 225 25.71 -8.38 21.10
C ASP C 225 24.26 -8.85 21.05
N ALA C 226 23.53 -8.41 20.02
CA ALA C 226 22.18 -8.91 19.69
C ALA C 226 21.28 -8.92 20.92
N ILE C 227 21.35 -7.85 21.72
CA ILE C 227 20.80 -7.92 23.06
C ILE C 227 19.29 -8.06 23.03
N ASN C 228 18.62 -7.52 21.99
CA ASN C 228 17.17 -7.58 21.99
C ASN C 228 16.62 -8.89 21.47
N HIS C 229 17.49 -9.89 21.26
CA HIS C 229 17.05 -11.24 20.99
C HIS C 229 17.04 -12.12 22.23
N MET C 230 17.34 -11.54 23.41
CA MET C 230 17.57 -12.35 24.61
C MET C 230 16.37 -13.22 24.95
N PHE C 231 15.24 -12.61 25.25
CA PHE C 231 14.06 -13.34 25.70
C PHE C 231 13.11 -13.63 24.55
N GLU C 232 12.29 -14.65 24.75
CA GLU C 232 11.22 -14.95 23.80
C GLU C 232 9.93 -15.20 24.57
N ASP C 233 8.81 -15.13 23.85
CA ASP C 233 7.50 -15.37 24.42
C ASP C 233 7.51 -16.62 25.28
N GLU C 234 6.96 -16.52 26.50
CA GLU C 234 6.98 -17.64 27.41
C GLU C 234 6.06 -18.77 26.98
N GLN C 235 5.03 -18.46 26.19
CA GLN C 235 4.13 -19.47 25.65
C GLN C 235 4.49 -19.87 24.22
N PHE C 236 5.62 -19.38 23.70
CA PHE C 236 6.11 -19.72 22.37
C PHE C 236 5.02 -19.62 21.30
N ARG C 237 4.23 -18.55 21.36
CA ARG C 237 3.14 -18.40 20.42
C ARG C 237 3.66 -18.05 19.04
N ASP C 238 2.93 -18.50 18.02
CA ASP C 238 3.20 -18.10 16.64
C ASP C 238 3.31 -16.58 16.56
N GLU C 239 4.20 -16.12 15.69
CA GLU C 239 4.23 -14.69 15.44
C GLU C 239 3.27 -14.34 14.30
N PRO C 240 2.66 -13.16 14.34
CA PRO C 240 1.70 -12.76 13.32
C PRO C 240 2.40 -12.37 12.02
N LEU C 241 1.65 -12.48 10.92
CA LEU C 241 2.20 -12.05 9.63
C LEU C 241 2.42 -10.55 9.61
N SER C 242 3.54 -10.13 9.00
CA SER C 242 3.84 -8.71 8.86
C SER C 242 2.93 -8.04 7.84
N GLY C 243 2.43 -8.80 6.87
CA GLY C 243 1.85 -8.26 5.66
C GLY C 243 2.85 -8.16 4.52
N TRP C 244 4.14 -8.11 4.83
CA TRP C 244 5.23 -8.05 3.87
C TRP C 244 5.84 -9.43 3.67
N GLY C 245 6.49 -9.62 2.53
CA GLY C 245 7.34 -10.77 2.31
C GLY C 245 6.61 -12.03 1.90
N GLN C 246 7.39 -13.11 1.77
CA GLN C 246 6.94 -14.42 1.35
C GLN C 246 7.16 -15.43 2.46
N PRO C 247 6.34 -16.47 2.55
CA PRO C 247 6.48 -17.46 3.62
C PRO C 247 7.91 -17.97 3.74
N GLY C 248 8.35 -18.15 4.98
CA GLY C 248 9.70 -18.57 5.27
C GLY C 248 10.72 -17.46 5.38
N GLU C 249 10.37 -16.24 4.98
CA GLU C 249 11.27 -15.10 5.07
C GLU C 249 11.16 -14.42 6.43
N TYR C 250 12.30 -13.98 6.95
CA TYR C 250 12.31 -13.33 8.26
C TYR C 250 11.38 -12.13 8.32
N ASP C 251 11.34 -11.33 7.24
CA ASP C 251 10.50 -10.14 7.22
C ASP C 251 9.02 -10.46 7.06
N SER C 252 8.65 -11.73 6.92
CA SER C 252 7.26 -12.10 6.75
C SER C 252 6.48 -12.11 8.06
N LEU C 253 7.17 -11.98 9.21
CA LEU C 253 6.54 -12.03 10.51
C LEU C 253 6.83 -10.76 11.28
N ASP C 254 5.85 -10.32 12.06
CA ASP C 254 6.05 -9.24 13.03
C ASP C 254 6.63 -9.84 14.30
N HIS C 255 7.86 -9.45 14.65
CA HIS C 255 8.63 -10.20 15.63
C HIS C 255 8.35 -9.73 17.07
N ILE C 256 7.06 -9.75 17.44
CA ILE C 256 6.68 -9.35 18.79
C ILE C 256 7.01 -10.40 19.84
N TYR C 257 7.31 -11.63 19.44
CA TYR C 257 7.59 -12.69 20.40
C TYR C 257 9.04 -13.09 20.43
N THR C 258 9.88 -12.50 19.58
CA THR C 258 11.28 -12.88 19.49
C THR C 258 12.24 -11.72 19.60
N LYS C 259 11.82 -10.49 19.32
CA LYS C 259 12.65 -9.31 19.50
C LYS C 259 11.96 -8.35 20.47
N ASP C 260 12.77 -7.70 21.32
CA ASP C 260 12.33 -6.60 22.18
C ASP C 260 11.44 -7.06 23.32
N ILE C 261 11.44 -8.35 23.66
CA ILE C 261 10.69 -8.82 24.82
C ILE C 261 11.23 -8.08 26.05
N PRO C 262 10.40 -7.34 26.79
CA PRO C 262 10.94 -6.28 27.65
C PRO C 262 11.72 -6.77 28.86
N ASP C 263 11.71 -8.07 29.16
CA ASP C 263 12.52 -8.59 30.26
C ASP C 263 13.99 -8.24 30.08
N VAL C 264 14.44 -8.05 28.84
CA VAL C 264 15.84 -7.76 28.59
C VAL C 264 16.27 -6.47 29.27
N TYR C 265 15.35 -5.50 29.38
CA TYR C 265 15.76 -4.20 29.90
C TYR C 265 16.21 -4.32 31.35
N ASP C 266 15.48 -5.07 32.17
CA ASP C 266 15.90 -5.26 33.55
C ASP C 266 17.25 -5.97 33.64
N VAL C 267 17.53 -6.88 32.71
CA VAL C 267 18.84 -7.55 32.72
C VAL C 267 19.95 -6.55 32.43
N VAL C 268 19.72 -5.64 31.49
CA VAL C 268 20.73 -4.65 31.15
C VAL C 268 20.87 -3.63 32.28
N TYR C 269 19.75 -3.17 32.84
CA TYR C 269 19.80 -2.24 33.97
C TYR C 269 20.50 -2.84 35.18
N ASN C 270 20.24 -4.12 35.47
CA ASN C 270 20.92 -4.74 36.60
C ASN C 270 22.40 -4.89 36.30
N TRP C 271 22.75 -5.24 35.06
CA TRP C 271 24.16 -5.29 34.68
C TRP C 271 24.80 -3.92 34.83
N ARG C 272 24.13 -2.86 34.34
CA ARG C 272 24.71 -1.53 34.46
C ARG C 272 25.00 -1.18 35.92
N ASP C 273 24.06 -1.49 36.81
CA ASP C 273 24.27 -1.23 38.23
C ASP C 273 25.48 -2.00 38.75
N GLN C 274 25.63 -3.27 38.35
CA GLN C 274 26.80 -4.06 38.75
C GLN C 274 28.08 -3.46 38.17
N MET C 275 28.02 -2.94 36.94
CA MET C 275 29.18 -2.26 36.37
C MET C 275 29.53 -1.00 37.16
N ASP C 276 28.51 -0.22 37.55
CA ASP C 276 28.78 1.00 38.30
C ASP C 276 29.38 0.67 39.66
N LYS C 277 28.94 -0.43 40.27
CA LYS C 277 29.45 -0.81 41.58
C LYS C 277 30.91 -1.24 41.47
N TYR C 278 31.22 -2.10 40.50
CA TYR C 278 32.60 -2.47 40.22
C TYR C 278 33.44 -1.25 39.88
N SER C 279 32.90 -0.34 39.06
CA SER C 279 33.63 0.88 38.71
C SER C 279 34.03 1.66 39.93
N ALA C 280 33.12 1.82 40.90
CA ALA C 280 33.43 2.56 42.12
C ALA C 280 34.51 1.84 42.93
N GLU C 281 34.37 0.52 43.08
CA GLU C 281 35.33 -0.24 43.88
C GLU C 281 36.73 -0.21 43.26
N LYS C 282 36.83 -0.27 41.94
CA LYS C 282 38.11 -0.41 41.25
C LYS C 282 38.68 0.91 40.74
N GLY C 283 37.92 2.00 40.79
CA GLY C 283 38.43 3.29 40.41
C GLY C 283 38.54 3.56 38.92
N ARG C 284 37.97 2.72 38.07
CA ARG C 284 37.91 3.02 36.64
C ARG C 284 36.49 2.79 36.16
N THR C 285 36.11 3.55 35.13
CA THR C 285 34.73 3.62 34.67
C THR C 285 34.49 2.57 33.59
N ILE C 286 33.68 1.55 33.91
CA ILE C 286 33.33 0.50 32.97
C ILE C 286 32.03 0.87 32.29
N ILE C 287 31.96 0.69 30.96
CA ILE C 287 30.79 1.10 30.20
C ILE C 287 30.14 -0.11 29.55
N LEU C 288 28.87 0.05 29.22
CA LEU C 288 28.12 -0.92 28.43
C LEU C 288 27.64 -0.25 27.16
N MET C 289 27.81 -0.93 26.03
CA MET C 289 27.18 -0.57 24.78
C MET C 289 26.29 -1.73 24.36
N THR C 290 25.15 -1.41 23.78
CA THR C 290 24.20 -2.43 23.36
C THR C 290 24.02 -2.36 21.85
N GLU C 291 23.99 -3.52 21.22
CA GLU C 291 23.69 -3.63 19.80
C GLU C 291 22.26 -4.15 19.66
N ALA C 292 21.35 -3.30 19.21
CA ALA C 292 19.99 -3.73 18.96
C ALA C 292 19.45 -3.04 17.71
N TYR C 293 19.03 -3.82 16.73
CA TYR C 293 18.22 -3.31 15.63
C TYR C 293 16.78 -3.37 16.12
N SER C 294 16.25 -2.21 16.50
CA SER C 294 14.93 -2.13 17.10
C SER C 294 14.25 -0.87 16.57
N SER C 295 13.00 -0.66 16.98
CA SER C 295 12.39 0.65 16.81
C SER C 295 13.24 1.68 17.55
N ILE C 296 13.06 2.96 17.19
CA ILE C 296 13.77 3.99 17.93
C ILE C 296 13.39 3.97 19.41
N GLU C 297 12.09 3.73 19.71
CA GLU C 297 11.68 3.62 21.10
C GLU C 297 12.33 2.43 21.80
N GLY C 298 12.39 1.29 21.13
CA GLY C 298 13.05 0.13 21.72
C GLY C 298 14.53 0.38 21.95
N THR C 299 15.18 1.06 21.01
CA THR C 299 16.61 1.33 21.14
C THR C 299 16.86 2.27 22.30
N MET C 300 16.06 3.33 22.40
CA MET C 300 16.32 4.32 23.44
C MET C 300 16.05 3.78 24.84
N LEU C 301 15.19 2.77 25.01
CA LEU C 301 15.01 2.23 26.35
C LEU C 301 16.28 1.57 26.88
N TYR C 302 17.26 1.28 26.02
CA TYR C 302 18.51 0.74 26.53
C TYR C 302 19.35 1.79 27.25
N TYR C 303 19.18 3.09 26.92
CA TYR C 303 19.84 4.14 27.70
C TYR C 303 19.34 4.14 29.14
N GLU C 304 18.02 4.07 29.30
CA GLU C 304 17.37 4.41 30.56
C GLU C 304 15.88 4.09 30.47
N SER C 305 15.31 3.67 31.59
CA SER C 305 13.89 3.36 31.65
C SER C 305 13.06 4.62 31.37
N ALA C 306 11.80 4.40 31.00
CA ALA C 306 10.93 5.54 30.69
C ALA C 306 10.74 6.45 31.91
N ASP C 307 10.71 5.87 33.11
CA ASP C 307 10.54 6.68 34.31
C ASP C 307 11.84 7.30 34.80
N ARG C 308 12.94 7.09 34.08
CA ARG C 308 14.26 7.67 34.33
C ARG C 308 14.92 7.14 35.59
N LYS C 309 14.35 6.12 36.22
CA LYS C 309 14.89 5.58 37.47
C LYS C 309 15.99 4.55 37.26
N ARG C 310 16.11 3.96 36.07
CA ARG C 310 17.15 2.98 35.80
C ARG C 310 18.00 3.42 34.61
N GLN C 311 19.30 3.18 34.71
CA GLN C 311 20.23 3.36 33.61
C GLN C 311 20.63 2.00 33.06
N GLY C 312 20.92 1.97 31.77
CA GLY C 312 21.42 0.75 31.16
C GLY C 312 22.71 0.98 30.40
N ALA C 313 22.63 0.90 29.08
CA ALA C 313 23.77 1.15 28.24
C ALA C 313 24.16 2.62 28.28
N HIS C 314 25.46 2.88 28.46
CA HIS C 314 25.97 4.23 28.27
C HIS C 314 25.75 4.70 26.85
N MET C 315 25.91 3.80 25.86
CA MET C 315 25.75 4.15 24.45
C MET C 315 25.16 2.95 23.70
N PRO C 316 23.85 2.92 23.49
CA PRO C 316 23.28 2.00 22.50
C PRO C 316 23.83 2.32 21.12
N PHE C 317 24.07 1.28 20.32
CA PHE C 317 24.62 1.53 18.99
C PHE C 317 23.63 2.33 18.16
N ASN C 318 24.18 3.30 17.43
CA ASN C 318 23.41 4.21 16.59
C ASN C 318 23.89 4.07 15.15
N PHE C 319 23.07 3.42 14.32
CA PHE C 319 23.43 3.10 12.94
C PHE C 319 22.88 4.12 11.94
N GLN C 320 22.48 5.32 12.39
CA GLN C 320 21.87 6.30 11.49
C GLN C 320 22.76 6.64 10.30
N LEU C 321 24.06 6.89 10.54
CA LEU C 321 24.92 7.32 9.44
C LEU C 321 25.16 6.19 8.44
N ILE C 322 25.14 4.93 8.90
CA ILE C 322 25.26 3.82 7.96
C ILE C 322 24.05 3.77 7.04
N TYR C 323 22.85 3.90 7.63
CA TYR C 323 21.61 3.83 6.86
C TYR C 323 21.48 4.99 5.88
N ASP C 324 21.80 6.20 6.33
CA ASP C 324 21.31 7.40 5.68
C ASP C 324 22.38 8.26 5.04
N PHE C 325 23.66 8.07 5.34
CA PHE C 325 24.68 8.76 4.54
C PHE C 325 24.92 7.90 3.31
N LYS C 326 24.20 8.23 2.24
CA LYS C 326 24.15 7.41 1.04
C LYS C 326 24.46 8.29 -0.17
N LYS C 327 24.56 7.65 -1.34
CA LYS C 327 25.13 8.31 -2.51
C LYS C 327 24.28 9.48 -3.02
N GLU C 328 22.97 9.42 -2.83
CA GLU C 328 22.09 10.48 -3.33
C GLU C 328 21.37 11.22 -2.20
N GLN C 329 21.91 11.17 -0.99
CA GLN C 329 21.39 11.93 0.14
C GLN C 329 21.63 13.42 -0.08
N ASN C 330 20.71 14.25 0.44
CA ASN C 330 20.99 15.68 0.48
C ASN C 330 21.16 16.14 1.93
N ALA C 331 21.36 17.45 2.11
CA ALA C 331 21.59 17.95 3.47
C ALA C 331 20.34 17.85 4.32
N VAL C 332 19.16 17.92 3.70
CA VAL C 332 17.91 17.76 4.45
C VAL C 332 17.84 16.37 5.05
N GLY C 333 18.07 15.35 4.23
CA GLY C 333 17.98 13.99 4.72
C GLY C 333 19.07 13.67 5.71
N LEU C 334 20.26 14.22 5.50
CA LEU C 334 21.34 14.01 6.46
C LEU C 334 21.00 14.62 7.81
N LYS C 335 20.57 15.88 7.81
CA LYS C 335 20.20 16.52 9.07
C LYS C 335 19.05 15.80 9.75
N SER C 336 18.02 15.39 8.98
CA SER C 336 16.90 14.70 9.62
C SER C 336 17.33 13.34 10.16
N SER C 337 18.34 12.72 9.55
CA SER C 337 18.82 11.45 10.07
C SER C 337 19.54 11.65 11.40
N ILE C 338 20.38 12.69 11.49
CA ILE C 338 21.03 13.02 12.76
C ILE C 338 19.99 13.38 13.81
N ASP C 339 18.99 14.16 13.42
CA ASP C 339 17.97 14.60 14.37
C ASP C 339 17.07 13.43 14.80
N TRP C 340 16.91 12.41 13.95
CA TRP C 340 16.11 11.27 14.37
C TRP C 340 16.72 10.64 15.61
N TRP C 341 18.04 10.58 15.68
CA TRP C 341 18.68 10.07 16.88
C TRP C 341 18.57 11.08 18.01
N MET C 342 19.00 12.32 17.79
CA MET C 342 19.05 13.29 18.88
C MET C 342 17.65 13.58 19.42
N ASN C 343 16.66 13.74 18.55
CA ASN C 343 15.31 14.07 19.01
C ASN C 343 14.75 12.99 19.92
N ASN C 344 15.11 11.74 19.66
CA ASN C 344 14.54 10.60 20.36
C ASN C 344 15.33 10.17 21.57
N MET C 345 16.55 10.68 21.72
CA MET C 345 17.35 10.34 22.89
C MET C 345 16.68 10.83 24.17
N PRO C 346 16.92 10.15 25.29
CA PRO C 346 16.60 10.75 26.58
C PRO C 346 17.54 11.90 26.86
N ALA C 347 17.07 12.87 27.62
CA ALA C 347 17.90 14.00 28.02
C ALA C 347 19.09 13.55 28.85
N ARG C 348 20.20 14.30 28.73
CA ARG C 348 21.39 14.13 29.55
C ARG C 348 22.10 12.81 29.30
N HIS C 349 22.11 12.33 28.06
CA HIS C 349 22.86 11.12 27.74
C HIS C 349 23.81 11.37 26.56
N THR C 350 24.66 10.40 26.30
CA THR C 350 25.74 10.57 25.32
C THR C 350 25.36 9.92 23.99
N PRO C 351 25.35 10.68 22.90
CA PRO C 351 25.21 10.06 21.57
C PRO C 351 26.53 9.47 21.07
N SER C 352 26.41 8.47 20.20
CA SER C 352 27.55 7.89 19.51
C SER C 352 27.24 7.81 18.03
N TRP C 353 28.31 7.72 17.23
CA TRP C 353 28.21 7.78 15.77
C TRP C 353 29.16 6.76 15.15
N VAL C 354 28.70 6.07 14.11
CA VAL C 354 29.50 5.02 13.48
C VAL C 354 29.11 4.96 12.01
N ALA C 355 30.12 4.81 11.13
CA ALA C 355 29.86 4.73 9.71
C ALA C 355 30.12 3.35 9.11
N GLY C 356 30.71 2.44 9.87
CA GLY C 356 31.00 1.11 9.37
C GLY C 356 31.32 0.18 10.52
N SER C 357 31.33 -1.12 10.23
CA SER C 357 31.58 -2.14 11.24
C SER C 357 31.91 -3.43 10.52
N HIS C 358 32.20 -4.47 11.30
CA HIS C 358 32.42 -5.80 10.75
C HIS C 358 31.18 -6.39 10.11
N ASP C 359 30.01 -5.80 10.34
CA ASP C 359 28.75 -6.28 9.79
C ASP C 359 28.33 -5.54 8.52
N HIS C 360 29.10 -4.55 8.08
CA HIS C 360 28.63 -3.61 7.07
C HIS C 360 29.65 -3.44 5.96
N SER C 361 29.15 -3.26 4.74
CA SER C 361 30.00 -2.87 3.61
C SER C 361 30.84 -1.66 3.98
N ARG C 362 32.07 -1.61 3.47
CA ARG C 362 32.97 -0.52 3.83
C ARG C 362 32.49 0.81 3.23
N VAL C 363 32.81 1.91 3.92
CA VAL C 363 32.29 3.23 3.55
C VAL C 363 32.68 3.58 2.11
N ALA C 364 33.95 3.34 1.76
CA ALA C 364 34.42 3.67 0.42
C ALA C 364 33.63 2.91 -0.63
N SER C 365 33.24 1.65 -0.36
CA SER C 365 32.43 0.93 -1.33
C SER C 365 30.97 1.36 -1.30
N ARG C 366 30.45 1.70 -0.12
CA ARG C 366 29.05 2.12 0.01
C ARG C 366 28.81 3.46 -0.67
N VAL C 367 29.55 4.49 -0.28
CA VAL C 367 29.29 5.84 -0.74
C VAL C 367 30.27 6.30 -1.81
N GLY C 368 31.43 5.66 -1.94
CA GLY C 368 32.40 6.10 -2.93
C GLY C 368 33.69 6.61 -2.33
N LEU C 369 34.79 6.42 -3.06
CA LEU C 369 36.09 6.85 -2.58
C LEU C 369 36.18 8.37 -2.47
N ASP C 370 35.43 9.09 -3.31
CA ASP C 370 35.42 10.55 -3.24
C ASP C 370 34.59 11.09 -2.08
N ARG C 371 34.03 10.23 -1.24
CA ARG C 371 33.21 10.65 -0.12
C ARG C 371 33.67 10.14 1.23
N VAL C 372 34.71 9.29 1.29
CA VAL C 372 35.16 8.80 2.59
C VAL C 372 35.59 9.96 3.49
N ASP C 373 36.18 10.99 2.90
CA ASP C 373 36.75 12.06 3.71
C ASP C 373 35.66 12.89 4.38
N GLN C 374 34.61 13.24 3.64
CA GLN C 374 33.57 14.06 4.26
C GLN C 374 32.76 13.25 5.26
N VAL C 375 32.65 11.93 5.06
CA VAL C 375 32.05 11.09 6.10
C VAL C 375 32.85 11.23 7.39
N MET C 376 34.19 11.22 7.28
CA MET C 376 35.04 11.37 8.46
C MET C 376 34.81 12.71 9.14
N THR C 377 34.81 13.78 8.36
CA THR C 377 34.66 15.11 8.92
C THR C 377 33.40 15.19 9.76
N LEU C 378 32.30 14.64 9.25
CA LEU C 378 31.05 14.64 9.99
C LEU C 378 31.12 13.75 11.21
N LEU C 379 31.61 12.52 11.02
CA LEU C 379 31.67 11.52 12.09
C LEU C 379 32.39 12.09 13.31
N HIS C 380 33.50 12.77 13.10
CA HIS C 380 34.32 13.16 14.24
C HIS C 380 33.98 14.53 14.80
N THR C 381 33.08 15.31 14.17
CA THR C 381 32.69 16.58 14.74
C THR C 381 31.28 16.60 15.33
N LEU C 382 30.44 15.59 15.03
CA LEU C 382 29.16 15.47 15.71
C LEU C 382 29.40 15.33 17.21
N PRO C 383 28.45 15.77 18.04
CA PRO C 383 28.64 15.68 19.49
C PRO C 383 28.79 14.24 19.95
N GLY C 384 29.60 14.04 20.98
CA GLY C 384 29.68 12.73 21.59
C GLY C 384 30.84 11.87 21.14
N THR C 385 30.57 10.59 20.96
CA THR C 385 31.60 9.57 20.76
C THR C 385 31.56 9.10 19.32
N SER C 386 32.73 9.02 18.68
CA SER C 386 32.81 8.49 17.32
C SER C 386 33.42 7.10 17.34
N ILE C 387 32.99 6.27 16.39
CA ILE C 387 33.45 4.89 16.29
C ILE C 387 33.96 4.66 14.88
N THR C 388 35.22 4.23 14.76
CA THR C 388 35.88 3.99 13.47
C THR C 388 36.15 2.51 13.29
N TYR C 389 35.80 1.98 12.10
CA TYR C 389 36.08 0.61 11.70
C TYR C 389 37.48 0.51 11.11
N TYR C 390 38.24 -0.50 11.55
CA TYR C 390 39.63 -0.61 11.11
C TYR C 390 39.68 -0.54 9.59
N GLY C 391 40.66 0.19 9.08
CA GLY C 391 40.83 0.35 7.66
C GLY C 391 40.14 1.57 7.07
N GLU C 392 39.19 2.16 7.79
CA GLU C 392 38.58 3.38 7.28
C GLU C 392 39.61 4.50 7.19
N GLU C 393 40.60 4.51 8.09
CA GLU C 393 41.62 5.55 8.05
C GLU C 393 42.52 5.47 6.82
N VAL C 394 42.51 4.36 6.09
CA VAL C 394 43.22 4.30 4.82
C VAL C 394 42.27 4.07 3.64
N ALA C 395 41.00 4.40 3.82
CA ALA C 395 39.98 4.31 2.76
C ALA C 395 39.89 2.91 2.16
N MET C 396 39.98 1.89 3.01
CA MET C 396 39.83 0.52 2.53
C MET C 396 38.48 0.32 1.84
N GLN C 397 38.46 -0.57 0.84
CA GLN C 397 37.26 -0.92 0.11
C GLN C 397 36.88 -2.38 0.38
N ASP C 398 35.63 -2.72 0.07
CA ASP C 398 35.23 -4.11 -0.02
C ASP C 398 36.06 -4.81 -1.10
N PHE C 399 36.41 -6.06 -0.84
CA PHE C 399 36.96 -6.94 -1.88
C PHE C 399 35.95 -8.07 -2.07
N LYS C 400 34.97 -7.85 -2.97
CA LYS C 400 33.92 -8.83 -3.18
C LYS C 400 34.50 -10.19 -3.59
N GLU C 401 35.50 -10.18 -4.46
CA GLU C 401 36.04 -11.42 -4.99
C GLU C 401 36.79 -12.25 -3.95
N ALA C 402 37.00 -11.73 -2.75
CA ALA C 402 37.63 -12.49 -1.68
C ALA C 402 36.65 -13.33 -0.88
N GLN C 403 35.36 -13.26 -1.19
CA GLN C 403 34.35 -13.97 -0.42
C GLN C 403 34.57 -15.47 -0.48
N GLN C 404 34.57 -16.12 0.69
CA GLN C 404 34.76 -17.56 0.81
C GLN C 404 33.77 -18.18 1.78
N PHE C 405 33.48 -17.49 2.89
CA PHE C 405 32.67 -18.04 3.96
C PHE C 405 31.38 -17.28 4.24
N ASP C 406 31.31 -15.99 3.92
CA ASP C 406 30.28 -15.14 4.47
C ASP C 406 30.13 -13.92 3.56
N ASN C 407 28.90 -13.43 3.44
CA ASN C 407 28.66 -12.22 2.67
C ASN C 407 29.38 -11.02 3.27
N ARG C 408 29.83 -11.12 4.51
CA ARG C 408 30.56 -10.02 5.12
C ARG C 408 32.07 -10.12 4.92
N ASP C 409 32.56 -11.23 4.36
CA ASP C 409 33.98 -11.32 4.02
C ASP C 409 34.51 -10.11 3.27
N PRO C 410 33.81 -9.54 2.28
CA PRO C 410 34.40 -8.41 1.55
C PRO C 410 34.83 -7.24 2.42
N ASN C 411 34.16 -6.99 3.54
CA ASN C 411 34.53 -5.88 4.42
C ASN C 411 35.38 -6.31 5.60
N ARG C 412 35.90 -7.54 5.58
CA ARG C 412 36.71 -8.10 6.66
C ARG C 412 38.09 -8.52 6.19
N THR C 413 38.56 -7.98 5.06
CA THR C 413 39.86 -8.41 4.55
C THR C 413 40.99 -7.75 5.35
N PRO C 414 42.19 -8.32 5.28
CA PRO C 414 43.26 -7.88 6.21
C PRO C 414 43.58 -6.39 6.12
N MET C 415 43.93 -5.84 7.28
CA MET C 415 44.35 -4.45 7.38
C MET C 415 45.55 -4.19 6.47
N GLN C 416 45.56 -3.01 5.85
CA GLN C 416 46.57 -2.66 4.86
C GLN C 416 47.57 -1.70 5.47
N TRP C 417 48.77 -2.20 5.81
CA TRP C 417 49.78 -1.42 6.52
C TRP C 417 50.83 -0.80 5.60
N ASP C 418 51.29 -1.52 4.59
CA ASP C 418 52.31 -1.00 3.68
C ASP C 418 52.15 -1.68 2.32
N SER C 419 53.15 -1.52 1.47
CA SER C 419 53.14 -2.06 0.13
C SER C 419 53.84 -3.41 0.01
N SER C 420 54.30 -3.99 1.12
CA SER C 420 54.98 -5.28 1.06
C SER C 420 53.96 -6.40 0.78
N THR C 421 54.45 -7.63 0.80
CA THR C 421 53.59 -8.80 0.60
C THR C 421 52.43 -8.75 1.58
N SER C 422 51.22 -9.00 1.07
CA SER C 422 50.00 -9.01 1.88
C SER C 422 49.81 -7.70 2.66
N ALA C 423 50.30 -6.60 2.10
CA ALA C 423 50.13 -5.26 2.67
C ALA C 423 50.73 -5.15 4.06
N GLY C 424 51.73 -5.97 4.36
CA GLY C 424 52.34 -5.94 5.67
C GLY C 424 51.48 -6.50 6.78
N PHE C 425 50.28 -6.98 6.45
CA PHE C 425 49.46 -7.70 7.42
C PHE C 425 50.15 -8.99 7.85
N SER C 426 50.84 -9.65 6.92
CA SER C 426 51.45 -10.95 7.19
C SER C 426 52.67 -11.09 6.29
N THR C 427 53.62 -11.94 6.73
CA THR C 427 54.72 -12.34 5.86
C THR C 427 54.30 -13.42 4.87
N ASN C 428 53.15 -14.05 5.11
CA ASN C 428 52.64 -15.10 4.25
C ASN C 428 51.82 -14.48 3.12
N THR C 429 52.02 -14.97 1.91
CA THR C 429 51.24 -14.52 0.77
C THR C 429 49.82 -15.07 0.79
N ASN C 430 49.55 -16.08 1.62
CA ASN C 430 48.23 -16.70 1.72
C ASN C 430 47.60 -16.27 3.04
N THR C 431 46.73 -15.26 2.98
CA THR C 431 46.05 -14.74 4.15
C THR C 431 44.65 -15.34 4.24
N TRP C 432 44.07 -15.29 5.45
CA TRP C 432 42.82 -16.00 5.68
C TRP C 432 41.71 -15.49 4.78
N LEU C 433 41.70 -14.19 4.47
CA LEU C 433 40.98 -13.65 3.33
C LEU C 433 41.99 -12.93 2.45
N ARG C 434 41.71 -12.89 1.15
CA ARG C 434 42.62 -12.21 0.23
C ARG C 434 42.65 -10.71 0.53
N VAL C 435 43.81 -10.11 0.35
CA VAL C 435 43.98 -8.67 0.53
C VAL C 435 43.47 -7.95 -0.72
N HIS C 436 42.86 -6.78 -0.53
CA HIS C 436 42.34 -6.04 -1.68
C HIS C 436 43.48 -5.67 -2.63
N PRO C 437 43.29 -5.85 -3.94
CA PRO C 437 44.44 -5.80 -4.85
C PRO C 437 45.11 -4.44 -4.97
N ASP C 438 44.45 -3.34 -4.59
CA ASP C 438 45.07 -2.04 -4.68
C ASP C 438 45.64 -1.57 -3.35
N TYR C 439 46.08 -2.52 -2.51
CA TYR C 439 46.64 -2.17 -1.20
C TYR C 439 47.89 -1.30 -1.33
N ALA C 440 48.62 -1.40 -2.44
CA ALA C 440 49.85 -0.64 -2.58
C ALA C 440 49.60 0.86 -2.63
N ARG C 441 48.39 1.28 -3.01
CA ARG C 441 48.02 2.69 -2.95
C ARG C 441 47.30 3.05 -1.66
N TYR C 442 46.63 2.09 -1.02
CA TYR C 442 45.77 2.36 0.14
C TYR C 442 46.30 1.62 1.36
N ASN C 443 47.31 2.19 2.01
CA ASN C 443 47.90 1.57 3.18
C ASN C 443 48.53 2.66 4.05
N VAL C 444 48.81 2.29 5.31
CA VAL C 444 49.27 3.25 6.30
C VAL C 444 50.58 3.89 5.87
N ASP C 445 51.55 3.07 5.42
CA ASP C 445 52.89 3.58 5.17
C ASP C 445 52.91 4.60 4.03
N VAL C 446 52.25 4.30 2.92
CA VAL C 446 52.28 5.23 1.79
C VAL C 446 51.45 6.47 2.11
N MET C 447 50.33 6.31 2.81
CA MET C 447 49.47 7.45 3.07
C MET C 447 50.09 8.42 4.08
N GLN C 448 50.85 7.91 5.05
CA GLN C 448 51.47 8.80 6.04
C GLN C 448 52.51 9.70 5.39
N LYS C 449 53.13 9.25 4.30
CA LYS C 449 54.08 10.09 3.58
C LYS C 449 53.40 11.20 2.78
N ASN C 450 52.09 11.12 2.60
CA ASN C 450 51.35 12.06 1.76
C ASN C 450 50.49 12.97 2.62
N PRO C 451 50.89 14.23 2.83
CA PRO C 451 50.08 15.12 3.67
C PRO C 451 48.65 15.28 3.18
N GLN C 452 48.41 15.07 1.90
CA GLN C 452 47.10 15.26 1.29
C GLN C 452 46.21 14.03 1.37
N SER C 453 46.57 13.04 2.20
CA SER C 453 45.89 11.74 2.12
C SER C 453 44.76 11.65 3.14
N THR C 454 43.91 10.64 2.92
CA THR C 454 42.82 10.37 3.84
C THR C 454 43.33 10.05 5.24
N PHE C 455 44.44 9.31 5.32
CA PHE C 455 45.05 9.01 6.61
C PHE C 455 45.45 10.28 7.35
N HIS C 456 46.00 11.26 6.65
CA HIS C 456 46.34 12.52 7.31
C HIS C 456 45.09 13.28 7.71
N HIS C 457 44.08 13.27 6.85
CA HIS C 457 42.80 13.89 7.18
C HIS C 457 42.23 13.29 8.46
N PHE C 458 42.27 11.97 8.57
CA PHE C 458 41.77 11.28 9.76
C PHE C 458 42.47 11.79 11.01
N GLN C 459 43.80 11.88 10.96
CA GLN C 459 44.53 12.33 12.13
C GLN C 459 44.25 13.79 12.47
N HIS C 460 44.03 14.63 11.45
CA HIS C 460 43.66 16.02 11.75
C HIS C 460 42.40 16.06 12.60
N LEU C 461 41.42 15.22 12.25
CA LEU C 461 40.11 15.27 12.90
C LEU C 461 40.14 14.65 14.28
N THR C 462 40.88 13.54 14.47
CA THR C 462 40.95 13.01 15.82
C THR C 462 41.75 13.93 16.71
N LYS C 463 42.70 14.68 16.15
CA LYS C 463 43.40 15.70 16.93
C LYS C 463 42.46 16.85 17.29
N LEU C 464 41.63 17.28 16.32
CA LEU C 464 40.60 18.28 16.61
C LEU C 464 39.67 17.84 17.74
N ARG C 465 39.41 16.53 17.86
CA ARG C 465 38.46 16.04 18.86
C ARG C 465 38.91 16.34 20.28
N ARG C 466 40.20 16.52 20.50
CA ARG C 466 40.66 16.79 21.85
C ARG C 466 40.37 18.21 22.29
N HIS C 467 40.00 19.12 21.38
CA HIS C 467 39.69 20.48 21.77
C HIS C 467 38.43 20.50 22.63
N ARG C 468 38.44 21.36 23.65
CA ARG C 468 37.34 21.38 24.61
C ARG C 468 36.01 21.71 23.94
N THR C 469 36.03 22.56 22.92
CA THR C 469 34.78 22.89 22.22
C THR C 469 34.20 21.65 21.55
N MET C 470 35.05 20.75 21.07
CA MET C 470 34.54 19.52 20.43
C MET C 470 34.08 18.50 21.46
N GLN C 471 34.81 18.38 22.58
CA GLN C 471 34.45 17.40 23.60
C GLN C 471 33.15 17.77 24.30
N SER C 472 32.92 19.07 24.53
CA SER C 472 31.90 19.52 25.48
C SER C 472 31.02 20.64 24.97
N GLY C 473 31.23 21.13 23.76
CA GLY C 473 30.48 22.28 23.31
C GLY C 473 29.08 21.93 22.87
N GLU C 474 28.27 22.98 22.76
CA GLU C 474 26.97 22.89 22.14
C GLU C 474 27.15 22.49 20.67
N TYR C 475 26.07 22.04 20.06
CA TYR C 475 26.03 21.91 18.60
C TYR C 475 24.81 22.64 18.06
N VAL C 476 25.02 23.31 16.93
CA VAL C 476 23.99 24.05 16.21
C VAL C 476 24.15 23.64 14.75
N HIS C 477 23.19 22.88 14.22
CA HIS C 477 23.34 22.47 12.83
C HIS C 477 22.15 22.94 12.01
N LYS C 478 22.42 23.13 10.72
CA LYS C 478 21.51 23.75 9.78
C LYS C 478 21.78 23.19 8.40
N THR C 479 20.81 23.31 7.51
CA THR C 479 21.11 23.26 6.09
C THR C 479 21.48 24.66 5.61
N VAL C 480 22.14 24.71 4.45
CA VAL C 480 22.50 25.97 3.80
C VAL C 480 22.07 25.82 2.35
N GLY C 481 20.78 25.94 2.10
CA GLY C 481 20.19 25.35 0.92
C GLY C 481 20.10 23.84 1.12
N THR C 482 19.36 23.15 0.27
CA THR C 482 19.10 21.74 0.57
C THR C 482 20.30 20.84 0.31
N LYS C 483 21.39 21.38 -0.25
CA LYS C 483 22.55 20.57 -0.63
C LYS C 483 23.67 20.61 0.38
N VAL C 484 23.67 21.57 1.31
CA VAL C 484 24.84 21.83 2.15
C VAL C 484 24.43 21.70 3.62
N TYR C 485 25.20 20.91 4.37
CA TYR C 485 24.97 20.67 5.78
C TYR C 485 26.07 21.38 6.58
N ALA C 486 25.68 22.03 7.67
CA ALA C 486 26.63 22.81 8.46
C ALA C 486 26.39 22.55 9.93
N LEU C 487 27.47 22.41 10.67
CA LEU C 487 27.41 21.99 12.07
C LEU C 487 28.35 22.86 12.89
N LEU C 488 27.80 23.69 13.77
CA LEU C 488 28.56 24.59 14.60
C LEU C 488 28.75 23.98 16.00
N ARG C 489 29.99 23.97 16.47
CA ARG C 489 30.30 23.59 17.85
C ARG C 489 30.80 24.83 18.57
N GLU C 490 30.18 25.17 19.69
CA GLU C 490 30.49 26.41 20.39
C GLU C 490 30.44 26.18 21.90
N LEU C 491 31.37 26.80 22.61
CA LEU C 491 31.48 26.67 24.05
C LEU C 491 31.94 27.99 24.63
N ARG C 492 31.19 28.49 25.63
CA ARG C 492 31.46 29.79 26.26
C ARG C 492 32.94 29.91 26.61
N GLY C 493 33.57 30.98 26.14
CA GLY C 493 34.96 31.27 26.44
C GLY C 493 35.98 30.54 25.60
N GLU C 494 35.54 29.72 24.64
CA GLU C 494 36.43 28.97 23.77
C GLU C 494 36.15 29.31 22.32
N ASP C 495 37.09 28.94 21.46
CA ASP C 495 36.89 29.09 20.02
C ASP C 495 35.70 28.24 19.57
N SER C 496 35.15 28.63 18.44
CA SER C 496 34.03 27.93 17.82
C SER C 496 34.52 27.22 16.56
N PHE C 497 33.84 26.13 16.20
CA PHE C 497 34.22 25.33 15.04
C PHE C 497 32.98 25.06 14.20
N LEU C 498 33.11 25.24 12.89
CA LEU C 498 31.98 25.09 11.98
C LEU C 498 32.34 24.05 10.93
N THR C 499 31.68 22.89 11.00
CA THR C 499 31.82 21.87 9.97
C THR C 499 30.87 22.18 8.82
N VAL C 500 31.34 22.09 7.59
CA VAL C 500 30.50 22.28 6.42
C VAL C 500 30.74 21.14 5.43
N LEU C 501 29.64 20.53 4.96
CA LEU C 501 29.69 19.45 3.97
C LEU C 501 28.88 19.84 2.75
N ASN C 502 29.45 19.61 1.57
CA ASN C 502 28.69 19.71 0.33
C ASN C 502 28.18 18.32 0.00
N MET C 503 26.86 18.12 0.06
CA MET C 503 26.31 16.83 -0.29
C MET C 503 26.12 16.65 -1.78
N ALA C 504 26.47 17.65 -2.58
CA ALA C 504 26.37 17.56 -4.03
C ALA C 504 27.75 17.36 -4.63
N GLY C 505 27.77 16.71 -5.80
CA GLY C 505 29.01 16.48 -6.52
C GLY C 505 29.37 17.58 -7.50
N ALA C 506 28.93 18.81 -7.21
CA ALA C 506 29.31 19.95 -8.02
C ALA C 506 29.65 21.12 -7.10
N GLU C 507 30.53 21.98 -7.59
CA GLU C 507 30.95 23.14 -6.83
C GLU C 507 29.79 24.09 -6.58
N ASP C 508 29.84 24.78 -5.45
CA ASP C 508 28.86 25.79 -5.06
C ASP C 508 29.55 26.76 -4.13
N THR C 509 29.05 27.99 -4.08
CA THR C 509 29.55 28.99 -3.14
C THR C 509 28.38 29.45 -2.28
N VAL C 510 28.52 29.34 -0.96
CA VAL C 510 27.36 29.51 -0.08
C VAL C 510 27.61 30.61 0.94
N ASP C 511 26.49 31.04 1.52
CA ASP C 511 26.43 32.12 2.49
C ASP C 511 26.01 31.51 3.82
N LEU C 512 26.96 31.41 4.76
CA LEU C 512 26.74 30.82 6.07
C LEU C 512 26.17 31.82 7.10
N GLY C 513 25.66 32.96 6.63
CA GLY C 513 25.24 34.04 7.50
C GLY C 513 24.08 33.71 8.42
N ASP C 514 23.34 32.64 8.13
CA ASP C 514 22.27 32.24 9.03
C ASP C 514 22.79 31.83 10.41
N PHE C 515 24.08 31.48 10.51
CA PHE C 515 24.72 31.33 11.83
C PHE C 515 25.04 32.72 12.33
N VAL C 516 24.12 33.30 13.10
CA VAL C 516 24.18 34.73 13.37
C VAL C 516 25.42 35.10 14.18
N ASN C 517 25.87 34.22 15.07
CA ASN C 517 26.89 34.60 16.04
C ASN C 517 28.31 34.32 15.56
N LEU C 518 28.48 33.93 14.30
CA LEU C 518 29.80 33.67 13.73
C LEU C 518 30.35 34.95 13.10
N PRO C 519 31.67 35.17 13.17
CA PRO C 519 32.26 36.33 12.50
C PRO C 519 32.27 36.10 10.99
N GLN C 520 32.40 37.20 10.25
CA GLN C 520 32.42 37.11 8.80
C GLN C 520 33.63 36.34 8.30
N LYS C 521 34.79 36.56 8.91
CA LYS C 521 36.02 35.89 8.52
C LYS C 521 36.31 34.75 9.49
N MET C 522 36.61 33.58 8.95
CA MET C 522 36.95 32.44 9.78
C MET C 522 38.20 31.78 9.21
N ARG C 523 38.83 30.93 10.01
CA ARG C 523 40.03 30.22 9.62
C ARG C 523 39.69 28.79 9.23
N VAL C 524 40.36 28.29 8.20
CA VAL C 524 40.21 26.90 7.81
C VAL C 524 41.03 26.07 8.78
N GLU C 525 40.36 25.40 9.72
CA GLU C 525 41.06 24.51 10.62
C GLU C 525 41.43 23.20 9.94
N VAL C 526 40.46 22.58 9.27
CA VAL C 526 40.66 21.36 8.51
C VAL C 526 40.01 21.51 7.14
N ALA C 527 40.67 20.99 6.11
CA ALA C 527 40.06 20.84 4.80
C ALA C 527 40.39 19.45 4.28
N GLN C 528 39.41 18.78 3.69
CA GLN C 528 39.62 17.40 3.25
C GLN C 528 40.58 17.36 2.06
N PRO C 529 41.14 16.17 1.75
CA PRO C 529 42.11 16.06 0.66
C PRO C 529 41.74 16.80 -0.62
N ASN C 530 40.57 16.53 -1.19
CA ASN C 530 40.15 17.21 -2.40
C ASN C 530 39.13 18.26 -1.98
N SER C 531 39.62 19.46 -1.67
CA SER C 531 38.81 20.55 -1.17
C SER C 531 39.11 21.82 -1.93
N LYS C 532 38.12 22.71 -1.96
CA LYS C 532 38.34 24.05 -2.48
C LYS C 532 38.94 24.96 -1.43
N SER C 533 39.12 24.49 -0.20
CA SER C 533 39.82 25.21 0.85
C SER C 533 41.14 24.51 1.17
N LYS C 534 42.04 25.25 1.81
CA LYS C 534 43.29 24.70 2.31
C LYS C 534 43.51 25.20 3.73
N ALA C 535 43.91 24.28 4.60
CA ALA C 535 44.14 24.59 6.01
C ALA C 535 45.07 25.79 6.16
N GLY C 536 44.71 26.68 7.08
CA GLY C 536 45.46 27.89 7.33
C GLY C 536 44.93 29.13 6.65
N ASN C 537 44.10 28.96 5.62
CA ASN C 537 43.64 30.11 4.86
C ASN C 537 42.44 30.76 5.54
N GLU C 538 42.33 32.08 5.33
CA GLU C 538 41.15 32.83 5.73
C GLU C 538 40.05 32.63 4.70
N VAL C 539 38.81 32.51 5.16
CA VAL C 539 37.67 32.47 4.26
C VAL C 539 36.65 33.49 4.72
N ASP C 540 35.83 33.91 3.77
CA ASP C 540 34.66 34.75 4.02
C ASP C 540 33.45 33.84 4.00
N ILE C 541 32.78 33.70 5.15
CA ILE C 541 31.72 32.69 5.24
C ILE C 541 30.44 33.14 4.54
N SER C 542 30.32 34.41 4.17
CA SER C 542 29.21 34.79 3.31
C SER C 542 29.40 34.29 1.88
N LYS C 543 30.62 33.85 1.53
CA LYS C 543 30.93 33.36 0.19
C LYS C 543 31.97 32.24 0.32
N LEU C 544 31.54 31.13 0.90
CA LEU C 544 32.40 29.96 1.05
C LEU C 544 32.26 29.06 -0.17
N THR C 545 33.35 28.86 -0.90
CA THR C 545 33.33 27.98 -2.06
C THR C 545 33.60 26.56 -1.60
N LEU C 546 32.68 25.65 -1.93
CA LEU C 546 32.78 24.24 -1.61
C LEU C 546 32.91 23.44 -2.90
N GLY C 547 33.91 22.54 -2.96
CA GLY C 547 34.03 21.67 -4.10
C GLY C 547 33.03 20.53 -4.04
N PRO C 548 33.05 19.69 -5.08
CA PRO C 548 32.22 18.48 -5.06
C PRO C 548 32.52 17.63 -3.84
N TYR C 549 31.47 17.34 -3.06
CA TYR C 549 31.58 16.50 -1.87
C TYR C 549 32.64 17.04 -0.91
N ASP C 550 32.78 18.36 -0.87
CA ASP C 550 33.74 19.00 -0.01
C ASP C 550 33.37 18.81 1.46
N SER C 551 34.38 18.95 2.32
CA SER C 551 34.13 19.07 3.74
C SER C 551 35.29 19.86 4.36
N VAL C 552 34.93 20.79 5.24
CA VAL C 552 35.87 21.67 5.91
C VAL C 552 35.43 21.85 7.35
N VAL C 553 36.38 22.24 8.19
CA VAL C 553 36.09 22.69 9.54
C VAL C 553 36.70 24.07 9.67
N LEU C 554 35.86 25.06 9.97
CA LEU C 554 36.31 26.43 10.12
C LEU C 554 36.40 26.80 11.60
N ARG C 555 37.33 27.70 11.89
CA ARG C 555 37.61 28.13 13.25
C ARG C 555 37.29 29.61 13.37
N ALA C 556 36.57 29.97 14.42
CA ALA C 556 36.40 31.37 14.82
C ALA C 556 37.04 31.56 16.19
N THR C 557 38.05 32.42 16.24
CA THR C 557 38.75 32.64 17.50
C THR C 557 38.01 33.67 18.35
N VAL C 558 38.19 33.55 19.67
CA VAL C 558 37.57 34.45 20.64
C VAL C 558 37.99 35.89 20.38
N LYS D 29 13.70 49.09 7.08
CA LYS D 29 13.51 48.40 5.80
C LYS D 29 13.48 46.87 5.94
N ASP D 30 13.88 46.37 7.11
CA ASP D 30 13.83 44.94 7.37
C ASP D 30 12.70 44.58 8.33
N TRP D 31 11.63 45.38 8.32
CA TRP D 31 10.52 45.14 9.25
C TRP D 31 9.92 43.76 9.08
N TYR D 32 9.91 43.25 7.84
CA TYR D 32 9.26 41.97 7.55
C TYR D 32 10.05 40.79 8.10
N GLN D 33 11.29 40.99 8.52
CA GLN D 33 12.09 39.86 8.99
C GLN D 33 11.76 39.47 10.42
N HIS D 34 11.03 40.31 11.15
CA HIS D 34 10.60 39.96 12.51
C HIS D 34 9.27 40.64 12.81
N ALA D 35 8.39 40.67 11.81
CA ALA D 35 7.12 41.36 11.97
C ALA D 35 6.23 40.59 12.94
N THR D 36 5.37 41.32 13.63
CA THR D 36 4.34 40.74 14.49
C THR D 36 3.00 41.02 13.80
N PHE D 37 2.55 40.08 12.98
CA PHE D 37 1.39 40.22 12.11
C PHE D 37 0.09 39.86 12.83
N TYR D 38 -1.00 40.52 12.41
CA TYR D 38 -2.36 40.25 12.87
C TYR D 38 -3.29 40.24 11.66
N GLN D 39 -4.08 39.17 11.49
CA GLN D 39 -4.96 39.03 10.33
C GLN D 39 -6.31 39.60 10.68
N ILE D 40 -6.73 40.65 9.96
CA ILE D 40 -8.06 41.24 10.11
C ILE D 40 -8.99 40.69 9.03
N TYR D 41 -10.14 40.15 9.45
CA TYR D 41 -11.23 39.73 8.60
C TYR D 41 -12.28 40.83 8.62
N PRO D 42 -12.37 41.67 7.58
CA PRO D 42 -13.12 42.93 7.73
C PRO D 42 -14.58 42.75 8.12
N ARG D 43 -15.25 41.69 7.66
CA ARG D 43 -16.67 41.52 7.98
C ARG D 43 -16.90 41.28 9.46
N SER D 44 -15.90 40.81 10.20
CA SER D 44 -16.07 40.36 11.58
C SER D 44 -15.32 41.17 12.64
N PHE D 45 -14.60 42.23 12.28
CA PHE D 45 -13.71 42.83 13.28
C PHE D 45 -14.43 43.84 14.16
N LEU D 46 -15.05 44.87 13.56
CA LEU D 46 -15.78 45.85 14.35
C LEU D 46 -16.84 46.53 13.49
N ASP D 47 -18.09 46.53 13.95
CA ASP D 47 -19.20 47.16 13.25
C ASP D 47 -19.36 48.57 13.81
N SER D 48 -19.07 49.58 13.00
CA SER D 48 -19.09 50.94 13.54
C SER D 48 -20.45 51.61 13.42
N ASN D 49 -21.42 50.98 12.74
CA ASN D 49 -22.65 51.71 12.48
C ASN D 49 -23.92 50.88 12.67
N GLY D 50 -23.84 49.72 13.34
CA GLY D 50 -25.03 49.07 13.84
C GLY D 50 -25.84 48.25 12.85
N ASP D 51 -25.29 47.88 11.71
CA ASP D 51 -25.98 46.98 10.81
C ASP D 51 -25.58 45.53 11.04
N GLY D 52 -24.73 45.26 12.03
CA GLY D 52 -24.26 43.92 12.31
C GLY D 52 -23.14 43.45 11.41
N ILE D 53 -22.57 44.33 10.62
CA ILE D 53 -21.54 43.93 9.66
C ILE D 53 -20.28 44.74 9.98
N GLY D 54 -19.12 44.08 10.04
CA GLY D 54 -17.90 44.83 10.24
C GLY D 54 -17.64 45.79 9.09
N ASP D 55 -16.88 46.86 9.37
CA ASP D 55 -16.63 47.83 8.32
C ASP D 55 -15.26 48.46 8.53
N LEU D 56 -14.80 49.18 7.51
CA LEU D 56 -13.43 49.71 7.54
C LEU D 56 -13.28 50.75 8.66
N ALA D 57 -14.27 51.62 8.84
CA ALA D 57 -14.19 52.61 9.92
C ALA D 57 -13.99 51.93 11.27
N GLY D 58 -14.72 50.82 11.51
CA GLY D 58 -14.52 50.07 12.74
C GLY D 58 -13.10 49.56 12.87
N ILE D 59 -12.52 49.03 11.78
CA ILE D 59 -11.12 48.62 11.82
C ILE D 59 -10.24 49.80 12.17
N THR D 60 -10.51 50.95 11.55
CA THR D 60 -9.65 52.10 11.77
C THR D 60 -9.62 52.49 13.24
N SER D 61 -10.78 52.42 13.90
CA SER D 61 -10.89 52.79 15.30
C SER D 61 -10.17 51.83 16.24
N LYS D 62 -9.65 50.71 15.72
CA LYS D 62 -9.01 49.71 16.57
C LYS D 62 -7.52 49.53 16.25
N MET D 63 -6.94 50.40 15.42
CA MET D 63 -5.52 50.24 15.13
C MET D 63 -4.66 50.60 16.34
N LYS D 64 -5.11 51.57 17.15
CA LYS D 64 -4.46 51.84 18.42
C LYS D 64 -4.48 50.59 19.31
N TYR D 65 -5.63 49.93 19.41
CA TYR D 65 -5.71 48.66 20.12
C TYR D 65 -4.64 47.69 19.65
N LEU D 66 -4.50 47.52 18.33
CA LEU D 66 -3.56 46.54 17.82
C LEU D 66 -2.12 46.95 18.14
N ALA D 67 -1.80 48.24 18.00
CA ALA D 67 -0.48 48.70 18.42
C ALA D 67 -0.29 48.45 19.92
N ASP D 68 -1.34 48.69 20.71
CA ASP D 68 -1.20 48.52 22.15
C ASP D 68 -0.89 47.08 22.53
N ILE D 69 -1.33 46.10 21.75
CA ILE D 69 -1.03 44.70 22.08
C ILE D 69 0.18 44.17 21.33
N GLY D 70 0.98 45.06 20.70
CA GLY D 70 2.24 44.68 20.11
C GLY D 70 2.24 44.32 18.64
N ILE D 71 1.17 44.60 17.92
CA ILE D 71 1.13 44.33 16.49
C ILE D 71 1.87 45.44 15.75
N ASP D 72 2.68 45.09 14.74
CA ASP D 72 3.22 46.10 13.85
C ASP D 72 2.95 45.80 12.38
N ALA D 73 2.11 44.82 12.08
CA ALA D 73 1.76 44.60 10.69
C ALA D 73 0.43 43.88 10.65
N THR D 74 -0.41 44.26 9.71
CA THR D 74 -1.71 43.63 9.56
C THR D 74 -1.82 42.98 8.20
N TRP D 75 -2.53 41.88 8.16
CA TRP D 75 -2.95 41.24 6.92
C TRP D 75 -4.44 41.50 6.81
N LEU D 76 -4.82 42.32 5.84
CA LEU D 76 -6.23 42.65 5.62
C LEU D 76 -6.79 41.67 4.59
N SER D 77 -7.68 40.77 5.02
CA SER D 77 -8.44 39.95 4.10
C SER D 77 -9.23 40.84 3.14
N PRO D 78 -9.58 40.34 1.96
CA PRO D 78 -9.99 41.25 0.86
C PRO D 78 -11.24 42.03 1.22
N PRO D 79 -11.16 43.35 1.19
CA PRO D 79 -12.34 44.21 1.36
C PRO D 79 -12.98 44.65 0.05
N PHE D 80 -12.63 44.01 -1.06
CA PHE D 80 -13.07 44.44 -2.37
C PHE D 80 -14.53 44.07 -2.62
N LYS D 81 -15.12 44.78 -3.58
CA LYS D 81 -16.49 44.49 -3.97
C LYS D 81 -16.59 43.03 -4.40
N SER D 82 -17.55 42.32 -3.83
CA SER D 82 -17.64 40.88 -3.99
C SER D 82 -19.07 40.44 -3.75
N PRO D 83 -19.62 39.53 -4.56
CA PRO D 83 -20.96 38.96 -4.24
C PRO D 83 -20.95 38.07 -3.00
N LEU D 84 -19.77 37.74 -2.47
CA LEU D 84 -19.58 37.04 -1.20
C LEU D 84 -19.85 35.55 -1.31
N LYS D 85 -19.85 34.97 -2.52
CA LYS D 85 -19.87 33.51 -2.60
C LYS D 85 -18.64 32.88 -1.95
N ASP D 86 -17.52 33.60 -1.89
CA ASP D 86 -16.34 33.19 -1.15
C ASP D 86 -15.85 34.34 -0.29
N PHE D 87 -16.78 35.20 0.13
CA PHE D 87 -16.57 36.30 1.07
C PHE D 87 -15.29 37.06 0.84
N GLY D 88 -15.22 37.76 -0.29
CA GLY D 88 -14.13 38.63 -0.64
C GLY D 88 -13.17 38.04 -1.64
N TYR D 89 -13.03 36.72 -1.65
CA TYR D 89 -12.15 36.06 -2.59
C TYR D 89 -12.81 35.79 -3.93
N ASP D 90 -14.08 36.19 -4.11
CA ASP D 90 -14.74 36.26 -5.41
C ASP D 90 -15.02 37.74 -5.68
N VAL D 91 -14.10 38.39 -6.40
CA VAL D 91 -14.05 39.85 -6.51
C VAL D 91 -14.76 40.31 -7.77
N SER D 92 -15.73 41.23 -7.62
CA SER D 92 -16.44 41.78 -8.77
C SER D 92 -15.89 43.12 -9.24
N ASP D 93 -15.02 43.76 -8.46
CA ASP D 93 -14.30 44.96 -8.90
C ASP D 93 -13.03 45.03 -8.07
N PHE D 94 -11.88 44.83 -8.71
CA PHE D 94 -10.59 44.84 -8.03
C PHE D 94 -10.16 46.23 -7.58
N TYR D 95 -10.86 47.28 -8.01
CA TYR D 95 -10.51 48.64 -7.65
C TYR D 95 -11.44 49.27 -6.62
N ALA D 96 -12.45 48.54 -6.14
CA ALA D 96 -13.48 49.14 -5.32
C ALA D 96 -13.67 48.35 -4.03
N ILE D 97 -14.13 49.05 -2.98
CA ILE D 97 -14.42 48.47 -1.68
C ILE D 97 -15.86 47.98 -1.65
N GLN D 98 -16.11 46.83 -1.03
CA GLN D 98 -17.46 46.34 -0.81
C GLN D 98 -18.31 47.43 -0.12
N PRO D 99 -19.52 47.72 -0.62
CA PRO D 99 -20.22 48.94 -0.17
C PRO D 99 -20.45 49.01 1.33
N GLU D 100 -20.84 47.91 1.97
CA GLU D 100 -21.11 47.97 3.39
C GLU D 100 -19.85 48.09 4.25
N TYR D 101 -18.67 47.96 3.64
CA TYR D 101 -17.41 48.23 4.35
C TYR D 101 -16.96 49.68 4.23
N GLY D 102 -17.35 50.36 3.18
CA GLY D 102 -16.96 51.74 2.96
C GLY D 102 -16.57 51.98 1.52
N ASN D 103 -15.76 53.02 1.31
CA ASN D 103 -15.22 53.26 -0.02
C ASN D 103 -13.73 53.55 0.10
N LEU D 104 -13.12 54.05 -0.98
CA LEU D 104 -11.67 54.26 -0.96
C LEU D 104 -11.25 55.32 0.05
N THR D 105 -12.16 56.25 0.39
CA THR D 105 -11.85 57.23 1.42
C THR D 105 -11.68 56.57 2.78
N ASP D 106 -12.57 55.64 3.12
CA ASP D 106 -12.43 54.87 4.34
C ASP D 106 -11.17 54.01 4.30
N PHE D 107 -10.87 53.44 3.13
CA PHE D 107 -9.67 52.64 3.00
C PHE D 107 -8.43 53.50 3.25
N ASP D 108 -8.42 54.72 2.69
CA ASP D 108 -7.26 55.60 2.88
C ASP D 108 -7.11 56.01 4.35
N LYS D 109 -8.24 56.23 5.03
CA LYS D 109 -8.18 56.53 6.46
C LYS D 109 -7.64 55.34 7.25
N LEU D 110 -7.98 54.12 6.83
CA LEU D 110 -7.42 52.94 7.47
C LEU D 110 -5.92 52.86 7.26
N VAL D 111 -5.46 53.09 6.04
CA VAL D 111 -4.02 53.03 5.79
C VAL D 111 -3.30 54.06 6.64
N GLU D 112 -3.85 55.28 6.71
CA GLU D 112 -3.15 56.32 7.44
C GLU D 112 -3.20 56.11 8.95
N GLU D 113 -4.29 55.53 9.48
CA GLU D 113 -4.33 55.28 10.92
C GLU D 113 -3.45 54.11 11.30
N SER D 114 -3.34 53.10 10.44
CA SER D 114 -2.36 52.05 10.65
C SER D 114 -0.96 52.65 10.70
N HIS D 115 -0.62 53.46 9.69
CA HIS D 115 0.72 54.05 9.60
C HIS D 115 1.00 54.96 10.80
N LYS D 116 -0.02 55.71 11.25
CA LYS D 116 0.14 56.54 12.43
C LYS D 116 0.49 55.73 13.66
N ASN D 117 0.03 54.48 13.73
CA ASN D 117 0.31 53.60 14.85
C ASN D 117 1.49 52.69 14.61
N GLY D 118 2.27 52.94 13.56
CA GLY D 118 3.46 52.14 13.30
C GLY D 118 3.14 50.74 12.81
N ILE D 119 2.05 50.59 12.07
CA ILE D 119 1.59 49.30 11.58
C ILE D 119 1.63 49.30 10.06
N LYS D 120 2.28 48.29 9.50
CA LYS D 120 2.28 48.09 8.05
C LYS D 120 1.01 47.35 7.63
N LEU D 121 0.47 47.71 6.46
CA LEU D 121 -0.75 47.08 5.95
C LEU D 121 -0.43 46.24 4.73
N MET D 122 -0.56 44.93 4.85
CA MET D 122 -0.43 44.03 3.72
C MET D 122 -1.81 43.67 3.22
N LEU D 123 -2.08 43.92 1.94
CA LEU D 123 -3.40 43.73 1.36
C LEU D 123 -3.48 42.36 0.70
N ASP D 124 -4.55 41.62 0.97
CA ASP D 124 -4.80 40.40 0.20
C ASP D 124 -5.00 40.75 -1.26
N PHE D 125 -4.30 40.03 -2.14
CA PHE D 125 -4.37 40.24 -3.58
C PHE D 125 -4.86 38.94 -4.19
N ILE D 126 -5.85 39.03 -5.08
CA ILE D 126 -6.52 37.82 -5.56
C ILE D 126 -6.25 37.61 -7.05
N PRO D 127 -5.05 37.12 -7.43
CA PRO D 127 -4.71 37.09 -8.86
C PRO D 127 -5.38 35.99 -9.69
N ASN D 128 -5.78 34.89 -9.07
CA ASN D 128 -6.11 33.71 -9.88
C ASN D 128 -7.43 33.84 -10.61
N HIS D 129 -8.39 34.55 -10.04
CA HIS D 129 -9.76 34.48 -10.54
C HIS D 129 -10.49 35.76 -10.16
N SER D 130 -11.60 36.00 -10.83
CA SER D 130 -12.53 37.06 -10.47
C SER D 130 -13.89 36.43 -10.16
N SER D 131 -14.84 37.25 -9.71
CA SER D 131 -16.20 36.75 -9.59
C SER D 131 -16.80 36.61 -10.99
N ASP D 132 -17.81 35.75 -11.13
CA ASP D 132 -18.49 35.71 -12.42
C ASP D 132 -19.41 36.91 -12.62
N GLN D 133 -19.63 37.70 -11.58
CA GLN D 133 -20.35 38.95 -11.71
C GLN D 133 -19.42 40.14 -11.96
N HIS D 134 -18.12 39.90 -12.07
CA HIS D 134 -17.21 40.94 -12.55
C HIS D 134 -17.58 41.33 -13.97
N GLU D 135 -17.41 42.66 -14.22
CA GLU D 135 -17.77 43.18 -15.54
C GLU D 135 -17.00 42.47 -16.65
N TRP D 136 -15.81 42.18 -16.34
CA TRP D 136 -14.94 41.50 -17.31
C TRP D 136 -15.55 40.18 -17.75
N PHE D 137 -16.11 39.43 -16.80
CA PHE D 137 -16.65 38.13 -17.17
C PHE D 137 -17.97 38.28 -17.92
N VAL D 138 -18.81 39.23 -17.52
CA VAL D 138 -20.05 39.46 -18.25
C VAL D 138 -19.76 39.79 -19.70
N LYS D 139 -18.75 40.64 -19.94
CA LYS D 139 -18.36 40.98 -21.30
C LYS D 139 -17.69 39.82 -22.00
N SER D 140 -16.86 39.05 -21.29
CA SER D 140 -16.26 37.86 -21.86
C SER D 140 -17.31 36.88 -22.35
N VAL D 141 -18.40 36.73 -21.59
CA VAL D 141 -19.43 35.75 -21.94
C VAL D 141 -20.11 36.13 -23.26
N VAL D 142 -20.33 37.41 -23.48
CA VAL D 142 -20.93 37.86 -24.74
C VAL D 142 -19.84 38.21 -25.75
N ARG D 143 -18.62 37.72 -25.52
CA ARG D 143 -17.54 37.76 -26.51
C ARG D 143 -17.13 39.19 -26.87
N ASP D 144 -17.24 40.12 -25.92
CA ASP D 144 -16.63 41.43 -26.10
C ASP D 144 -15.15 41.22 -26.44
N PRO D 145 -14.69 41.69 -27.60
CA PRO D 145 -13.31 41.37 -28.00
C PRO D 145 -12.28 41.88 -27.00
N GLU D 146 -12.63 42.85 -26.16
CA GLU D 146 -11.70 43.31 -25.14
C GLU D 146 -11.48 42.26 -24.04
N TYR D 147 -12.50 41.47 -23.71
CA TYR D 147 -12.43 40.58 -22.55
C TYR D 147 -12.72 39.12 -22.88
N SER D 148 -12.98 38.79 -24.15
CA SER D 148 -13.35 37.42 -24.49
C SER D 148 -12.28 36.42 -24.11
N ASP D 149 -11.02 36.85 -24.12
CA ASP D 149 -9.87 36.00 -23.78
C ASP D 149 -9.29 36.33 -22.42
N PHE D 150 -9.99 37.11 -21.59
CA PHE D 150 -9.57 37.35 -20.23
C PHE D 150 -9.78 36.12 -19.35
N TYR D 151 -10.61 35.18 -19.79
CA TYR D 151 -10.86 33.95 -19.05
C TYR D 151 -10.50 32.77 -19.95
N VAL D 152 -10.57 31.57 -19.40
CA VAL D 152 -10.05 30.37 -20.05
C VAL D 152 -11.26 29.60 -20.59
N TRP D 153 -11.54 29.77 -21.88
CA TRP D 153 -12.69 29.17 -22.54
C TRP D 153 -12.21 28.06 -23.47
N ARG D 154 -12.83 26.89 -23.40
CA ARG D 154 -12.47 25.81 -24.30
C ARG D 154 -13.71 25.13 -24.86
N PRO D 155 -13.60 24.53 -26.06
CA PRO D 155 -14.71 23.74 -26.61
C PRO D 155 -15.00 22.53 -25.76
N PRO D 156 -16.23 21.98 -25.83
CA PRO D 156 -16.46 20.65 -25.25
C PRO D 156 -15.48 19.65 -25.83
N ALA D 157 -15.26 18.57 -25.10
CA ALA D 157 -14.44 17.48 -25.63
C ALA D 157 -15.09 16.88 -26.87
N THR D 158 -14.27 16.27 -27.73
CA THR D 158 -14.76 15.72 -28.99
C THR D 158 -15.97 14.81 -28.78
N GLY D 159 -15.99 14.06 -27.68
CA GLY D 159 -17.11 13.20 -27.35
C GLY D 159 -18.20 13.88 -26.56
N GLY D 160 -18.13 15.19 -26.40
CA GLY D 160 -19.00 15.88 -25.46
C GLY D 160 -18.38 15.91 -24.07
N GLY D 161 -18.81 16.89 -23.29
CA GLY D 161 -18.37 16.98 -21.92
C GLY D 161 -17.28 18.01 -21.75
N PRO D 162 -16.82 18.20 -20.51
CA PRO D 162 -15.81 19.23 -20.25
C PRO D 162 -14.55 18.95 -21.05
N PRO D 163 -13.76 19.99 -21.32
CA PRO D 163 -12.54 19.81 -22.14
C PRO D 163 -11.60 18.73 -21.65
N ASN D 164 -11.49 18.52 -20.35
CA ASN D 164 -10.62 17.48 -19.81
C ASN D 164 -11.17 17.05 -18.45
N ASN D 165 -10.38 16.28 -17.71
CA ASN D 165 -10.84 15.65 -16.48
C ASN D 165 -10.55 16.49 -15.24
N TRP D 166 -10.12 17.74 -15.38
CA TRP D 166 -9.69 18.50 -14.22
C TRP D 166 -10.83 18.70 -13.24
N ILE D 167 -10.49 18.71 -11.96
CA ILE D 167 -11.46 18.72 -10.87
C ILE D 167 -11.25 19.97 -10.04
N SER D 168 -12.35 20.63 -9.67
CA SER D 168 -12.25 21.83 -8.86
C SER D 168 -11.74 21.49 -7.45
N VAL D 169 -11.00 22.43 -6.86
CA VAL D 169 -10.52 22.30 -5.48
C VAL D 169 -11.65 21.91 -4.56
N PHE D 170 -12.84 22.47 -4.78
CA PHE D 170 -14.02 22.20 -3.95
C PHE D 170 -14.86 21.04 -4.46
N GLY D 171 -14.35 20.25 -5.39
CA GLY D 171 -15.06 19.08 -5.89
C GLY D 171 -15.90 19.38 -7.11
N GLY D 172 -16.11 18.34 -7.92
CA GLY D 172 -16.79 18.50 -9.19
C GLY D 172 -15.84 18.96 -10.28
N SER D 173 -16.37 19.04 -11.50
CA SER D 173 -15.53 19.45 -12.62
C SER D 173 -15.02 20.86 -12.41
N ALA D 174 -13.79 21.11 -12.89
CA ALA D 174 -13.23 22.45 -12.89
C ALA D 174 -13.71 23.27 -14.07
N TRP D 175 -14.68 22.77 -14.83
CA TRP D 175 -15.18 23.44 -16.00
C TRP D 175 -16.68 23.58 -15.90
N THR D 176 -17.20 24.71 -16.41
CA THR D 176 -18.62 24.97 -16.43
C THR D 176 -19.03 25.43 -17.82
N TYR D 177 -20.06 24.80 -18.35
CA TYR D 177 -20.53 25.11 -19.69
C TYR D 177 -21.32 26.40 -19.70
N ASN D 178 -21.08 27.21 -20.73
CA ASN D 178 -21.91 28.37 -21.02
C ASN D 178 -22.61 28.13 -22.36
N GLN D 179 -23.94 28.09 -22.34
CA GLN D 179 -24.66 27.80 -23.59
C GLN D 179 -24.47 28.90 -24.62
N ALA D 180 -24.43 30.16 -24.19
CA ALA D 180 -24.29 31.27 -25.14
C ALA D 180 -22.98 31.17 -25.92
N ARG D 181 -21.89 30.80 -25.26
CA ARG D 181 -20.64 30.66 -25.97
C ARG D 181 -20.46 29.29 -26.60
N GLY D 182 -21.18 28.28 -26.12
CA GLY D 182 -20.94 26.92 -26.60
C GLY D 182 -19.59 26.42 -26.15
N GLU D 183 -19.10 26.92 -25.01
CA GLU D 183 -17.80 26.55 -24.49
C GLU D 183 -17.88 26.44 -22.98
N TYR D 184 -16.89 25.75 -22.42
CA TYR D 184 -16.67 25.66 -20.98
C TYR D 184 -15.64 26.70 -20.56
N TYR D 185 -15.84 27.28 -19.36
CA TYR D 185 -14.82 28.15 -18.78
C TYR D 185 -14.21 27.45 -17.57
N LEU D 186 -12.93 27.75 -17.31
CA LEU D 186 -12.21 27.12 -16.22
C LEU D 186 -12.47 27.83 -14.90
N HIS D 187 -12.63 27.04 -13.84
CA HIS D 187 -12.65 27.57 -12.47
C HIS D 187 -12.01 26.53 -11.57
N GLN D 188 -10.78 26.81 -11.12
CA GLN D 188 -10.18 25.88 -10.17
C GLN D 188 -10.93 25.89 -8.84
N PHE D 189 -11.57 27.01 -8.49
CA PHE D 189 -12.38 27.04 -7.27
C PHE D 189 -13.87 26.92 -7.63
N THR D 190 -14.76 27.71 -7.03
CA THR D 190 -16.19 27.55 -7.36
C THR D 190 -16.47 28.03 -8.79
N PRO D 191 -17.61 27.61 -9.37
CA PRO D 191 -18.03 28.18 -10.66
C PRO D 191 -18.22 29.68 -10.62
N GLN D 192 -18.41 30.25 -9.45
CA GLN D 192 -18.55 31.68 -9.31
C GLN D 192 -17.18 32.38 -9.24
N GLN D 193 -16.10 31.64 -9.51
CA GLN D 193 -14.73 32.19 -9.52
C GLN D 193 -14.01 31.76 -10.80
N PRO D 194 -14.41 32.30 -11.96
CA PRO D 194 -13.72 31.96 -13.21
C PRO D 194 -12.25 32.40 -13.21
N ASP D 195 -11.38 31.46 -13.58
CA ASP D 195 -9.94 31.73 -13.63
C ASP D 195 -9.60 32.77 -14.68
N LEU D 196 -8.75 33.72 -14.31
CA LEU D 196 -8.21 34.66 -15.27
C LEU D 196 -7.15 33.99 -16.14
N ASN D 197 -7.02 34.45 -17.37
CA ASN D 197 -6.18 33.81 -18.35
C ASN D 197 -4.83 34.53 -18.43
N TYR D 198 -3.84 34.03 -17.67
CA TYR D 198 -2.54 34.71 -17.68
C TYR D 198 -1.70 34.34 -18.89
N ARG D 199 -2.18 33.47 -19.78
CA ARG D 199 -1.58 33.35 -21.11
C ARG D 199 -1.88 34.57 -21.98
N ASN D 200 -2.83 35.41 -21.59
CA ASN D 200 -3.16 36.64 -22.30
C ASN D 200 -2.33 37.77 -21.73
N PRO D 201 -1.38 38.35 -22.48
CA PRO D 201 -0.57 39.45 -21.94
C PRO D 201 -1.37 40.58 -21.34
N LYS D 202 -2.55 40.89 -21.90
CA LYS D 202 -3.36 41.99 -21.38
C LYS D 202 -3.87 41.71 -19.97
N VAL D 203 -4.05 40.44 -19.61
CA VAL D 203 -4.47 40.10 -18.26
C VAL D 203 -3.37 40.41 -17.26
N LEU D 204 -2.15 39.94 -17.54
CA LEU D 204 -1.07 40.19 -16.60
C LEU D 204 -0.81 41.70 -16.46
N ALA D 205 -0.89 42.45 -17.55
CA ALA D 205 -0.69 43.89 -17.47
C ALA D 205 -1.78 44.54 -16.62
N GLU D 206 -3.03 44.13 -16.81
CA GLU D 206 -4.11 44.71 -16.03
C GLU D 206 -3.96 44.41 -14.54
N MET D 207 -3.64 43.16 -14.19
CA MET D 207 -3.48 42.83 -12.78
C MET D 207 -2.26 43.52 -12.19
N THR D 208 -1.20 43.69 -12.99
CA THR D 208 -0.04 44.42 -12.51
C THR D 208 -0.38 45.88 -12.26
N LYS D 209 -1.09 46.50 -13.20
CA LYS D 209 -1.55 47.87 -12.98
C LYS D 209 -2.34 47.98 -11.69
N MET D 210 -3.09 46.93 -11.35
CA MET D 210 -3.93 46.99 -10.16
C MET D 210 -3.10 46.88 -8.88
N LEU D 211 -1.99 46.11 -8.91
CA LEU D 211 -1.03 46.15 -7.81
C LEU D 211 -0.58 47.59 -7.52
N PHE D 212 -0.13 48.29 -8.55
CA PHE D 212 0.37 49.66 -8.37
C PHE D 212 -0.72 50.62 -7.95
N PHE D 213 -1.97 50.34 -8.33
CA PHE D 213 -3.08 51.17 -7.86
C PHE D 213 -3.17 51.16 -6.34
N TRP D 214 -3.02 49.98 -5.73
CA TRP D 214 -3.09 49.91 -4.28
C TRP D 214 -1.81 50.42 -3.63
N LEU D 215 -0.65 50.22 -4.28
CA LEU D 215 0.58 50.83 -3.77
C LEU D 215 0.45 52.34 -3.66
N ASP D 216 -0.24 52.95 -4.63
CA ASP D 216 -0.38 54.40 -4.60
C ASP D 216 -1.24 54.86 -3.42
N ARG D 217 -2.00 53.95 -2.82
CA ARG D 217 -2.82 54.25 -1.66
C ARG D 217 -2.09 53.96 -0.35
N GLY D 218 -0.80 53.66 -0.40
CA GLY D 218 0.00 53.51 0.78
C GLY D 218 0.20 52.09 1.29
N VAL D 219 -0.30 51.09 0.56
CA VAL D 219 -0.22 49.71 1.00
C VAL D 219 1.25 49.26 1.10
N ASP D 220 1.55 48.39 2.07
CA ASP D 220 2.93 48.01 2.38
C ASP D 220 3.31 46.63 1.87
N GLY D 221 2.39 45.93 1.23
CA GLY D 221 2.68 44.64 0.64
C GLY D 221 1.40 43.94 0.25
N PHE D 222 1.56 42.75 -0.33
CA PHE D 222 0.44 41.97 -0.83
C PHE D 222 0.63 40.52 -0.45
N ARG D 223 -0.46 39.86 -0.07
CA ARG D 223 -0.53 38.41 -0.03
C ARG D 223 -1.08 37.93 -1.36
N LEU D 224 -0.39 37.00 -2.01
CA LEU D 224 -0.81 36.52 -3.31
C LEU D 224 -1.60 35.25 -3.08
N ASP D 225 -2.93 35.38 -3.15
CA ASP D 225 -3.87 34.29 -2.90
C ASP D 225 -3.78 33.22 -3.98
N ALA D 226 -3.81 31.94 -3.55
CA ALA D 226 -3.94 30.80 -4.46
C ALA D 226 -2.92 30.85 -5.59
N ILE D 227 -1.71 31.33 -5.30
CA ILE D 227 -0.82 31.75 -6.39
C ILE D 227 -0.41 30.56 -7.25
N ASN D 228 -0.32 29.36 -6.68
CA ASN D 228 0.15 28.23 -7.48
C ASN D 228 -0.94 27.64 -8.35
N HIS D 229 -2.09 28.30 -8.44
CA HIS D 229 -3.14 27.89 -9.37
C HIS D 229 -3.15 28.77 -10.61
N MET D 230 -2.15 29.63 -10.78
CA MET D 230 -2.23 30.67 -11.79
C MET D 230 -2.31 30.08 -13.19
N PHE D 231 -1.30 29.32 -13.59
CA PHE D 231 -1.22 28.75 -14.92
C PHE D 231 -1.68 27.30 -14.93
N GLU D 232 -2.14 26.87 -16.10
CA GLU D 232 -2.50 25.48 -16.35
C GLU D 232 -1.78 25.01 -17.61
N ASP D 233 -1.78 23.69 -17.81
CA ASP D 233 -1.15 23.10 -18.98
C ASP D 233 -1.63 23.77 -20.25
N GLU D 234 -0.68 24.17 -21.09
CA GLU D 234 -1.03 24.91 -22.31
C GLU D 234 -1.91 24.08 -23.22
N GLN D 235 -1.68 22.77 -23.26
CA GLN D 235 -2.47 21.88 -24.11
C GLN D 235 -3.62 21.22 -23.37
N PHE D 236 -3.89 21.64 -22.13
CA PHE D 236 -5.09 21.24 -21.40
C PHE D 236 -5.25 19.73 -21.33
N ARG D 237 -4.15 19.02 -21.09
CA ARG D 237 -4.20 17.57 -21.02
C ARG D 237 -4.84 17.09 -19.72
N ASP D 238 -5.49 15.93 -19.80
CA ASP D 238 -5.99 15.22 -18.63
C ASP D 238 -4.89 15.07 -17.60
N GLU D 239 -5.26 15.16 -16.33
CA GLU D 239 -4.25 14.87 -15.32
C GLU D 239 -4.24 13.38 -14.99
N PRO D 240 -3.08 12.82 -14.67
CA PRO D 240 -3.00 11.40 -14.33
C PRO D 240 -3.64 11.10 -12.97
N LEU D 241 -4.02 9.83 -12.82
CA LEU D 241 -4.59 9.37 -11.55
C LEU D 241 -3.57 9.47 -10.43
N SER D 242 -4.03 9.88 -9.26
CA SER D 242 -3.15 9.92 -8.09
C SER D 242 -2.82 8.53 -7.56
N GLY D 243 -3.77 7.61 -7.64
CA GLY D 243 -3.67 6.31 -6.99
C GLY D 243 -4.66 6.11 -5.87
N TRP D 244 -5.18 7.18 -5.28
CA TRP D 244 -6.11 7.09 -4.16
C TRP D 244 -7.27 8.05 -4.42
N GLY D 245 -8.42 7.71 -3.84
CA GLY D 245 -9.63 8.50 -4.02
C GLY D 245 -10.56 7.88 -5.05
N GLN D 246 -11.77 8.40 -5.06
CA GLN D 246 -12.84 7.98 -5.95
C GLN D 246 -12.92 8.88 -7.17
N PRO D 247 -13.65 8.49 -8.22
CA PRO D 247 -13.81 9.39 -9.36
C PRO D 247 -14.54 10.66 -8.96
N GLY D 248 -14.17 11.78 -9.58
CA GLY D 248 -14.76 13.05 -9.29
C GLY D 248 -14.18 13.76 -8.07
N GLU D 249 -13.29 13.11 -7.33
CA GLU D 249 -12.68 13.69 -6.15
C GLU D 249 -11.35 14.36 -6.49
N TYR D 250 -11.12 15.52 -5.89
CA TYR D 250 -9.95 16.33 -6.21
C TYR D 250 -8.65 15.57 -5.93
N ASP D 251 -8.61 14.80 -4.84
CA ASP D 251 -7.37 14.10 -4.53
C ASP D 251 -7.15 12.86 -5.41
N SER D 252 -8.06 12.57 -6.33
CA SER D 252 -7.89 11.40 -7.18
C SER D 252 -6.98 11.68 -8.38
N LEU D 253 -6.51 12.91 -8.57
CA LEU D 253 -5.63 13.25 -9.69
C LEU D 253 -4.33 13.85 -9.17
N ASP D 254 -3.24 13.55 -9.85
CA ASP D 254 -1.97 14.24 -9.61
C ASP D 254 -1.98 15.56 -10.38
N HIS D 255 -1.91 16.67 -9.65
CA HIS D 255 -2.21 17.99 -10.25
C HIS D 255 -1.01 18.61 -10.95
N ILE D 256 -0.41 17.84 -11.86
CA ILE D 256 0.76 18.31 -12.59
C ILE D 256 0.40 19.32 -13.66
N TYR D 257 -0.88 19.48 -13.97
CA TYR D 257 -1.29 20.41 -15.02
C TYR D 257 -2.10 21.58 -14.50
N THR D 258 -2.39 21.62 -13.21
CA THR D 258 -3.21 22.69 -12.64
C THR D 258 -2.58 23.41 -11.47
N LYS D 259 -1.58 22.83 -10.82
CA LYS D 259 -0.87 23.45 -9.71
C LYS D 259 0.62 23.43 -10.01
N ASP D 260 1.30 24.52 -9.65
CA ASP D 260 2.75 24.63 -9.68
C ASP D 260 3.32 24.65 -11.10
N ILE D 261 2.49 24.92 -12.10
CA ILE D 261 2.98 25.09 -13.48
C ILE D 261 4.04 26.18 -13.43
N PRO D 262 5.29 25.90 -13.86
CA PRO D 262 6.42 26.76 -13.45
C PRO D 262 6.39 28.19 -13.98
N ASP D 263 5.55 28.50 -14.97
CA ASP D 263 5.41 29.87 -15.44
C ASP D 263 5.04 30.83 -14.30
N VAL D 264 4.39 30.34 -13.25
CA VAL D 264 4.00 31.23 -12.16
C VAL D 264 5.23 31.84 -11.49
N TYR D 265 6.35 31.11 -11.44
CA TYR D 265 7.49 31.61 -10.69
C TYR D 265 8.08 32.85 -11.35
N ASP D 266 8.12 32.89 -12.68
CA ASP D 266 8.63 34.08 -13.35
C ASP D 266 7.72 35.28 -13.17
N VAL D 267 6.40 35.06 -13.08
CA VAL D 267 5.49 36.16 -12.78
C VAL D 267 5.75 36.71 -11.38
N VAL D 268 5.86 35.81 -10.40
CA VAL D 268 6.14 36.23 -9.02
C VAL D 268 7.50 36.92 -8.94
N TYR D 269 8.53 36.35 -9.56
CA TYR D 269 9.85 36.98 -9.52
C TYR D 269 9.83 38.36 -10.17
N ASN D 270 9.13 38.49 -11.30
CA ASN D 270 9.03 39.80 -11.94
C ASN D 270 8.30 40.79 -11.05
N TRP D 271 7.19 40.36 -10.44
CA TRP D 271 6.49 41.22 -9.49
C TRP D 271 7.43 41.65 -8.35
N ARG D 272 8.21 40.72 -7.81
CA ARG D 272 9.15 41.07 -6.74
C ARG D 272 10.14 42.14 -7.20
N ASP D 273 10.70 41.99 -8.40
CA ASP D 273 11.62 43.01 -8.90
C ASP D 273 10.93 44.37 -8.99
N GLN D 274 9.70 44.40 -9.50
CA GLN D 274 9.00 45.67 -9.59
C GLN D 274 8.68 46.22 -8.20
N MET D 275 8.38 45.34 -7.24
CA MET D 275 8.15 45.80 -5.87
C MET D 275 9.44 46.36 -5.26
N ASP D 276 10.58 45.69 -5.50
CA ASP D 276 11.86 46.20 -5.02
C ASP D 276 12.18 47.57 -5.62
N LYS D 277 11.91 47.74 -6.92
CA LYS D 277 12.19 49.02 -7.57
C LYS D 277 11.30 50.12 -7.02
N TYR D 278 10.02 49.82 -6.86
CA TYR D 278 9.10 50.75 -6.21
C TYR D 278 9.55 51.04 -4.78
N SER D 279 9.97 50.02 -4.05
CA SER D 279 10.50 50.19 -2.70
C SER D 279 11.63 51.23 -2.69
N ALA D 280 12.56 51.10 -3.63
CA ALA D 280 13.71 52.01 -3.66
C ALA D 280 13.27 53.43 -4.02
N GLU D 281 12.30 53.56 -4.93
CA GLU D 281 11.86 54.87 -5.40
C GLU D 281 11.07 55.63 -4.34
N LYS D 282 10.40 54.92 -3.45
CA LYS D 282 9.55 55.54 -2.44
C LYS D 282 10.11 55.46 -1.02
N GLY D 283 11.19 54.72 -0.81
CA GLY D 283 11.87 54.65 0.45
C GLY D 283 11.28 53.70 1.47
N ARG D 284 10.23 52.93 1.11
CA ARG D 284 9.63 52.02 2.08
C ARG D 284 9.55 50.62 1.47
N THR D 285 9.81 49.60 2.29
CA THR D 285 9.97 48.23 1.77
C THR D 285 8.61 47.58 1.59
N ILE D 286 8.29 47.25 0.35
CA ILE D 286 7.04 46.59 -0.01
C ILE D 286 7.30 45.09 -0.03
N ILE D 287 6.46 44.29 0.65
CA ILE D 287 6.70 42.85 0.67
C ILE D 287 5.65 42.10 -0.14
N LEU D 288 6.02 40.87 -0.48
CA LEU D 288 5.11 39.89 -1.05
C LEU D 288 5.11 38.64 -0.18
N MET D 289 3.93 38.17 0.14
CA MET D 289 3.73 36.84 0.68
C MET D 289 2.92 36.04 -0.32
N THR D 290 3.19 34.75 -0.42
CA THR D 290 2.46 33.89 -1.34
C THR D 290 1.73 32.80 -0.55
N GLU D 291 0.47 32.55 -0.91
CA GLU D 291 -0.30 31.41 -0.39
C GLU D 291 -0.25 30.28 -1.40
N ALA D 292 0.50 29.22 -1.08
CA ALA D 292 0.53 28.05 -1.94
C ALA D 292 0.47 26.80 -1.07
N TYR D 293 -0.55 25.97 -1.28
CA TYR D 293 -0.52 24.60 -0.78
C TYR D 293 0.18 23.77 -1.85
N SER D 294 1.42 23.36 -1.57
CA SER D 294 2.31 22.78 -2.56
C SER D 294 3.26 21.80 -1.87
N SER D 295 4.00 21.02 -2.68
CA SER D 295 5.11 20.27 -2.12
C SER D 295 6.06 21.23 -1.40
N ILE D 296 6.89 20.73 -0.49
CA ILE D 296 7.84 21.62 0.16
C ILE D 296 8.76 22.24 -0.86
N GLU D 297 9.12 21.49 -1.91
CA GLU D 297 9.99 22.02 -2.96
C GLU D 297 9.29 23.12 -3.73
N GLY D 298 8.04 22.89 -4.11
CA GLY D 298 7.30 23.90 -4.84
C GLY D 298 7.10 25.15 -4.01
N THR D 299 6.85 24.98 -2.70
CA THR D 299 6.67 26.13 -1.81
C THR D 299 7.95 26.95 -1.74
N MET D 300 9.09 26.28 -1.61
CA MET D 300 10.33 27.00 -1.40
C MET D 300 10.78 27.76 -2.64
N LEU D 301 10.38 27.33 -3.84
CA LEU D 301 10.75 28.08 -5.04
C LEU D 301 10.10 29.47 -5.07
N TYR D 302 9.12 29.74 -4.20
CA TYR D 302 8.53 31.08 -4.13
C TYR D 302 9.44 32.07 -3.40
N TYR D 303 10.25 31.59 -2.45
CA TYR D 303 11.30 32.44 -1.89
C TYR D 303 12.26 32.93 -2.97
N GLU D 304 12.75 32.01 -3.80
CA GLU D 304 13.92 32.29 -4.61
C GLU D 304 14.12 31.15 -5.60
N SER D 305 14.69 31.48 -6.75
CA SER D 305 14.92 30.46 -7.77
C SER D 305 15.99 29.49 -7.32
N ALA D 306 16.06 28.36 -8.02
CA ALA D 306 17.03 27.32 -7.66
C ALA D 306 18.46 27.82 -7.80
N ASP D 307 18.77 28.52 -8.89
CA ASP D 307 20.10 29.10 -9.08
C ASP D 307 20.36 30.33 -8.22
N ARG D 308 19.39 30.74 -7.40
CA ARG D 308 19.49 31.83 -6.44
C ARG D 308 19.59 33.20 -7.10
N LYS D 309 19.33 33.30 -8.41
CA LYS D 309 19.46 34.58 -9.08
C LYS D 309 18.20 35.43 -9.04
N ARG D 310 17.05 34.85 -8.70
CA ARG D 310 15.78 35.57 -8.63
C ARG D 310 15.16 35.44 -7.24
N GLN D 311 14.62 36.55 -6.71
CA GLN D 311 13.82 36.52 -5.50
C GLN D 311 12.35 36.60 -5.86
N GLY D 312 11.51 36.03 -5.01
CA GLY D 312 10.07 36.10 -5.18
C GLY D 312 9.36 36.63 -3.95
N ALA D 313 8.57 35.77 -3.33
CA ALA D 313 7.93 36.12 -2.06
C ALA D 313 8.98 36.32 -0.96
N HIS D 314 8.82 37.40 -0.21
CA HIS D 314 9.60 37.54 1.02
C HIS D 314 9.30 36.44 2.01
N MET D 315 8.03 36.04 2.11
CA MET D 315 7.62 34.99 3.03
C MET D 315 6.48 34.22 2.40
N PRO D 316 6.76 33.05 1.81
CA PRO D 316 5.67 32.13 1.48
C PRO D 316 5.00 31.68 2.76
N PHE D 317 3.70 31.41 2.67
CA PHE D 317 3.00 30.99 3.87
C PHE D 317 3.48 29.61 4.29
N ASN D 318 3.67 29.44 5.59
CA ASN D 318 4.20 28.23 6.19
C ASN D 318 3.15 27.71 7.15
N PHE D 319 2.44 26.65 6.76
CA PHE D 319 1.34 26.15 7.56
C PHE D 319 1.74 25.03 8.50
N GLN D 320 3.05 24.82 8.71
CA GLN D 320 3.50 23.66 9.51
C GLN D 320 2.80 23.57 10.86
N LEU D 321 2.70 24.69 11.59
CA LEU D 321 2.14 24.62 12.93
C LEU D 321 0.67 24.28 12.93
N ILE D 322 -0.06 24.70 11.89
CA ILE D 322 -1.45 24.29 11.75
C ILE D 322 -1.52 22.79 11.54
N TYR D 323 -0.69 22.26 10.64
CA TYR D 323 -0.71 20.84 10.34
C TYR D 323 -0.37 20.00 11.56
N ASP D 324 0.64 20.43 12.33
CA ASP D 324 1.37 19.52 13.17
C ASP D 324 1.30 19.82 14.66
N PHE D 325 0.90 21.01 15.07
CA PHE D 325 0.62 21.22 16.49
C PHE D 325 -0.77 20.66 16.75
N LYS D 326 -0.83 19.38 17.10
CA LYS D 326 -2.07 18.64 17.22
C LYS D 326 -2.22 18.07 18.62
N LYS D 327 -3.43 17.57 18.89
CA LYS D 327 -3.82 17.20 20.26
C LYS D 327 -2.93 16.11 20.86
N GLU D 328 -2.27 15.30 20.04
CA GLU D 328 -1.48 14.20 20.55
C GLU D 328 -0.03 14.26 20.07
N GLN D 329 0.40 15.42 19.58
CA GLN D 329 1.78 15.62 19.16
C GLN D 329 2.72 15.45 20.35
N ASN D 330 3.93 14.98 20.07
CA ASN D 330 4.95 15.05 21.12
C ASN D 330 6.05 16.02 20.70
N ALA D 331 7.11 16.11 21.48
CA ALA D 331 8.15 17.09 21.15
C ALA D 331 8.96 16.66 19.95
N VAL D 332 9.09 15.34 19.73
CA VAL D 332 9.79 14.88 18.55
C VAL D 332 9.08 15.34 17.29
N GLY D 333 7.75 15.18 17.26
CA GLY D 333 7.01 15.55 16.07
C GLY D 333 6.90 17.04 15.92
N LEU D 334 6.87 17.77 17.03
CA LEU D 334 6.86 19.22 16.93
C LEU D 334 8.16 19.73 16.35
N LYS D 335 9.29 19.23 16.86
CA LYS D 335 10.56 19.72 16.39
C LYS D 335 10.78 19.35 14.92
N SER D 336 10.39 18.14 14.52
CA SER D 336 10.62 17.76 13.14
C SER D 336 9.71 18.55 12.20
N SER D 337 8.55 18.98 12.69
CA SER D 337 7.69 19.84 11.88
C SER D 337 8.33 21.20 11.68
N ILE D 338 8.89 21.77 12.75
CA ILE D 338 9.61 23.03 12.64
C ILE D 338 10.80 22.87 11.71
N ASP D 339 11.57 21.79 11.92
CA ASP D 339 12.74 21.53 11.09
C ASP D 339 12.37 21.23 9.64
N TRP D 340 11.18 20.68 9.38
CA TRP D 340 10.78 20.45 8.00
C TRP D 340 10.76 21.77 7.23
N TRP D 341 10.30 22.84 7.87
CA TRP D 341 10.34 24.12 7.19
C TRP D 341 11.77 24.63 7.12
N MET D 342 12.44 24.74 8.26
CA MET D 342 13.76 25.36 8.28
C MET D 342 14.76 24.60 7.40
N ASN D 343 14.74 23.25 7.44
CA ASN D 343 15.71 22.47 6.68
C ASN D 343 15.56 22.71 5.18
N ASN D 344 14.32 22.86 4.71
CA ASN D 344 14.05 23.01 3.29
C ASN D 344 14.15 24.44 2.81
N MET D 345 14.21 25.41 3.73
CA MET D 345 14.34 26.82 3.36
C MET D 345 15.62 27.06 2.58
N PRO D 346 15.60 27.99 1.64
CA PRO D 346 16.84 28.50 1.08
C PRO D 346 17.55 29.33 2.14
N ALA D 347 18.88 29.33 2.09
CA ALA D 347 19.66 30.08 3.05
C ALA D 347 19.40 31.57 2.94
N ARG D 348 19.53 32.27 4.08
CA ARG D 348 19.48 33.74 4.15
C ARG D 348 18.09 34.28 3.81
N HIS D 349 17.05 33.57 4.25
CA HIS D 349 15.70 34.07 4.06
C HIS D 349 14.94 34.01 5.37
N THR D 350 13.74 34.58 5.37
CA THR D 350 13.00 34.80 6.60
C THR D 350 11.91 33.76 6.77
N PRO D 351 11.91 33.00 7.85
CA PRO D 351 10.78 32.10 8.12
C PRO D 351 9.63 32.87 8.74
N SER D 352 8.42 32.37 8.52
CA SER D 352 7.23 32.89 9.20
C SER D 352 6.42 31.72 9.73
N TRP D 353 5.59 32.02 10.72
CA TRP D 353 4.85 31.03 11.49
C TRP D 353 3.43 31.50 11.71
N VAL D 354 2.48 30.58 11.64
CA VAL D 354 1.06 30.92 11.75
C VAL D 354 0.34 29.71 12.34
N ALA D 355 -0.60 29.98 13.25
CA ALA D 355 -1.36 28.90 13.89
C ALA D 355 -2.85 28.90 13.56
N GLY D 356 -3.36 29.91 12.86
CA GLY D 356 -4.75 29.96 12.47
C GLY D 356 -4.94 31.02 11.42
N SER D 357 -6.10 30.97 10.75
CA SER D 357 -6.42 31.95 9.71
C SER D 357 -7.92 31.88 9.43
N HIS D 358 -8.36 32.70 8.49
CA HIS D 358 -9.76 32.70 8.09
C HIS D 358 -10.16 31.39 7.41
N ASP D 359 -9.19 30.56 7.02
CA ASP D 359 -9.44 29.29 6.35
C ASP D 359 -9.41 28.11 7.31
N HIS D 360 -9.11 28.34 8.59
CA HIS D 360 -8.79 27.26 9.50
C HIS D 360 -9.63 27.33 10.76
N SER D 361 -10.01 26.16 11.26
CA SER D 361 -10.61 26.07 12.58
C SER D 361 -9.72 26.78 13.61
N ARG D 362 -10.34 27.43 14.59
CA ARG D 362 -9.57 28.23 15.54
C ARG D 362 -8.78 27.32 16.48
N VAL D 363 -7.60 27.82 16.90
CA VAL D 363 -6.68 27.05 17.74
C VAL D 363 -7.38 26.47 18.97
N ALA D 364 -8.24 27.26 19.62
CA ALA D 364 -8.86 26.76 20.85
C ALA D 364 -9.71 25.53 20.56
N SER D 365 -10.40 25.52 19.42
CA SER D 365 -11.19 24.34 19.04
C SER D 365 -10.31 23.23 18.49
N ARG D 366 -9.24 23.56 17.77
CA ARG D 366 -8.37 22.53 17.23
C ARG D 366 -7.61 21.79 18.33
N VAL D 367 -6.90 22.50 19.19
CA VAL D 367 -6.04 21.85 20.16
C VAL D 367 -6.57 21.92 21.58
N GLY D 368 -7.55 22.76 21.85
CA GLY D 368 -8.10 22.83 23.19
C GLY D 368 -7.83 24.15 23.88
N LEU D 369 -8.76 24.55 24.76
CA LEU D 369 -8.58 25.78 25.52
C LEU D 369 -7.34 25.74 26.39
N ASP D 370 -6.94 24.56 26.87
CA ASP D 370 -5.77 24.48 27.73
C ASP D 370 -4.46 24.49 26.95
N ARG D 371 -4.50 24.66 25.65
CA ARG D 371 -3.29 24.65 24.85
C ARG D 371 -3.07 25.91 24.01
N VAL D 372 -4.02 26.85 24.01
CA VAL D 372 -3.81 28.06 23.22
C VAL D 372 -2.61 28.85 23.74
N ASP D 373 -2.36 28.81 25.06
CA ASP D 373 -1.28 29.62 25.62
C ASP D 373 0.09 29.11 25.19
N GLN D 374 0.31 27.78 25.20
CA GLN D 374 1.61 27.27 24.79
C GLN D 374 1.80 27.38 23.29
N VAL D 375 0.71 27.35 22.51
CA VAL D 375 0.82 27.63 21.08
C VAL D 375 1.37 29.04 20.88
N MET D 376 0.81 30.01 21.62
CA MET D 376 1.29 31.38 21.56
C MET D 376 2.77 31.48 21.88
N THR D 377 3.18 30.84 22.98
CA THR D 377 4.59 30.93 23.42
C THR D 377 5.53 30.45 22.32
N LEU D 378 5.20 29.34 21.67
CA LEU D 378 6.02 28.85 20.57
C LEU D 378 5.97 29.79 19.38
N LEU D 379 4.75 30.16 18.95
CA LEU D 379 4.58 31.02 17.79
C LEU D 379 5.45 32.26 17.84
N HIS D 380 5.48 32.91 18.99
CA HIS D 380 6.13 34.21 19.07
C HIS D 380 7.62 34.14 19.41
N THR D 381 8.14 32.97 19.79
CA THR D 381 9.55 32.86 20.09
C THR D 381 10.36 32.10 19.05
N LEU D 382 9.72 31.45 18.09
CA LEU D 382 10.43 30.92 16.94
C LEU D 382 11.06 32.06 16.15
N PRO D 383 12.15 31.81 15.43
CA PRO D 383 12.79 32.90 14.68
C PRO D 383 11.89 33.42 13.58
N GLY D 384 12.04 34.71 13.27
CA GLY D 384 11.32 35.30 12.17
C GLY D 384 10.01 35.98 12.52
N THR D 385 9.03 35.82 11.64
CA THR D 385 7.79 36.58 11.68
C THR D 385 6.66 35.70 12.18
N SER D 386 5.89 36.21 13.15
CA SER D 386 4.70 35.51 13.63
C SER D 386 3.47 36.15 13.01
N ILE D 387 2.43 35.34 12.82
CA ILE D 387 1.14 35.78 12.29
C ILE D 387 0.05 35.29 13.22
N THR D 388 -0.75 36.22 13.73
CA THR D 388 -1.85 35.95 14.65
C THR D 388 -3.19 36.22 13.96
N TYR D 389 -4.15 35.29 14.14
CA TYR D 389 -5.50 35.44 13.58
C TYR D 389 -6.38 36.18 14.59
N TYR D 390 -7.16 37.15 14.13
CA TYR D 390 -7.96 37.96 15.05
C TYR D 390 -8.75 37.05 15.97
N GLY D 391 -8.74 37.39 17.27
CA GLY D 391 -9.45 36.66 18.26
C GLY D 391 -8.63 35.62 18.97
N GLU D 392 -7.49 35.21 18.41
CA GLU D 392 -6.60 34.30 19.13
C GLU D 392 -6.18 34.91 20.46
N GLU D 393 -6.01 36.24 20.52
CA GLU D 393 -5.54 36.87 21.75
C GLU D 393 -6.57 36.78 22.89
N VAL D 394 -7.84 36.50 22.60
CA VAL D 394 -8.78 36.23 23.67
C VAL D 394 -9.30 34.80 23.62
N ALA D 395 -8.54 33.89 22.97
CA ALA D 395 -8.84 32.46 22.96
C ALA D 395 -10.24 32.18 22.40
N MET D 396 -10.59 32.89 21.33
CA MET D 396 -11.86 32.62 20.66
C MET D 396 -11.93 31.16 20.21
N GLN D 397 -13.15 30.61 20.24
CA GLN D 397 -13.41 29.25 19.76
C GLN D 397 -14.30 29.31 18.51
N ASP D 398 -14.29 28.22 17.75
CA ASP D 398 -15.28 28.04 16.69
C ASP D 398 -16.69 28.09 17.27
N PHE D 399 -17.61 28.69 16.53
CA PHE D 399 -19.03 28.54 16.85
C PHE D 399 -19.63 27.71 15.71
N LYS D 400 -19.63 26.39 15.88
CA LYS D 400 -20.10 25.52 14.80
C LYS D 400 -21.55 25.84 14.44
N GLU D 401 -22.37 26.10 15.45
CA GLU D 401 -23.81 26.28 15.23
C GLU D 401 -24.14 27.63 14.62
N ALA D 402 -23.15 28.52 14.45
CA ALA D 402 -23.35 29.75 13.72
C ALA D 402 -23.33 29.55 12.20
N GLN D 403 -22.99 28.36 11.71
CA GLN D 403 -22.77 28.19 10.28
C GLN D 403 -24.05 28.47 9.50
N GLN D 404 -23.93 29.33 8.47
CA GLN D 404 -25.00 29.76 7.57
C GLN D 404 -24.63 29.60 6.10
N PHE D 405 -23.39 29.91 5.73
CA PHE D 405 -23.00 30.03 4.34
C PHE D 405 -21.88 29.09 3.92
N ASP D 406 -21.02 28.69 4.84
CA ASP D 406 -19.73 28.15 4.46
C ASP D 406 -19.16 27.38 5.65
N ASN D 407 -18.41 26.32 5.36
CA ASN D 407 -17.81 25.50 6.41
C ASN D 407 -16.79 26.26 7.25
N ARG D 408 -16.34 27.43 6.81
CA ARG D 408 -15.39 28.23 7.57
C ARG D 408 -16.08 29.32 8.38
N ASP D 409 -17.40 29.48 8.24
CA ASP D 409 -18.16 30.37 9.12
C ASP D 409 -17.82 30.19 10.60
N PRO D 410 -17.69 28.96 11.13
CA PRO D 410 -17.47 28.83 12.59
C PRO D 410 -16.24 29.55 13.11
N ASN D 411 -15.20 29.72 12.30
CA ASN D 411 -13.99 30.41 12.74
C ASN D 411 -13.94 31.86 12.27
N ARG D 412 -15.07 32.38 11.75
CA ARG D 412 -15.18 33.75 11.27
C ARG D 412 -16.23 34.55 12.03
N THR D 413 -16.58 34.15 13.24
CA THR D 413 -17.61 34.87 13.98
C THR D 413 -17.05 36.20 14.50
N PRO D 414 -17.91 37.11 14.92
CA PRO D 414 -17.44 38.47 15.24
C PRO D 414 -16.43 38.50 16.39
N MET D 415 -15.42 39.34 16.23
CA MET D 415 -14.44 39.61 17.29
C MET D 415 -15.14 39.96 18.60
N GLN D 416 -14.58 39.48 19.70
CA GLN D 416 -15.26 39.58 21.00
C GLN D 416 -14.55 40.62 21.86
N TRP D 417 -15.16 41.80 21.95
CA TRP D 417 -14.50 42.97 22.54
C TRP D 417 -14.81 43.17 24.01
N ASP D 418 -16.05 42.92 24.40
CA ASP D 418 -16.47 43.14 25.78
C ASP D 418 -17.71 42.27 26.03
N SER D 419 -18.33 42.46 27.19
CA SER D 419 -19.50 41.67 27.57
C SER D 419 -20.81 42.36 27.24
N SER D 420 -20.78 43.41 26.44
CA SER D 420 -22.00 44.06 26.00
C SER D 420 -22.66 43.26 24.89
N THR D 421 -23.79 43.79 24.39
CA THR D 421 -24.53 43.15 23.32
C THR D 421 -23.61 42.81 22.16
N SER D 422 -23.76 41.59 21.64
CA SER D 422 -22.95 41.12 20.51
C SER D 422 -21.46 41.24 20.79
N ALA D 423 -21.09 41.09 22.06
CA ALA D 423 -19.70 41.17 22.53
C ALA D 423 -19.05 42.49 22.16
N GLY D 424 -19.85 43.55 22.03
CA GLY D 424 -19.31 44.83 21.66
C GLY D 424 -18.87 44.95 20.22
N PHE D 425 -19.03 43.88 19.42
CA PHE D 425 -18.76 43.97 17.99
C PHE D 425 -19.75 44.89 17.30
N SER D 426 -20.95 45.01 17.84
CA SER D 426 -22.02 45.76 17.20
C SER D 426 -22.99 46.20 18.29
N THR D 427 -23.72 47.28 18.03
CA THR D 427 -24.89 47.60 18.84
C THR D 427 -26.11 46.77 18.46
N ASN D 428 -26.05 46.07 17.33
CA ASN D 428 -27.12 45.22 16.83
C ASN D 428 -27.02 43.83 17.46
N THR D 429 -28.15 43.33 17.97
CA THR D 429 -28.14 41.94 18.45
C THR D 429 -28.08 40.94 17.31
N ASN D 430 -28.38 41.37 16.09
CA ASN D 430 -28.35 40.48 14.93
C ASN D 430 -27.09 40.79 14.14
N THR D 431 -26.08 39.93 14.30
CA THR D 431 -24.82 40.10 13.59
C THR D 431 -24.76 39.16 12.39
N TRP D 432 -23.88 39.47 11.45
CA TRP D 432 -23.88 38.75 10.17
C TRP D 432 -23.64 37.26 10.36
N LEU D 433 -22.80 36.90 11.34
CA LEU D 433 -22.74 35.57 11.91
C LEU D 433 -22.94 35.71 13.41
N ARG D 434 -23.52 34.68 14.03
CA ARG D 434 -23.80 34.74 15.46
C ARG D 434 -22.51 34.79 16.27
N VAL D 435 -22.56 35.53 17.38
CA VAL D 435 -21.44 35.61 18.30
C VAL D 435 -21.36 34.31 19.10
N HIS D 436 -20.14 33.89 19.44
CA HIS D 436 -20.00 32.70 20.28
C HIS D 436 -20.66 32.93 21.63
N PRO D 437 -21.42 31.96 22.14
CA PRO D 437 -22.24 32.21 23.33
C PRO D 437 -21.44 32.41 24.61
N ASP D 438 -20.14 32.10 24.63
CA ASP D 438 -19.32 32.29 25.82
C ASP D 438 -18.56 33.60 25.79
N TYR D 439 -19.02 34.56 24.99
CA TYR D 439 -18.23 35.75 24.75
C TYR D 439 -18.01 36.57 26.01
N ALA D 440 -18.94 36.50 26.97
CA ALA D 440 -18.80 37.31 28.18
C ALA D 440 -17.59 36.89 29.01
N ARG D 441 -17.13 35.65 28.86
CA ARG D 441 -15.90 35.20 29.50
C ARG D 441 -14.66 35.39 28.63
N TYR D 442 -14.80 35.40 27.30
CA TYR D 442 -13.66 35.43 26.39
C TYR D 442 -13.72 36.70 25.54
N ASN D 443 -13.32 37.83 26.11
CA ASN D 443 -13.31 39.08 25.36
C ASN D 443 -12.21 39.99 25.90
N VAL D 444 -11.88 41.01 25.11
CA VAL D 444 -10.77 41.90 25.43
C VAL D 444 -10.98 42.56 26.79
N ASP D 445 -12.16 43.12 27.02
CA ASP D 445 -12.37 43.90 28.24
C ASP D 445 -12.20 43.06 29.50
N VAL D 446 -12.84 41.89 29.56
CA VAL D 446 -12.75 41.06 30.75
C VAL D 446 -11.35 40.50 30.92
N MET D 447 -10.76 40.00 29.83
CA MET D 447 -9.41 39.43 29.95
C MET D 447 -8.36 40.49 30.26
N GLN D 448 -8.55 41.73 29.80
CA GLN D 448 -7.56 42.76 30.10
C GLN D 448 -7.51 43.08 31.58
N LYS D 449 -8.62 42.92 32.29
CA LYS D 449 -8.64 43.11 33.73
C LYS D 449 -7.93 41.98 34.48
N ASN D 450 -7.78 40.81 33.87
CA ASN D 450 -7.27 39.65 34.57
C ASN D 450 -5.83 39.40 34.17
N PRO D 451 -4.85 39.66 35.05
CA PRO D 451 -3.44 39.49 34.66
C PRO D 451 -3.05 38.06 34.34
N GLN D 452 -3.86 37.09 34.73
CA GLN D 452 -3.60 35.69 34.41
C GLN D 452 -4.32 35.23 33.14
N SER D 453 -4.75 36.16 32.29
CA SER D 453 -5.53 35.72 31.14
C SER D 453 -4.64 35.45 29.93
N THR D 454 -5.21 34.72 28.98
CA THR D 454 -4.55 34.52 27.69
C THR D 454 -4.22 35.84 27.04
N PHE D 455 -5.10 36.83 27.18
CA PHE D 455 -4.85 38.14 26.57
C PHE D 455 -3.59 38.77 27.13
N HIS D 456 -3.39 38.69 28.44
CA HIS D 456 -2.20 39.28 29.04
C HIS D 456 -0.96 38.49 28.66
N HIS D 457 -1.10 37.17 28.59
CA HIS D 457 -0.03 36.29 28.11
C HIS D 457 0.39 36.68 26.69
N PHE D 458 -0.59 36.84 25.80
CA PHE D 458 -0.29 37.30 24.44
C PHE D 458 0.55 38.58 24.47
N GLN D 459 0.11 39.55 25.26
CA GLN D 459 0.83 40.82 25.35
C GLN D 459 2.25 40.64 25.88
N HIS D 460 2.43 39.78 26.89
CA HIS D 460 3.79 39.52 27.38
C HIS D 460 4.69 39.05 26.24
N LEU D 461 4.14 38.22 25.33
CA LEU D 461 4.94 37.61 24.27
C LEU D 461 5.26 38.60 23.16
N THR D 462 4.28 39.42 22.74
CA THR D 462 4.58 40.38 21.68
C THR D 462 5.53 41.47 22.20
N LYS D 463 5.53 41.74 23.50
CA LYS D 463 6.51 42.67 24.03
C LYS D 463 7.89 42.03 24.08
N LEU D 464 7.97 40.76 24.47
CA LEU D 464 9.24 40.04 24.44
C LEU D 464 9.84 40.02 23.04
N ARG D 465 8.99 40.00 22.00
CA ARG D 465 9.47 39.96 20.62
C ARG D 465 10.32 41.16 20.27
N ARG D 466 10.12 42.29 20.96
CA ARG D 466 10.91 43.47 20.64
C ARG D 466 12.36 43.35 21.07
N HIS D 467 12.67 42.43 22.00
CA HIS D 467 14.04 42.26 22.46
C HIS D 467 14.94 41.81 21.33
N ARG D 468 16.14 42.39 21.27
CA ARG D 468 17.07 42.16 20.17
C ARG D 468 17.41 40.68 19.99
N THR D 469 17.47 39.92 21.08
CA THR D 469 17.75 38.48 20.96
C THR D 469 16.62 37.75 20.25
N MET D 470 15.37 38.21 20.43
CA MET D 470 14.26 37.55 19.78
C MET D 470 14.19 37.95 18.30
N GLN D 471 14.53 39.20 18.01
CA GLN D 471 14.49 39.70 16.64
C GLN D 471 15.59 39.12 15.78
N SER D 472 16.79 38.95 16.35
CA SER D 472 17.99 38.71 15.54
C SER D 472 18.87 37.61 16.10
N GLY D 473 18.46 36.92 17.14
CA GLY D 473 19.33 35.93 17.73
C GLY D 473 19.31 34.62 16.99
N GLU D 474 20.34 33.82 17.26
CA GLU D 474 20.37 32.43 16.82
C GLU D 474 19.22 31.66 17.47
N TYR D 475 18.87 30.52 16.88
CA TYR D 475 17.99 29.56 17.54
C TYR D 475 18.68 28.20 17.63
N VAL D 476 18.51 27.55 18.77
CA VAL D 476 19.01 26.20 18.99
C VAL D 476 17.87 25.46 19.68
N HIS D 477 17.29 24.47 19.01
CA HIS D 477 16.17 23.81 19.64
C HIS D 477 16.43 22.32 19.79
N LYS D 478 15.80 21.72 20.80
CA LYS D 478 16.10 20.36 21.23
C LYS D 478 14.84 19.75 21.78
N THR D 479 14.80 18.43 21.82
CA THR D 479 13.86 17.82 22.73
C THR D 479 14.54 17.60 24.08
N VAL D 480 13.73 17.43 25.13
CA VAL D 480 14.24 17.14 26.47
C VAL D 480 13.49 15.90 26.94
N GLY D 481 13.88 14.74 26.41
CA GLY D 481 12.96 13.62 26.38
C GLY D 481 11.95 13.84 25.28
N THR D 482 11.12 12.85 24.98
CA THR D 482 10.28 12.95 23.79
C THR D 482 9.05 13.83 23.97
N LYS D 483 8.81 14.32 25.19
CA LYS D 483 7.58 15.03 25.48
C LYS D 483 7.79 16.52 25.73
N VAL D 484 9.03 16.99 25.75
CA VAL D 484 9.33 18.38 26.09
C VAL D 484 10.16 19.00 24.97
N TYR D 485 9.71 20.14 24.47
CA TYR D 485 10.38 20.88 23.42
C TYR D 485 11.02 22.11 24.06
N ALA D 486 12.26 22.39 23.67
CA ALA D 486 12.96 23.55 24.22
C ALA D 486 13.66 24.31 23.10
N LEU D 487 13.58 25.64 23.19
CA LEU D 487 14.03 26.51 22.10
C LEU D 487 14.80 27.68 22.71
N LEU D 488 16.09 27.72 22.43
CA LEU D 488 16.96 28.76 22.97
C LEU D 488 17.22 29.82 21.91
N ARG D 489 17.07 31.09 22.29
CA ARG D 489 17.48 32.19 21.43
C ARG D 489 18.68 32.85 22.08
N GLU D 490 19.77 32.98 21.32
CA GLU D 490 20.98 33.56 21.87
C GLU D 490 21.61 34.52 20.86
N LEU D 491 22.13 35.63 21.38
CA LEU D 491 22.76 36.67 20.57
C LEU D 491 23.90 37.23 21.40
N ARG D 492 25.13 37.13 20.91
CA ARG D 492 26.26 37.44 21.76
C ARG D 492 26.20 38.90 22.22
N GLY D 493 26.53 39.12 23.49
CA GLY D 493 26.41 40.42 24.12
C GLY D 493 25.05 40.72 24.70
N GLU D 494 24.06 39.85 24.49
CA GLU D 494 22.71 40.07 24.96
C GLU D 494 22.25 38.90 25.80
N ASP D 495 21.15 39.12 26.52
CA ASP D 495 20.56 38.07 27.33
C ASP D 495 20.05 36.93 26.43
N SER D 496 20.00 35.74 27.00
CA SER D 496 19.51 34.57 26.27
C SER D 496 18.12 34.20 26.78
N PHE D 497 17.30 33.62 25.90
CA PHE D 497 15.94 33.26 26.25
C PHE D 497 15.68 31.81 25.85
N LEU D 498 15.09 31.05 26.76
CA LEU D 498 14.82 29.63 26.53
C LEU D 498 13.32 29.39 26.67
N THR D 499 12.69 29.03 25.55
CA THR D 499 11.29 28.60 25.54
C THR D 499 11.21 27.12 25.85
N VAL D 500 10.31 26.73 26.77
CA VAL D 500 10.11 25.33 27.12
C VAL D 500 8.62 25.03 27.05
N LEU D 501 8.24 24.02 26.26
CA LEU D 501 6.87 23.54 26.14
C LEU D 501 6.79 22.12 26.67
N ASN D 502 5.82 21.86 27.54
CA ASN D 502 5.47 20.48 27.89
C ASN D 502 4.37 20.01 26.94
N MET D 503 4.68 19.06 26.09
CA MET D 503 3.70 18.53 25.15
C MET D 503 2.82 17.43 25.75
N ALA D 504 3.05 17.05 27.01
CA ALA D 504 2.19 16.09 27.68
C ALA D 504 1.23 16.80 28.63
N GLY D 505 0.08 16.17 28.86
CA GLY D 505 -0.94 16.69 29.75
C GLY D 505 -0.72 16.27 31.18
N ALA D 506 0.53 16.04 31.55
CA ALA D 506 0.89 15.59 32.88
C ALA D 506 2.16 16.29 33.33
N GLU D 507 2.24 16.56 34.63
CA GLU D 507 3.40 17.24 35.18
C GLU D 507 4.64 16.38 35.01
N ASP D 508 5.77 17.03 34.75
CA ASP D 508 7.08 16.38 34.80
C ASP D 508 8.10 17.39 35.27
N THR D 509 9.24 16.89 35.76
CA THR D 509 10.38 17.73 36.11
C THR D 509 11.56 17.28 35.26
N VAL D 510 12.16 18.21 34.53
CA VAL D 510 13.17 17.86 33.53
C VAL D 510 14.46 18.62 33.80
N ASP D 511 15.54 18.10 33.18
CA ASP D 511 16.90 18.62 33.30
C ASP D 511 17.29 19.21 31.95
N LEU D 512 17.43 20.53 31.89
CA LEU D 512 17.77 21.21 30.63
C LEU D 512 19.27 21.32 30.38
N GLY D 513 20.09 20.60 31.15
CA GLY D 513 21.54 20.74 31.08
C GLY D 513 22.15 20.42 29.72
N ASP D 514 21.42 19.77 28.83
CA ASP D 514 21.95 19.53 27.49
C ASP D 514 22.22 20.84 26.76
N PHE D 515 21.57 21.93 27.17
CA PHE D 515 21.94 23.26 26.68
C PHE D 515 23.22 23.66 27.42
N VAL D 516 24.36 23.40 26.79
CA VAL D 516 25.68 23.42 27.45
C VAL D 516 25.98 24.80 28.03
N ASN D 517 25.56 25.85 27.37
CA ASN D 517 26.00 27.20 27.70
C ASN D 517 25.00 27.97 28.55
N LEU D 518 23.90 27.36 28.92
CA LEU D 518 23.01 28.05 29.83
C LEU D 518 23.48 27.88 31.28
N PRO D 519 23.28 28.89 32.12
CA PRO D 519 23.62 28.76 33.54
C PRO D 519 22.59 27.92 34.27
N GLN D 520 23.01 27.37 35.40
CA GLN D 520 22.13 26.50 36.16
C GLN D 520 20.88 27.24 36.63
N LYS D 521 21.02 28.51 36.98
CA LYS D 521 19.88 29.30 37.44
C LYS D 521 19.47 30.30 36.36
N MET D 522 18.17 30.37 36.09
CA MET D 522 17.64 31.32 35.12
C MET D 522 16.39 31.96 35.70
N ARG D 523 15.97 33.05 35.06
CA ARG D 523 14.82 33.84 35.49
C ARG D 523 13.60 33.49 34.65
N VAL D 524 12.45 33.33 35.29
CA VAL D 524 11.21 33.13 34.53
C VAL D 524 10.79 34.45 33.94
N GLU D 525 11.02 34.64 32.63
CA GLU D 525 10.57 35.88 31.99
C GLU D 525 9.07 35.85 31.74
N VAL D 526 8.58 34.73 31.19
CA VAL D 526 7.18 34.54 30.84
C VAL D 526 6.75 33.18 31.37
N ALA D 527 5.61 33.14 32.04
CA ALA D 527 4.98 31.87 32.40
C ALA D 527 3.52 31.95 31.99
N GLN D 528 3.03 30.91 31.31
CA GLN D 528 1.67 30.95 30.81
C GLN D 528 0.68 30.96 31.97
N PRO D 529 -0.58 31.30 31.70
CA PRO D 529 -1.58 31.40 32.78
C PRO D 529 -1.65 30.22 33.73
N ASN D 530 -1.75 29.01 33.20
CA ASN D 530 -1.77 27.81 34.05
C ASN D 530 -0.39 27.18 33.97
N SER D 531 0.48 27.57 34.91
CA SER D 531 1.88 27.15 34.88
C SER D 531 2.34 26.69 36.26
N LYS D 532 3.30 25.77 36.27
CA LYS D 532 4.06 25.47 37.47
C LYS D 532 5.08 26.54 37.80
N SER D 533 5.29 27.51 36.91
CA SER D 533 6.22 28.59 37.14
C SER D 533 5.49 29.91 37.32
N LYS D 534 6.19 30.84 37.97
CA LYS D 534 5.66 32.18 38.24
C LYS D 534 6.65 33.19 37.69
N ALA D 535 6.15 34.10 36.84
CA ALA D 535 6.99 35.10 36.20
C ALA D 535 7.79 35.88 37.24
N GLY D 536 9.06 36.12 36.94
CA GLY D 536 9.95 36.81 37.84
C GLY D 536 10.60 35.96 38.90
N ASN D 537 10.17 34.71 39.07
CA ASN D 537 10.85 33.82 40.00
C ASN D 537 12.13 33.27 39.37
N GLU D 538 12.92 32.60 40.20
CA GLU D 538 14.13 31.92 39.75
C GLU D 538 13.85 30.43 39.62
N VAL D 539 14.44 29.80 38.62
CA VAL D 539 14.36 28.36 38.46
C VAL D 539 15.76 27.79 38.33
N ASP D 540 15.92 26.55 38.78
CA ASP D 540 17.09 25.73 38.50
C ASP D 540 16.76 24.83 37.31
N ILE D 541 17.52 24.94 36.23
CA ILE D 541 17.12 24.25 35.00
C ILE D 541 17.58 22.81 34.97
N SER D 542 18.32 22.36 35.98
CA SER D 542 18.53 20.92 36.14
C SER D 542 17.28 20.22 36.66
N LYS D 543 16.30 20.98 37.17
CA LYS D 543 15.07 20.43 37.74
C LYS D 543 13.95 21.45 37.51
N LEU D 544 13.60 21.66 36.25
CA LEU D 544 12.50 22.54 35.90
C LEU D 544 11.21 21.74 35.93
N THR D 545 10.31 22.08 36.86
CA THR D 545 9.00 21.45 36.91
C THR D 545 8.07 22.11 35.90
N LEU D 546 7.38 21.28 35.12
CA LEU D 546 6.43 21.73 34.11
C LEU D 546 5.07 21.12 34.41
N GLY D 547 4.02 21.95 34.36
CA GLY D 547 2.68 21.45 34.52
C GLY D 547 2.15 20.86 33.24
N PRO D 548 0.94 20.32 33.32
CA PRO D 548 0.27 19.88 32.09
C PRO D 548 0.27 20.97 31.03
N TYR D 549 0.81 20.67 29.85
CA TYR D 549 0.79 21.57 28.70
C TYR D 549 1.41 22.93 29.02
N ASP D 550 2.44 22.91 29.86
CA ASP D 550 3.08 24.13 30.34
C ASP D 550 3.86 24.81 29.22
N SER D 551 4.10 26.10 29.41
CA SER D 551 4.99 26.85 28.55
C SER D 551 5.55 28.03 29.36
N VAL D 552 6.87 28.21 29.24
CA VAL D 552 7.59 29.26 29.93
C VAL D 552 8.64 29.79 28.97
N VAL D 553 9.11 30.99 29.26
CA VAL D 553 10.30 31.56 28.65
C VAL D 553 11.21 31.96 29.79
N LEU D 554 12.39 31.37 29.84
CA LEU D 554 13.38 31.65 30.86
C LEU D 554 14.45 32.58 30.29
N ARG D 555 15.07 33.34 31.17
CA ARG D 555 16.05 34.35 30.77
C ARG D 555 17.38 34.12 31.48
N ALA D 556 18.46 34.16 30.71
CA ALA D 556 19.82 34.13 31.24
C ALA D 556 20.47 35.47 30.91
N THR D 557 20.94 36.18 31.94
CA THR D 557 21.41 37.54 31.78
C THR D 557 22.89 37.65 31.43
#